data_5VNJ
#
_entry.id   5VNJ
#
_cell.length_a   147.955
_cell.length_b   96.978
_cell.length_c   129.549
_cell.angle_alpha   90.00
_cell.angle_beta   90.22
_cell.angle_gamma   90.00
#
_symmetry.space_group_name_H-M   'C 1 2 1'
#
loop_
_entity.id
_entity.type
_entity.pdbx_description
1 polymer 'Protein transport protein Sec23A'
2 polymer 'Protein transport protein Sec24A'
3 polymer 'Vesicle-trafficking protein SEC22b'
4 polymer 'C-terminal FF Ergic-53'
5 non-polymer 'ZINC ION'
6 water water
#
loop_
_entity_poly.entity_id
_entity_poly.type
_entity_poly.pdbx_seq_one_letter_code
_entity_poly.pdbx_strand_id
1 'polypeptide(L)'
;MTTYLEFIQQNEERDGVRFSWNVWPSSRLEATRMVVPVAALFTPLKERPDLPPIQYEPVLCSRTTCRAVLNPLCQVDYRA
KLWACNFCYQRNQFPPSYAGISELNQPAELLPQFSSIEYVVLRGPQMPLIFLYVVDTCMEDEDLQALKESMQMSLSLLPP
TALVGLITFGRMVQVHELGCEGISKSYVFRGTKDLSAKQLQEMLGLSKVPLTQATRGPQVQQPPPSNRFLQPVQKIDMNL
TDLLGELQRDPWPVPQGKRPLRSSGVALSIAVGLLECTFPNTGARIMMFIGGPATQGPGMVVGDELKTPIRSWHDIDKDN
AKYVKKGTKHFEALANRAATTGHVIDIYACALDQTGLLEMKCCPNLTGGYMVMGDSFNTSLFKQTFQRVFTKDMHGQFKM
GFGGTLEIKTSREIKISGAIGPCVSLNSKGPCVSENEIGTGGTCQWKICGLSPTTTLAIYFEVVNQHNAPIPQGGRGAIQ
FVTQYQHSSGQRRIRVTTIARNWADAQTQIQNIAASFDQEAAAILMARLAIYRAETEEGPDVLRWLDRQLIRLCQKFGEY
HKDDPSSFRFSETFSLYPQFMFHLRRSSFLQVFNNSPDESSYYRHHFMRQDLTQSLIMIQPILYAYSFSGPPEPVLLDSS
SILADRILLMDTFFQILIYHGETIAQWRKSGYQDMPEYENFRHLLQAPVDDAQEILHSRFPMPRYIDTEHGGSQARFLLS
KVNPSQTHNNMYAWGQESGAPILTDDVSLQVFMDHLKKLAVSSA
;
A
2 'polypeptide(L)'
;EGLRVVNLLQERNMLPSTPLKPPVPNLHEDIQKLNCNPELFRCTLTSIPQTQALLNKAKLPLGLLLHPFKDLVQLPVVTS
STIVRCRSCRTYINPFVSFLDQRRWKCNLCYRVNDVPEEFLYNPLTRVYGEPHRRPEVQNATIEFMAPSEYMLRPPQPPV
YLFVFDVSHNAVETGYLNSVCQSLLDNLDLLPGNTRTKIGFITFDSTIHFYGLQESLSQPQMLIVSDIEDVFIPMPENLL
VNLNESKELVQDLLKTLPQMFTKTLETQSALGPALQAAFKLMSPTGGRMSVFQTQLPTLGVGALKPREEPNHRSSAKDIH
MTPSTDFYKKLALDCSGQQVAVDLFLLSGQYSDLASLGCISRYSAGSVYYYPSYHHQHNPVQVQKLQKELQRYLTRKIGF
EAVMRIRCTKGLSIHTFHGNFFVRSTDLLSLPNVNPDAGYAVQMSVEESLTDTQLVSFQSALLYTSSKGERRIRVHTLCL
PVVSTLNDVFLGADVQAISGLLANMAVDRSMTASLSDARDALVNAVIDSLSAYRSSVLSNQQPGLMVPFSLRLFPLFVLA
LLKQKSFQTGTNARLDERIFAMCQVKNQPLVYLMLTTHPSLYRVDNLSDEGALNISDRTIPQPPILQLSVEKLSRDGAFL
MDAGSVLMLWVGKNCTQNFLSQVLGVQNYASIPQPMTDLPELDTPESARIIAFISWLREQRPFFPILYVIADESPMKANF
LQNMIEDRTESALSYYEFLLHIQQQVNK
;
B
3 'polypeptide(L)'
;MVLLTMIARVADGLPLAASMQEDEQSGRDLQQYQSQAKQLFRKLNEQSPTRCTLEAGAMTFHYIIEQGVCYLVLCEAAFP
KKLAFAYLEDLHSEFDEQHGKKVPTVSRPYSFIEFDTFIQKTKKLYIDSRARRNLGSINTELQDVQRIMVANIEEVL
;
C
4 'polypeptide(L)' VTSFF D
#
# COMPACT_ATOMS: atom_id res chain seq x y z
N THR A 3 -25.88 54.20 -36.56
CA THR A 3 -25.27 54.55 -35.29
C THR A 3 -24.14 53.59 -34.94
N TYR A 4 -22.95 54.14 -34.66
CA TYR A 4 -21.79 53.29 -34.36
C TYR A 4 -22.01 52.48 -33.10
N LEU A 5 -22.76 53.01 -32.13
CA LEU A 5 -23.08 52.23 -30.93
C LEU A 5 -24.02 51.08 -31.27
N GLU A 6 -25.06 51.35 -32.07
CA GLU A 6 -25.94 50.28 -32.52
C GLU A 6 -25.17 49.25 -33.35
N PHE A 7 -24.18 49.70 -34.12
CA PHE A 7 -23.35 48.77 -34.88
C PHE A 7 -22.53 47.88 -33.96
N ILE A 8 -21.95 48.45 -32.91
CA ILE A 8 -21.14 47.66 -31.97
C ILE A 8 -22.02 46.69 -31.20
N GLN A 9 -23.18 47.15 -30.73
CA GLN A 9 -24.07 46.30 -29.95
C GLN A 9 -24.57 45.12 -30.78
N GLN A 10 -25.05 45.40 -31.99
CA GLN A 10 -25.63 44.33 -32.81
C GLN A 10 -24.58 43.33 -33.27
N ASN A 11 -23.35 43.79 -33.53
CA ASN A 11 -22.30 42.86 -33.96
C ASN A 11 -21.85 41.96 -32.83
N GLU A 12 -21.88 42.44 -31.58
CA GLU A 12 -21.53 41.58 -30.47
C GLU A 12 -22.62 40.57 -30.17
N GLU A 13 -23.89 40.96 -30.35
CA GLU A 13 -24.99 40.04 -30.08
C GLU A 13 -25.12 38.98 -31.17
N ARG A 14 -24.68 39.29 -32.39
CA ARG A 14 -24.81 38.35 -33.49
C ARG A 14 -23.57 37.48 -33.67
N ASP A 15 -22.39 38.10 -33.75
CA ASP A 15 -21.15 37.40 -34.04
C ASP A 15 -20.28 37.15 -32.82
N GLY A 16 -20.64 37.69 -31.66
CA GLY A 16 -19.85 37.49 -30.46
C GLY A 16 -18.43 37.98 -30.59
N VAL A 17 -18.26 39.22 -31.06
CA VAL A 17 -16.94 39.80 -31.24
C VAL A 17 -17.06 41.31 -31.08
N ARG A 18 -15.99 41.94 -30.59
CA ARG A 18 -15.92 43.39 -30.48
C ARG A 18 -14.48 43.82 -30.80
N PHE A 19 -14.32 44.49 -31.92
CA PHE A 19 -13.01 44.93 -32.39
C PHE A 19 -12.62 46.25 -31.76
N SER A 20 -11.32 46.48 -31.67
CA SER A 20 -10.83 47.78 -31.22
C SER A 20 -11.09 48.86 -32.26
N TRP A 21 -11.03 48.51 -33.54
CA TRP A 21 -11.35 49.42 -34.64
C TRP A 21 -12.25 48.70 -35.63
N ASN A 22 -13.36 49.34 -36.00
CA ASN A 22 -14.27 48.78 -36.98
C ASN A 22 -14.01 49.32 -38.39
N VAL A 23 -13.03 50.22 -38.54
CA VAL A 23 -12.54 50.65 -39.84
C VAL A 23 -11.02 50.50 -39.81
N TRP A 24 -10.50 49.67 -40.70
CA TRP A 24 -9.10 49.28 -40.64
C TRP A 24 -8.25 50.10 -41.59
N PRO A 25 -6.96 50.28 -41.29
CA PRO A 25 -6.10 51.09 -42.16
C PRO A 25 -5.92 50.44 -43.52
N SER A 26 -6.26 51.19 -44.57
CA SER A 26 -6.15 50.70 -45.94
C SER A 26 -4.75 50.86 -46.51
N SER A 27 -3.82 51.45 -45.77
CA SER A 27 -2.47 51.70 -46.27
C SER A 27 -1.45 51.13 -45.29
N ARG A 28 -0.23 50.94 -45.80
CA ARG A 28 0.87 50.50 -44.95
C ARG A 28 1.36 51.63 -44.06
N LEU A 29 1.15 52.88 -44.48
CA LEU A 29 1.66 54.01 -43.71
C LEU A 29 0.85 54.24 -42.45
N GLU A 30 -0.41 53.82 -42.43
CA GLU A 30 -1.26 53.97 -41.26
C GLU A 30 -1.37 52.69 -40.45
N ALA A 31 -1.06 51.52 -41.04
CA ALA A 31 -1.09 50.28 -40.28
C ALA A 31 0.03 50.21 -39.26
N THR A 32 1.23 50.68 -39.64
CA THR A 32 2.35 50.69 -38.71
C THR A 32 2.16 51.71 -37.61
N ARG A 33 1.52 52.84 -37.92
CA ARG A 33 1.34 53.93 -36.96
C ARG A 33 0.07 53.79 -36.13
N MET A 34 -0.48 52.58 -36.03
CA MET A 34 -1.66 52.36 -35.22
C MET A 34 -1.29 52.30 -33.75
N VAL A 35 -1.94 53.13 -32.94
CA VAL A 35 -1.60 53.22 -31.52
C VAL A 35 -2.10 51.99 -30.76
N VAL A 36 -3.40 51.73 -30.85
CA VAL A 36 -4.01 50.52 -30.31
C VAL A 36 -4.15 49.52 -31.46
N PRO A 37 -3.58 48.32 -31.36
CA PRO A 37 -3.61 47.40 -32.50
C PRO A 37 -5.02 46.97 -32.86
N VAL A 38 -5.18 46.53 -34.11
CA VAL A 38 -6.43 45.96 -34.56
C VAL A 38 -6.61 44.61 -33.87
N ALA A 39 -7.45 44.58 -32.83
CA ALA A 39 -7.65 43.38 -32.03
C ALA A 39 -9.14 43.13 -31.86
N ALA A 40 -9.49 41.85 -31.72
CA ALA A 40 -10.87 41.42 -31.59
C ALA A 40 -11.07 40.72 -30.25
N LEU A 41 -12.22 40.93 -29.63
CA LEU A 41 -12.61 40.27 -28.39
C LEU A 41 -13.63 39.20 -28.77
N PHE A 42 -13.14 38.00 -29.06
CA PHE A 42 -13.91 36.97 -29.72
C PHE A 42 -14.43 35.94 -28.71
N THR A 43 -15.75 35.72 -28.72
CA THR A 43 -16.40 34.72 -27.89
C THR A 43 -16.97 33.63 -28.78
N PRO A 44 -16.32 32.47 -28.90
CA PRO A 44 -16.71 31.49 -29.92
C PRO A 44 -18.06 30.82 -29.68
N LEU A 45 -18.57 30.81 -28.45
CA LEU A 45 -19.78 30.05 -28.15
C LEU A 45 -20.85 30.94 -27.52
N LYS A 46 -20.98 32.18 -28.00
CA LYS A 46 -21.93 33.10 -27.42
C LYS A 46 -23.36 32.68 -27.75
N GLU A 47 -24.23 32.71 -26.75
CA GLU A 47 -25.63 32.33 -26.92
C GLU A 47 -26.43 33.48 -27.53
N ARG A 48 -27.56 33.12 -28.13
CA ARG A 48 -28.30 34.06 -28.97
C ARG A 48 -29.71 33.54 -29.25
N PRO A 49 -30.61 34.32 -29.94
CA PRO A 49 -32.02 33.91 -30.03
C PRO A 49 -32.28 32.66 -30.85
N ASP A 50 -31.76 31.51 -30.40
CA ASP A 50 -32.13 30.20 -30.92
C ASP A 50 -31.87 30.11 -32.44
N LEU A 51 -30.59 30.11 -32.78
CA LEU A 51 -30.21 29.89 -34.16
C LEU A 51 -30.51 28.44 -34.56
N PRO A 52 -30.97 28.21 -35.78
CA PRO A 52 -31.24 26.84 -36.22
C PRO A 52 -29.95 26.07 -36.42
N PRO A 53 -29.76 24.97 -35.70
CA PRO A 53 -28.57 24.14 -35.91
C PRO A 53 -28.59 23.50 -37.29
N ILE A 54 -27.49 23.65 -38.01
CA ILE A 54 -27.38 23.13 -39.38
C ILE A 54 -26.82 21.71 -39.31
N GLN A 55 -27.57 20.75 -39.84
CA GLN A 55 -27.22 19.34 -39.75
C GLN A 55 -26.62 18.78 -41.03
N TYR A 56 -26.09 19.64 -41.90
CA TYR A 56 -25.37 19.18 -43.08
C TYR A 56 -23.93 19.68 -43.06
N GLU A 57 -23.15 19.16 -43.99
CA GLU A 57 -21.73 19.51 -44.05
C GLU A 57 -21.58 21.00 -44.38
N PRO A 58 -20.56 21.61 -43.85
CA PRO A 58 -20.16 23.00 -43.93
C PRO A 58 -19.87 23.56 -45.32
N VAL A 59 -19.63 22.74 -46.34
CA VAL A 59 -19.35 23.24 -47.69
C VAL A 59 -18.14 24.13 -47.83
N LEU A 60 -16.96 23.57 -47.67
CA LEU A 60 -15.69 24.29 -47.77
C LEU A 60 -15.15 24.54 -49.16
N CYS A 61 -14.27 25.52 -49.26
CA CYS A 61 -13.65 25.94 -50.51
C CYS A 61 -12.72 24.86 -51.05
N SER A 62 -12.72 24.68 -52.36
CA SER A 62 -11.94 23.62 -53.00
C SER A 62 -10.55 24.14 -53.39
N ARG A 63 -9.80 24.57 -52.37
CA ARG A 63 -8.41 24.94 -52.53
C ARG A 63 -7.66 24.46 -51.30
N THR A 64 -6.50 23.83 -51.51
CA THR A 64 -5.79 23.15 -50.43
C THR A 64 -5.42 24.13 -49.32
N THR A 65 -4.82 25.26 -49.67
CA THR A 65 -4.37 26.21 -48.65
C THR A 65 -5.55 26.94 -48.00
N CYS A 66 -6.45 27.47 -48.81
CA CYS A 66 -7.56 28.27 -48.29
C CYS A 66 -8.60 27.48 -47.51
N ARG A 67 -9.45 26.75 -48.23
CA ARG A 67 -10.45 25.86 -47.62
C ARG A 67 -11.33 26.60 -46.61
N ALA A 68 -11.80 27.77 -47.00
CA ALA A 68 -12.69 28.54 -46.14
C ALA A 68 -14.11 27.97 -46.21
N VAL A 69 -14.97 28.47 -45.34
CA VAL A 69 -16.35 28.00 -45.23
C VAL A 69 -17.25 28.98 -45.97
N LEU A 70 -18.29 28.44 -46.61
CA LEU A 70 -19.23 29.27 -47.35
C LEU A 70 -19.94 30.25 -46.42
N ASN A 71 -19.87 31.53 -46.75
CA ASN A 71 -20.34 32.60 -45.88
C ASN A 71 -21.06 33.67 -46.70
N PRO A 72 -21.80 34.59 -46.08
CA PRO A 72 -22.53 35.60 -46.87
C PRO A 72 -21.64 36.49 -47.72
N LEU A 73 -20.36 36.60 -47.41
CA LEU A 73 -19.46 37.44 -48.21
C LEU A 73 -19.08 36.80 -49.54
N CYS A 74 -19.47 35.56 -49.79
CA CYS A 74 -19.11 34.89 -51.03
C CYS A 74 -20.07 35.26 -52.15
N GLN A 75 -19.51 35.51 -53.33
CA GLN A 75 -20.32 35.82 -54.51
C GLN A 75 -20.83 34.52 -55.12
N VAL A 76 -22.15 34.43 -55.27
CA VAL A 76 -22.79 33.22 -55.76
C VAL A 76 -23.29 33.48 -57.18
N ASP A 77 -23.62 32.39 -57.88
CA ASP A 77 -24.19 32.44 -59.23
C ASP A 77 -25.18 31.30 -59.34
N TYR A 78 -26.44 31.57 -58.99
CA TYR A 78 -27.48 30.55 -58.96
C TYR A 78 -27.82 30.00 -60.34
N ARG A 79 -27.36 30.64 -61.41
CA ARG A 79 -27.59 30.11 -62.75
C ARG A 79 -26.62 28.97 -63.06
N ALA A 80 -25.33 29.19 -62.83
CA ALA A 80 -24.30 28.21 -63.15
C ALA A 80 -23.97 27.28 -61.99
N LYS A 81 -24.67 27.40 -60.86
CA LYS A 81 -24.43 26.57 -59.68
C LYS A 81 -22.97 26.67 -59.23
N LEU A 82 -22.48 27.90 -59.14
CA LEU A 82 -21.10 28.17 -58.74
C LEU A 82 -21.06 29.28 -57.71
N TRP A 83 -19.99 29.29 -56.91
CA TRP A 83 -19.73 30.36 -55.97
C TRP A 83 -18.23 30.65 -55.95
N ALA A 84 -17.89 31.88 -55.60
CA ALA A 84 -16.49 32.32 -55.57
C ALA A 84 -16.09 32.56 -54.12
N CYS A 85 -15.02 31.90 -53.69
CA CYS A 85 -14.52 32.07 -52.34
C CYS A 85 -14.02 33.50 -52.14
N ASN A 86 -14.48 34.15 -51.08
CA ASN A 86 -14.12 35.54 -50.84
C ASN A 86 -12.69 35.71 -50.33
N PHE A 87 -12.03 34.62 -49.95
CA PHE A 87 -10.67 34.72 -49.40
C PHE A 87 -9.60 34.54 -50.47
N CYS A 88 -9.75 33.53 -51.33
CA CYS A 88 -8.73 33.21 -52.33
C CYS A 88 -9.26 33.32 -53.75
N TYR A 89 -10.45 33.88 -53.95
CA TYR A 89 -11.06 34.10 -55.26
C TYR A 89 -11.28 32.81 -56.04
N GLN A 90 -11.13 31.65 -55.41
CA GLN A 90 -11.37 30.38 -56.07
C GLN A 90 -12.86 30.18 -56.32
N ARG A 91 -13.20 29.72 -57.51
CA ARG A 91 -14.58 29.44 -57.88
C ARG A 91 -14.85 27.96 -57.71
N ASN A 92 -15.91 27.64 -56.99
CA ASN A 92 -16.21 26.26 -56.59
C ASN A 92 -17.54 25.81 -57.18
N GLN A 93 -17.69 24.49 -57.27
CA GLN A 93 -18.93 23.86 -57.69
C GLN A 93 -19.71 23.42 -56.46
N PHE A 94 -21.04 23.50 -56.56
CA PHE A 94 -21.89 23.12 -55.45
C PHE A 94 -21.95 21.60 -55.30
N PRO A 95 -22.04 21.10 -54.07
CA PRO A 95 -22.18 19.66 -53.86
C PRO A 95 -23.55 19.18 -54.31
N PRO A 96 -23.70 17.87 -54.57
CA PRO A 96 -24.98 17.38 -55.11
C PRO A 96 -26.18 17.67 -54.22
N SER A 97 -25.99 17.75 -52.90
CA SER A 97 -27.10 18.10 -52.03
C SER A 97 -27.58 19.54 -52.23
N TYR A 98 -26.80 20.36 -52.93
CA TYR A 98 -27.17 21.73 -53.26
C TYR A 98 -27.66 21.88 -54.70
N ALA A 99 -28.06 20.78 -55.33
CA ALA A 99 -28.43 20.84 -56.75
C ALA A 99 -29.71 21.65 -56.94
N GLY A 100 -30.70 21.45 -56.08
CA GLY A 100 -31.95 22.17 -56.18
C GLY A 100 -31.88 23.58 -55.63
N ILE A 101 -30.69 24.17 -55.67
CA ILE A 101 -30.51 25.54 -55.19
C ILE A 101 -31.28 26.50 -56.09
N SER A 102 -31.82 27.56 -55.49
CA SER A 102 -32.59 28.54 -56.21
C SER A 102 -32.48 29.90 -55.53
N GLU A 103 -32.85 30.94 -56.27
CA GLU A 103 -32.81 32.29 -55.73
C GLU A 103 -33.84 32.50 -54.65
N LEU A 104 -35.06 31.99 -54.86
CA LEU A 104 -36.14 32.13 -53.89
C LEU A 104 -36.08 31.07 -52.79
N ASN A 105 -34.98 30.33 -52.70
CA ASN A 105 -34.77 29.34 -51.64
C ASN A 105 -33.29 28.97 -51.56
N GLN A 106 -32.51 29.82 -50.88
CA GLN A 106 -31.06 29.72 -50.80
C GLN A 106 -30.63 29.20 -49.43
N PRO A 107 -29.40 28.68 -49.31
CA PRO A 107 -29.00 28.06 -48.04
C PRO A 107 -28.82 29.08 -46.94
N ALA A 108 -28.71 28.56 -45.72
CA ALA A 108 -28.64 29.43 -44.55
C ALA A 108 -27.34 30.23 -44.51
N GLU A 109 -26.21 29.58 -44.81
CA GLU A 109 -24.89 30.20 -44.63
C GLU A 109 -24.67 31.39 -45.55
N LEU A 110 -25.58 31.69 -46.47
CA LEU A 110 -25.43 32.81 -47.37
C LEU A 110 -26.20 34.05 -46.93
N LEU A 111 -27.18 33.91 -46.06
CA LEU A 111 -27.93 35.07 -45.59
C LEU A 111 -27.09 35.83 -44.57
N PRO A 112 -27.01 37.16 -44.66
CA PRO A 112 -26.22 37.92 -43.69
C PRO A 112 -26.69 37.76 -42.25
N GLN A 113 -27.96 37.37 -42.04
CA GLN A 113 -28.42 37.08 -40.69
C GLN A 113 -27.66 35.89 -40.10
N PHE A 114 -27.34 34.91 -40.93
CA PHE A 114 -26.69 33.68 -40.51
C PHE A 114 -25.18 33.74 -40.67
N SER A 115 -24.60 34.92 -40.49
CA SER A 115 -23.15 35.08 -40.62
C SER A 115 -22.41 34.21 -39.61
N SER A 116 -22.94 34.15 -38.39
CA SER A 116 -22.38 33.30 -37.33
C SER A 116 -23.32 32.12 -37.36
N ILE A 117 -22.80 30.89 -37.39
CA ILE A 117 -23.74 29.79 -37.54
C ILE A 117 -23.02 28.52 -37.08
N GLU A 118 -23.80 27.52 -36.68
CA GLU A 118 -23.26 26.28 -36.13
C GLU A 118 -23.71 25.09 -36.96
N TYR A 119 -22.77 24.24 -37.33
CA TYR A 119 -23.03 23.02 -38.07
C TYR A 119 -22.89 21.81 -37.15
N VAL A 120 -23.54 20.72 -37.53
CA VAL A 120 -23.46 19.45 -36.80
C VAL A 120 -22.85 18.41 -37.73
N VAL A 121 -21.85 17.69 -37.22
CA VAL A 121 -21.17 16.65 -37.99
C VAL A 121 -21.49 15.32 -37.32
N LEU A 122 -22.38 14.55 -37.94
CA LEU A 122 -22.77 13.22 -37.47
C LEU A 122 -22.18 12.20 -38.43
N ARG A 123 -21.08 11.56 -38.02
CA ARG A 123 -20.45 10.54 -38.87
C ARG A 123 -20.00 9.43 -37.92
N GLY A 124 -19.16 9.76 -36.96
CA GLY A 124 -18.59 8.78 -36.07
C GLY A 124 -19.44 8.57 -34.83
N PRO A 125 -19.32 7.41 -34.21
CA PRO A 125 -20.04 7.18 -32.94
C PRO A 125 -19.53 8.12 -31.86
N GLN A 126 -20.47 8.79 -31.20
CA GLN A 126 -20.12 9.83 -30.24
C GLN A 126 -19.43 9.23 -29.02
N MET A 127 -18.36 9.90 -28.58
CA MET A 127 -17.66 9.48 -27.37
C MET A 127 -18.35 10.04 -26.13
N PRO A 128 -18.37 9.30 -25.04
CA PRO A 128 -18.98 9.80 -23.81
C PRO A 128 -18.08 10.78 -23.08
N LEU A 129 -18.71 11.64 -22.28
CA LEU A 129 -17.97 12.57 -21.44
C LEU A 129 -17.28 11.82 -20.31
N ILE A 130 -16.18 12.39 -19.82
CA ILE A 130 -15.35 11.76 -18.81
C ILE A 130 -15.11 12.76 -17.69
N PHE A 131 -15.44 12.38 -16.46
CA PHE A 131 -15.27 13.23 -15.29
C PHE A 131 -14.40 12.48 -14.28
N LEU A 132 -13.25 13.05 -13.94
CA LEU A 132 -12.31 12.46 -13.01
C LEU A 132 -12.24 13.34 -11.76
N TYR A 133 -12.68 12.80 -10.63
CA TYR A 133 -12.65 13.51 -9.36
C TYR A 133 -11.29 13.25 -8.70
N VAL A 134 -10.57 14.32 -8.38
CA VAL A 134 -9.30 14.25 -7.67
C VAL A 134 -9.48 14.96 -6.35
N VAL A 135 -9.58 14.20 -5.27
CA VAL A 135 -10.06 14.69 -3.98
C VAL A 135 -8.92 14.70 -2.97
N ASP A 136 -8.69 15.86 -2.36
CA ASP A 136 -7.79 15.98 -1.22
C ASP A 136 -8.50 15.49 0.03
N THR A 137 -7.74 14.83 0.92
CA THR A 137 -8.28 14.30 2.16
C THR A 137 -7.61 14.90 3.39
N CYS A 138 -6.75 15.90 3.22
CA CYS A 138 -6.09 16.58 4.34
C CYS A 138 -6.84 17.87 4.63
N MET A 139 -7.99 17.73 5.30
CA MET A 139 -8.79 18.89 5.67
C MET A 139 -9.67 18.49 6.86
N GLU A 140 -10.27 19.50 7.47
CA GLU A 140 -11.13 19.27 8.63
C GLU A 140 -12.36 18.46 8.23
N ASP A 141 -13.00 17.86 9.24
CA ASP A 141 -14.14 16.99 8.98
C ASP A 141 -15.30 17.75 8.35
N GLU A 142 -15.63 18.92 8.89
CA GLU A 142 -16.74 19.70 8.35
C GLU A 142 -16.46 20.16 6.93
N ASP A 143 -15.19 20.37 6.58
CA ASP A 143 -14.85 20.75 5.21
C ASP A 143 -14.87 19.54 4.28
N LEU A 144 -14.41 18.38 4.77
CA LEU A 144 -14.42 17.19 3.93
C LEU A 144 -15.82 16.62 3.76
N GLN A 145 -16.67 16.70 4.78
CA GLN A 145 -18.04 16.22 4.64
C GLN A 145 -18.81 17.06 3.63
N ALA A 146 -18.65 18.38 3.69
CA ALA A 146 -19.31 19.25 2.72
C ALA A 146 -18.81 19.00 1.30
N LEU A 147 -17.50 18.77 1.16
CA LEU A 147 -16.95 18.44 -0.15
C LEU A 147 -17.54 17.14 -0.68
N LYS A 148 -17.74 16.16 0.21
CA LYS A 148 -18.33 14.88 -0.19
C LYS A 148 -19.75 15.07 -0.68
N GLU A 149 -20.55 15.86 0.05
CA GLU A 149 -21.93 16.10 -0.36
C GLU A 149 -22.00 16.84 -1.69
N SER A 150 -21.07 17.75 -1.94
CA SER A 150 -21.06 18.50 -3.20
C SER A 150 -20.73 17.57 -4.36
N MET A 151 -19.82 16.63 -4.16
CA MET A 151 -19.46 15.71 -5.23
C MET A 151 -20.56 14.68 -5.48
N GLN A 152 -21.29 14.29 -4.44
CA GLN A 152 -22.41 13.37 -4.63
C GLN A 152 -23.54 14.02 -5.42
N MET A 153 -23.76 15.32 -5.21
CA MET A 153 -24.79 16.03 -5.97
C MET A 153 -24.39 16.20 -7.43
N SER A 154 -23.12 16.52 -7.67
CA SER A 154 -22.64 16.62 -9.06
C SER A 154 -22.72 15.28 -9.77
N LEU A 155 -22.60 14.17 -9.04
CA LEU A 155 -22.74 12.85 -9.64
C LEU A 155 -24.17 12.61 -10.11
N SER A 156 -25.15 13.21 -9.44
CA SER A 156 -26.56 13.03 -9.82
C SER A 156 -26.97 13.89 -11.00
N LEU A 157 -26.12 14.82 -11.44
CA LEU A 157 -26.42 15.64 -12.61
C LEU A 157 -25.73 15.16 -13.87
N LEU A 158 -24.82 14.19 -13.76
CA LEU A 158 -24.05 13.75 -14.92
C LEU A 158 -24.91 12.91 -15.86
N PRO A 159 -24.56 12.87 -17.15
CA PRO A 159 -25.35 12.07 -18.08
C PRO A 159 -25.15 10.58 -17.82
N PRO A 160 -26.15 9.75 -18.14
CA PRO A 160 -25.99 8.30 -17.90
C PRO A 160 -24.86 7.68 -18.69
N THR A 161 -24.51 8.25 -19.84
CA THR A 161 -23.45 7.69 -20.67
C THR A 161 -22.06 8.08 -20.21
N ALA A 162 -21.93 9.12 -19.38
CA ALA A 162 -20.63 9.64 -19.01
C ALA A 162 -19.84 8.64 -18.18
N LEU A 163 -18.52 8.70 -18.31
CA LEU A 163 -17.61 7.89 -17.52
C LEU A 163 -17.09 8.70 -16.33
N VAL A 164 -16.88 8.03 -15.21
CA VAL A 164 -16.44 8.68 -13.99
C VAL A 164 -15.30 7.89 -13.37
N GLY A 165 -14.36 8.62 -12.75
CA GLY A 165 -13.33 8.00 -11.95
C GLY A 165 -13.12 8.79 -10.69
N LEU A 166 -12.46 8.16 -9.72
CA LEU A 166 -12.23 8.78 -8.42
C LEU A 166 -10.79 8.56 -7.98
N ILE A 167 -10.12 9.65 -7.64
CA ILE A 167 -8.76 9.61 -7.09
C ILE A 167 -8.75 10.46 -5.83
N THR A 168 -8.47 9.83 -4.69
CA THR A 168 -8.30 10.53 -3.44
C THR A 168 -6.83 10.50 -3.04
N PHE A 169 -6.37 11.58 -2.41
CA PHE A 169 -4.97 11.65 -2.05
C PHE A 169 -4.80 12.38 -0.73
N GLY A 170 -3.64 12.15 -0.12
CA GLY A 170 -3.21 12.85 1.07
C GLY A 170 -1.70 12.74 1.14
N ARG A 171 -1.19 11.81 1.95
CA ARG A 171 0.21 11.44 1.86
C ARG A 171 0.44 10.49 0.69
N MET A 172 -0.49 9.57 0.46
CA MET A 172 -0.44 8.64 -0.66
C MET A 172 -1.46 9.05 -1.72
N VAL A 173 -1.44 8.34 -2.84
CA VAL A 173 -2.38 8.56 -3.93
C VAL A 173 -3.13 7.26 -4.18
N GLN A 174 -4.46 7.33 -4.15
CA GLN A 174 -5.32 6.17 -4.35
C GLN A 174 -6.10 6.33 -5.66
N VAL A 175 -5.86 5.42 -6.59
CA VAL A 175 -6.65 5.34 -7.82
C VAL A 175 -7.69 4.25 -7.60
N HIS A 176 -8.95 4.65 -7.46
CA HIS A 176 -10.00 3.72 -7.07
C HIS A 176 -10.51 2.93 -8.27
N GLU A 177 -10.55 1.60 -8.13
CA GLU A 177 -11.24 0.75 -9.09
C GLU A 177 -12.70 0.65 -8.67
N LEU A 178 -13.57 1.25 -9.47
CA LEU A 178 -14.97 1.43 -9.08
C LEU A 178 -15.76 0.13 -9.22
N GLY A 179 -16.69 -0.01 -8.30
CA GLY A 179 -17.66 -1.07 -8.29
C GLY A 179 -17.19 -2.47 -8.31
N CYS A 180 -16.06 -2.74 -7.68
CA CYS A 180 -15.52 -4.07 -7.68
C CYS A 180 -16.13 -4.93 -6.60
N GLU A 181 -17.37 -5.33 -6.78
CA GLU A 181 -18.09 -6.19 -5.87
C GLU A 181 -18.13 -5.67 -4.46
N GLY A 182 -17.87 -6.58 -3.53
CA GLY A 182 -17.95 -6.33 -2.11
C GLY A 182 -16.63 -6.04 -1.46
N ILE A 183 -15.63 -5.73 -2.27
CA ILE A 183 -14.37 -5.41 -1.68
C ILE A 183 -13.90 -3.98 -1.72
N SER A 184 -14.33 -3.18 -2.69
CA SER A 184 -13.86 -1.79 -2.85
C SER A 184 -12.35 -1.61 -2.95
N LYS A 185 -11.70 -1.93 -4.05
CA LYS A 185 -10.25 -1.82 -4.00
C LYS A 185 -9.77 -0.53 -4.66
N SER A 186 -8.49 -0.24 -4.44
CA SER A 186 -7.86 0.96 -4.96
C SER A 186 -6.36 0.72 -5.06
N TYR A 187 -5.72 1.43 -5.98
CA TYR A 187 -4.27 1.32 -6.19
C TYR A 187 -3.58 2.47 -5.46
N VAL A 188 -2.71 2.11 -4.52
CA VAL A 188 -2.00 3.08 -3.71
C VAL A 188 -0.66 3.41 -4.35
N PHE A 189 -0.34 4.70 -4.42
CA PHE A 189 0.94 5.16 -4.97
C PHE A 189 1.56 6.16 -4.00
N ARG A 190 2.90 6.18 -4.00
CA ARG A 190 3.62 7.13 -3.17
C ARG A 190 3.49 8.53 -3.75
N GLY A 191 3.18 9.50 -2.88
CA GLY A 191 3.13 10.89 -3.29
C GLY A 191 4.49 11.56 -3.18
N THR A 192 5.55 10.78 -3.35
CA THR A 192 6.93 11.25 -3.24
C THR A 192 7.64 11.36 -4.58
N LYS A 193 7.39 10.43 -5.50
CA LYS A 193 8.01 10.45 -6.83
C LYS A 193 6.93 10.52 -7.89
N ASP A 194 7.26 11.21 -8.99
CA ASP A 194 6.37 11.38 -10.14
C ASP A 194 6.37 10.18 -11.09
N LEU A 195 5.25 9.94 -11.75
CA LEU A 195 5.12 8.83 -12.70
C LEU A 195 4.59 9.25 -14.07
N SER A 196 5.20 8.72 -15.14
CA SER A 196 4.79 9.01 -16.48
C SER A 196 3.53 8.24 -16.79
N ALA A 197 2.87 8.55 -17.88
CA ALA A 197 1.69 7.79 -18.22
C ALA A 197 2.05 6.34 -18.53
N LYS A 198 3.16 6.12 -19.20
CA LYS A 198 3.54 4.78 -19.54
C LYS A 198 3.77 3.94 -18.33
N GLN A 199 4.44 4.49 -17.33
CA GLN A 199 4.67 3.73 -16.14
C GLN A 199 3.37 3.39 -15.49
N LEU A 200 2.47 4.35 -15.39
CA LEU A 200 1.16 4.16 -14.78
C LEU A 200 0.37 3.12 -15.51
N GLN A 201 0.45 3.09 -16.82
CA GLN A 201 -0.23 2.10 -17.60
C GLN A 201 0.25 0.70 -17.30
N GLU A 202 1.54 0.51 -17.12
CA GLU A 202 2.05 -0.83 -16.82
C GLU A 202 1.76 -1.24 -15.38
N MET A 203 1.60 -0.27 -14.48
CA MET A 203 1.30 -0.58 -13.09
C MET A 203 -0.18 -0.83 -12.84
N LEU A 204 -1.06 -0.29 -13.69
CA LEU A 204 -2.49 -0.49 -13.55
C LEU A 204 -3.04 -1.56 -14.48
N GLY A 205 -2.45 -1.74 -15.65
CA GLY A 205 -2.93 -2.70 -16.62
C GLY A 205 -2.80 -2.22 -18.05
N PRO A 223 -20.07 -1.08 -29.18
CA PRO A 223 -20.27 -0.99 -27.73
C PRO A 223 -19.43 0.13 -27.10
N PRO A 224 -19.96 0.76 -26.06
CA PRO A 224 -19.24 1.87 -25.44
C PRO A 224 -18.03 1.37 -24.65
N PRO A 225 -16.94 2.13 -24.63
CA PRO A 225 -15.76 1.72 -23.87
C PRO A 225 -15.78 2.22 -22.43
N SER A 226 -15.10 1.45 -21.57
CA SER A 226 -14.98 1.79 -20.16
C SER A 226 -13.90 0.94 -19.53
N ASN A 227 -13.10 1.54 -18.66
CA ASN A 227 -12.06 0.82 -17.93
C ASN A 227 -12.60 0.35 -16.58
N ARG A 228 -11.73 -0.33 -15.82
CA ARG A 228 -12.06 -0.63 -14.44
C ARG A 228 -12.08 0.64 -13.59
N PHE A 229 -11.32 1.65 -13.99
CA PHE A 229 -11.21 2.90 -13.26
C PHE A 229 -12.16 3.98 -13.76
N LEU A 230 -12.70 3.83 -14.98
CA LEU A 230 -13.62 4.79 -15.56
C LEU A 230 -14.83 4.02 -16.08
N GLN A 231 -15.93 4.06 -15.34
CA GLN A 231 -17.12 3.30 -15.68
C GLN A 231 -18.30 4.22 -15.95
N PRO A 232 -19.28 3.78 -16.72
CA PRO A 232 -20.46 4.61 -16.99
C PRO A 232 -21.22 4.95 -15.72
N VAL A 233 -21.86 6.13 -15.74
CA VAL A 233 -22.57 6.60 -14.56
C VAL A 233 -23.77 5.71 -14.27
N GLN A 234 -24.52 5.31 -15.30
CA GLN A 234 -25.74 4.54 -15.10
C GLN A 234 -25.48 3.18 -14.48
N LYS A 235 -24.25 2.69 -14.50
CA LYS A 235 -23.91 1.39 -13.95
C LYS A 235 -23.02 1.46 -12.72
N ILE A 236 -22.74 2.66 -12.21
CA ILE A 236 -21.74 2.81 -11.16
C ILE A 236 -22.15 3.90 -10.17
N ASP A 237 -23.18 4.68 -10.52
CA ASP A 237 -23.56 5.83 -9.70
C ASP A 237 -23.91 5.43 -8.26
N MET A 238 -24.43 4.23 -8.06
CA MET A 238 -24.81 3.81 -6.71
C MET A 238 -23.60 3.45 -5.88
N ASN A 239 -22.58 2.83 -6.50
CA ASN A 239 -21.37 2.48 -5.76
C ASN A 239 -20.48 3.70 -5.53
N LEU A 240 -20.48 4.66 -6.45
CA LEU A 240 -19.67 5.86 -6.27
C LEU A 240 -20.25 6.75 -5.19
N THR A 241 -21.57 6.92 -5.15
CA THR A 241 -22.18 7.75 -4.13
C THR A 241 -22.02 7.15 -2.74
N ASP A 242 -21.84 5.83 -2.64
CA ASP A 242 -21.54 5.21 -1.36
C ASP A 242 -20.06 5.35 -1.02
N LEU A 243 -19.18 5.22 -2.02
CA LEU A 243 -17.75 5.44 -1.79
C LEU A 243 -17.49 6.88 -1.37
N LEU A 244 -18.03 7.84 -2.12
CA LEU A 244 -17.87 9.25 -1.77
C LEU A 244 -18.42 9.53 -0.37
N GLY A 245 -19.47 8.83 0.04
CA GLY A 245 -20.04 9.03 1.36
C GLY A 245 -19.17 8.48 2.49
N GLU A 246 -18.34 7.48 2.19
CA GLU A 246 -17.48 6.87 3.20
C GLU A 246 -16.05 7.39 3.15
N LEU A 247 -15.75 8.32 2.25
CA LEU A 247 -14.41 8.89 2.18
C LEU A 247 -14.05 9.59 3.49
N GLN A 248 -13.07 9.05 4.20
CA GLN A 248 -12.60 9.65 5.45
C GLN A 248 -11.29 10.39 5.21
N ARG A 249 -10.93 11.23 6.17
CA ARG A 249 -9.72 12.04 6.06
C ARG A 249 -8.49 11.14 6.00
N ASP A 250 -7.39 11.73 5.53
CA ASP A 250 -6.12 11.02 5.37
C ASP A 250 -5.74 10.35 6.70
N PRO A 251 -5.54 9.03 6.72
CA PRO A 251 -5.35 8.34 8.00
C PRO A 251 -4.03 8.64 8.69
N TRP A 252 -3.12 9.35 8.05
CA TRP A 252 -1.81 9.59 8.63
C TRP A 252 -1.88 10.70 9.68
N PRO A 253 -1.27 10.52 10.84
CA PRO A 253 -1.33 11.56 11.87
C PRO A 253 -0.52 12.78 11.48
N VAL A 254 -0.95 13.94 11.98
CA VAL A 254 -0.29 15.21 11.75
C VAL A 254 0.32 15.65 13.07
N PRO A 255 1.63 15.57 13.25
CA PRO A 255 2.25 15.90 14.54
C PRO A 255 2.15 17.39 14.85
N GLN A 256 2.47 17.72 16.09
CA GLN A 256 2.34 19.10 16.57
C GLN A 256 3.28 20.03 15.82
N GLY A 257 2.75 21.19 15.45
CA GLY A 257 3.53 22.17 14.72
C GLY A 257 3.82 21.81 13.28
N LYS A 258 3.19 20.78 12.75
CA LYS A 258 3.42 20.34 11.38
C LYS A 258 2.17 20.55 10.53
N ARG A 259 2.40 20.63 9.21
CA ARG A 259 1.35 20.60 8.20
C ARG A 259 1.16 19.17 7.69
N PRO A 260 -0.03 18.81 7.24
CA PRO A 260 -0.24 17.47 6.69
C PRO A 260 0.57 17.27 5.42
N LEU A 261 1.09 16.06 5.25
CA LEU A 261 1.78 15.70 4.02
C LEU A 261 0.75 15.57 2.90
N ARG A 262 0.74 16.53 1.98
CA ARG A 262 -0.24 16.60 0.91
C ARG A 262 0.48 16.51 -0.43
N SER A 263 0.11 15.52 -1.23
CA SER A 263 0.80 15.25 -2.49
C SER A 263 -0.04 15.69 -3.69
N SER A 264 -0.32 16.99 -3.80
CA SER A 264 -1.14 17.49 -4.89
C SER A 264 -0.44 17.34 -6.23
N GLY A 265 0.88 17.51 -6.26
CA GLY A 265 1.59 17.46 -7.53
C GLY A 265 1.60 16.07 -8.16
N VAL A 266 1.66 15.03 -7.33
CA VAL A 266 1.68 13.67 -7.85
C VAL A 266 0.26 13.21 -8.17
N ALA A 267 -0.71 13.59 -7.33
CA ALA A 267 -2.10 13.21 -7.59
C ALA A 267 -2.58 13.76 -8.93
N LEU A 268 -2.22 15.01 -9.24
CA LEU A 268 -2.60 15.59 -10.53
C LEU A 268 -1.85 14.89 -11.67
N SER A 269 -0.57 14.57 -11.46
CA SER A 269 0.20 13.90 -12.49
C SER A 269 -0.27 12.47 -12.73
N ILE A 270 -0.94 11.86 -11.75
CA ILE A 270 -1.51 10.53 -11.96
C ILE A 270 -2.87 10.63 -12.63
N ALA A 271 -3.65 11.66 -12.29
CA ALA A 271 -4.91 11.89 -12.98
C ALA A 271 -4.68 12.20 -14.46
N VAL A 272 -3.69 13.05 -14.75
CA VAL A 272 -3.33 13.34 -16.14
C VAL A 272 -2.80 12.09 -16.81
N GLY A 273 -1.91 11.37 -16.11
CA GLY A 273 -1.34 10.15 -16.68
C GLY A 273 -2.37 9.07 -16.89
N LEU A 274 -3.40 9.01 -16.04
CA LEU A 274 -4.44 8.00 -16.19
C LEU A 274 -5.23 8.21 -17.48
N LEU A 275 -5.78 9.42 -17.65
CA LEU A 275 -6.59 9.69 -18.84
C LEU A 275 -5.73 9.72 -20.11
N GLU A 276 -4.44 10.03 -19.98
CA GLU A 276 -3.56 10.10 -21.15
C GLU A 276 -3.41 8.74 -21.82
N CYS A 277 -3.38 7.67 -21.05
CA CYS A 277 -3.20 6.33 -21.59
C CYS A 277 -4.50 5.55 -21.75
N THR A 278 -5.64 6.16 -21.40
CA THR A 278 -6.93 5.51 -21.54
C THR A 278 -7.78 6.15 -22.63
N PHE A 279 -8.05 7.45 -22.53
CA PHE A 279 -8.87 8.18 -23.50
C PHE A 279 -8.18 9.47 -23.92
N PRO A 280 -7.15 9.38 -24.75
CA PRO A 280 -6.55 10.61 -25.29
C PRO A 280 -7.38 11.19 -26.43
N ASN A 281 -7.26 12.51 -26.57
CA ASN A 281 -7.93 13.27 -27.64
C ASN A 281 -9.45 13.07 -27.59
N THR A 282 -10.02 13.36 -26.43
CA THR A 282 -11.45 13.24 -26.19
C THR A 282 -11.80 14.05 -24.96
N GLY A 283 -13.01 14.59 -24.95
CA GLY A 283 -13.48 15.41 -23.84
C GLY A 283 -13.42 14.73 -22.48
N ALA A 284 -12.62 15.31 -21.58
CA ALA A 284 -12.48 14.79 -20.23
C ALA A 284 -12.21 15.95 -19.28
N ARG A 285 -12.70 15.83 -18.06
CA ARG A 285 -12.63 16.91 -17.08
C ARG A 285 -12.00 16.39 -15.80
N ILE A 286 -10.80 16.87 -15.48
CA ILE A 286 -10.10 16.52 -14.25
C ILE A 286 -10.42 17.59 -13.23
N MET A 287 -11.33 17.26 -12.30
CA MET A 287 -11.80 18.21 -11.29
C MET A 287 -11.05 17.94 -9.99
N MET A 288 -10.04 18.77 -9.70
CA MET A 288 -9.21 18.60 -8.53
C MET A 288 -9.70 19.53 -7.42
N PHE A 289 -9.91 18.95 -6.23
CA PHE A 289 -10.41 19.68 -5.07
C PHE A 289 -9.31 19.73 -4.03
N ILE A 290 -8.93 20.94 -3.62
CA ILE A 290 -7.78 21.17 -2.76
C ILE A 290 -8.25 21.82 -1.47
N GLY A 291 -7.74 21.33 -0.34
CA GLY A 291 -7.97 21.95 0.95
C GLY A 291 -6.73 22.57 1.57
N GLY A 292 -5.63 22.64 0.85
CA GLY A 292 -4.38 23.18 1.37
C GLY A 292 -3.26 23.02 0.37
N PRO A 293 -2.09 23.57 0.69
CA PRO A 293 -0.96 23.55 -0.25
C PRO A 293 -0.30 22.18 -0.32
N ALA A 294 0.41 21.97 -1.43
CA ALA A 294 1.19 20.76 -1.63
C ALA A 294 2.45 20.82 -0.78
N THR A 295 2.57 19.92 0.19
CA THR A 295 3.69 19.91 1.11
C THR A 295 4.67 18.76 0.84
N GLN A 296 4.46 18.01 -0.22
CA GLN A 296 5.34 16.90 -0.48
C GLN A 296 5.36 16.56 -1.95
N GLY A 297 6.48 16.05 -2.41
CA GLY A 297 6.59 15.63 -3.79
C GLY A 297 6.97 16.72 -4.73
N PRO A 298 7.01 16.40 -6.03
CA PRO A 298 7.07 17.34 -7.13
C PRO A 298 5.85 18.17 -7.08
N GLY A 299 6.03 19.46 -7.29
CA GLY A 299 4.94 20.40 -7.16
C GLY A 299 4.78 20.99 -5.78
N MET A 300 5.77 20.82 -4.91
CA MET A 300 5.67 21.33 -3.55
C MET A 300 5.63 22.84 -3.54
N VAL A 301 4.85 23.40 -2.62
CA VAL A 301 4.70 24.84 -2.49
C VAL A 301 5.33 25.37 -1.21
N VAL A 302 5.23 24.62 -0.11
CA VAL A 302 5.81 25.01 1.17
C VAL A 302 6.17 23.76 1.94
N GLY A 303 7.05 23.91 2.93
CA GLY A 303 7.44 22.79 3.76
C GLY A 303 6.36 22.39 4.73
N ASP A 304 6.62 21.29 5.44
CA ASP A 304 5.67 20.76 6.41
C ASP A 304 5.76 21.43 7.77
N GLU A 305 6.67 22.39 7.95
CA GLU A 305 6.83 23.09 9.22
C GLU A 305 5.88 24.28 9.26
N LEU A 306 4.99 24.30 10.26
CA LEU A 306 4.10 25.44 10.46
C LEU A 306 4.87 26.71 10.80
N LYS A 307 6.12 26.58 11.26
CA LYS A 307 6.92 27.75 11.60
C LYS A 307 7.15 28.63 10.37
N THR A 308 7.31 28.03 9.20
CA THR A 308 7.52 28.78 7.97
C THR A 308 6.19 29.04 7.29
N PRO A 309 5.83 30.28 7.02
CA PRO A 309 4.54 30.56 6.35
C PRO A 309 4.64 30.33 4.84
N ILE A 310 3.46 30.34 4.21
CA ILE A 310 3.40 30.21 2.76
C ILE A 310 3.86 31.52 2.13
N ARG A 311 4.58 31.40 1.01
CA ARG A 311 5.23 32.56 0.40
C ARG A 311 4.22 33.63 0.02
N SER A 312 4.65 34.88 0.12
CA SER A 312 3.88 36.05 -0.26
C SER A 312 4.61 36.79 -1.38
N TRP A 313 4.00 37.86 -1.88
CA TRP A 313 4.65 38.66 -2.91
C TRP A 313 5.93 39.30 -2.40
N HIS A 314 5.93 39.75 -1.14
CA HIS A 314 7.16 40.29 -0.56
C HIS A 314 8.23 39.22 -0.44
N ASP A 315 7.83 37.96 -0.24
CA ASP A 315 8.80 36.87 -0.17
C ASP A 315 9.36 36.51 -1.54
N ILE A 316 8.55 36.60 -2.59
CA ILE A 316 9.03 36.24 -3.92
C ILE A 316 9.86 37.33 -4.56
N ASP A 317 9.71 38.59 -4.12
CA ASP A 317 10.53 39.66 -4.66
C ASP A 317 11.91 39.70 -4.04
N LYS A 318 12.01 39.34 -2.75
CA LYS A 318 13.29 39.29 -2.07
C LYS A 318 13.92 37.91 -2.09
N ASP A 319 13.45 37.03 -3.00
CA ASP A 319 14.01 35.69 -3.19
C ASP A 319 13.99 34.89 -1.91
N ASN A 320 12.78 34.75 -1.34
CA ASN A 320 12.55 33.96 -0.14
C ASN A 320 11.39 33.00 -0.38
N ALA A 321 11.53 32.17 -1.41
CA ALA A 321 10.49 31.20 -1.78
C ALA A 321 11.15 30.14 -2.66
N LYS A 322 11.69 29.11 -2.01
CA LYS A 322 12.48 28.10 -2.70
C LYS A 322 11.64 27.08 -3.45
N TYR A 323 10.31 27.16 -3.39
CA TYR A 323 9.45 26.17 -4.03
C TYR A 323 8.65 26.71 -5.20
N VAL A 324 8.69 28.01 -5.46
CA VAL A 324 7.82 28.60 -6.48
C VAL A 324 8.22 28.12 -7.87
N LYS A 325 9.45 28.44 -8.30
CA LYS A 325 9.86 28.15 -9.67
C LYS A 325 9.90 26.64 -9.93
N LYS A 326 10.39 25.87 -8.95
CA LYS A 326 10.43 24.42 -9.13
C LYS A 326 9.04 23.81 -9.13
N GLY A 327 8.11 24.39 -8.36
CA GLY A 327 6.75 23.91 -8.34
C GLY A 327 5.93 24.37 -9.53
N THR A 328 6.15 25.61 -9.95
CA THR A 328 5.45 26.12 -11.14
C THR A 328 5.82 25.32 -12.38
N LYS A 329 7.11 24.99 -12.53
CA LYS A 329 7.55 24.22 -13.69
C LYS A 329 6.92 22.83 -13.73
N HIS A 330 6.67 22.23 -12.56
CA HIS A 330 6.05 20.91 -12.52
C HIS A 330 4.63 20.95 -13.07
N PHE A 331 3.82 21.88 -12.57
CA PHE A 331 2.44 22.01 -13.06
C PHE A 331 2.38 22.57 -14.46
N GLU A 332 3.43 23.28 -14.91
CA GLU A 332 3.47 23.74 -16.29
C GLU A 332 3.61 22.56 -17.25
N ALA A 333 4.37 21.54 -16.86
CA ALA A 333 4.48 20.35 -17.69
C ALA A 333 3.19 19.55 -17.68
N LEU A 334 2.52 19.49 -16.52
CA LEU A 334 1.21 18.83 -16.47
C LEU A 334 0.18 19.57 -17.30
N ALA A 335 0.26 20.90 -17.33
CA ALA A 335 -0.67 21.67 -18.14
C ALA A 335 -0.49 21.36 -19.62
N ASN A 336 0.75 21.35 -20.10
CA ASN A 336 1.00 21.03 -21.50
C ASN A 336 0.68 19.57 -21.82
N ARG A 337 0.90 18.67 -20.87
CA ARG A 337 0.56 17.26 -21.09
C ARG A 337 -0.93 17.09 -21.29
N ALA A 338 -1.74 17.72 -20.44
CA ALA A 338 -3.19 17.59 -20.56
C ALA A 338 -3.72 18.38 -21.75
N ALA A 339 -3.14 19.55 -22.02
CA ALA A 339 -3.59 20.36 -23.14
C ALA A 339 -3.26 19.70 -24.48
N THR A 340 -2.08 19.09 -24.57
CA THR A 340 -1.72 18.35 -25.78
C THR A 340 -2.66 17.15 -25.97
N THR A 341 -2.91 16.41 -24.90
CA THR A 341 -3.86 15.31 -24.96
C THR A 341 -5.28 15.79 -25.23
N GLY A 342 -5.61 17.01 -24.78
CA GLY A 342 -6.92 17.57 -25.01
C GLY A 342 -7.89 17.51 -23.85
N HIS A 343 -7.39 17.43 -22.62
CA HIS A 343 -8.22 17.28 -21.44
C HIS A 343 -8.24 18.58 -20.63
N VAL A 344 -9.29 18.74 -19.83
CA VAL A 344 -9.50 19.93 -19.01
C VAL A 344 -9.08 19.63 -17.59
N ILE A 345 -8.51 20.63 -16.92
CA ILE A 345 -8.07 20.51 -15.53
C ILE A 345 -8.77 21.60 -14.72
N ASP A 346 -9.70 21.21 -13.87
CA ASP A 346 -10.36 22.12 -12.94
C ASP A 346 -9.65 22.08 -11.58
N ILE A 347 -9.64 23.22 -10.90
CA ILE A 347 -9.05 23.35 -9.57
C ILE A 347 -10.03 24.07 -8.67
N TYR A 348 -10.49 23.39 -7.62
CA TYR A 348 -11.40 23.97 -6.62
C TYR A 348 -10.67 23.98 -5.29
N ALA A 349 -10.16 25.15 -4.91
CA ALA A 349 -9.36 25.31 -3.69
C ALA A 349 -10.15 26.05 -2.64
N CYS A 350 -10.15 25.51 -1.41
CA CYS A 350 -10.83 26.15 -0.29
C CYS A 350 -10.01 25.90 0.98
N ALA A 351 -9.46 26.97 1.55
CA ALA A 351 -8.68 26.90 2.78
C ALA A 351 -8.50 28.31 3.31
N LEU A 352 -8.18 28.40 4.60
CA LEU A 352 -7.89 29.70 5.21
C LEU A 352 -6.50 30.19 4.81
N ASP A 353 -5.51 29.30 4.84
CA ASP A 353 -4.19 29.64 4.34
C ASP A 353 -4.21 29.69 2.81
N GLN A 354 -3.05 29.94 2.21
CA GLN A 354 -2.94 29.88 0.77
C GLN A 354 -2.91 28.42 0.31
N THR A 355 -3.11 28.22 -0.98
CA THR A 355 -3.22 26.90 -1.58
C THR A 355 -2.09 26.58 -2.56
N GLY A 356 -1.58 27.56 -3.29
CA GLY A 356 -0.57 27.29 -4.28
C GLY A 356 -1.10 27.49 -5.69
N LEU A 357 -2.06 28.39 -5.84
CA LEU A 357 -2.61 28.68 -7.16
C LEU A 357 -1.56 29.30 -8.08
N LEU A 358 -0.63 30.07 -7.52
CA LEU A 358 0.43 30.66 -8.34
C LEU A 358 1.26 29.60 -9.04
N GLU A 359 1.43 28.43 -8.41
CA GLU A 359 2.20 27.35 -9.01
C GLU A 359 1.36 26.46 -9.91
N MET A 360 0.05 26.39 -9.66
CA MET A 360 -0.85 25.51 -10.41
C MET A 360 -1.70 26.25 -11.42
N LYS A 361 -1.45 27.55 -11.64
CA LYS A 361 -2.35 28.35 -12.45
C LYS A 361 -2.36 27.92 -13.91
N CYS A 362 -1.26 27.36 -14.42
CA CYS A 362 -1.18 27.02 -15.83
C CYS A 362 -2.06 25.85 -16.22
N CYS A 363 -2.46 25.01 -15.26
CA CYS A 363 -3.31 23.88 -15.61
C CYS A 363 -4.71 24.32 -16.03
N PRO A 364 -5.43 25.17 -15.27
CA PRO A 364 -6.72 25.65 -15.79
C PRO A 364 -6.60 26.78 -16.80
N ASN A 365 -5.50 27.52 -16.81
CA ASN A 365 -5.36 28.64 -17.74
C ASN A 365 -5.07 28.15 -19.16
N LEU A 366 -4.11 27.24 -19.31
CA LEU A 366 -3.79 26.74 -20.64
C LEU A 366 -4.93 25.93 -21.21
N THR A 367 -5.56 25.07 -20.40
CA THR A 367 -6.77 24.39 -20.81
C THR A 367 -7.96 25.31 -20.57
N GLY A 368 -9.17 24.76 -20.57
CA GLY A 368 -10.34 25.56 -20.27
C GLY A 368 -10.85 25.31 -18.87
N GLY A 369 -9.91 25.06 -17.95
CA GLY A 369 -10.29 24.66 -16.60
C GLY A 369 -10.78 25.83 -15.78
N TYR A 370 -11.77 25.55 -14.93
CA TYR A 370 -12.26 26.53 -13.98
C TYR A 370 -11.30 26.65 -12.79
N MET A 371 -11.36 27.80 -12.11
CA MET A 371 -10.55 28.04 -10.92
C MET A 371 -11.44 28.70 -9.88
N VAL A 372 -11.76 27.96 -8.82
CA VAL A 372 -12.62 28.44 -7.74
C VAL A 372 -11.78 28.57 -6.48
N MET A 373 -11.99 29.66 -5.74
CA MET A 373 -11.20 29.95 -4.54
C MET A 373 -12.12 30.46 -3.45
N GLY A 374 -12.20 29.71 -2.35
CA GLY A 374 -13.01 30.12 -1.21
C GLY A 374 -12.27 29.95 0.09
N ASP A 375 -12.99 30.08 1.21
CA ASP A 375 -12.40 29.88 2.53
C ASP A 375 -12.65 28.48 3.09
N SER A 376 -13.70 27.81 2.63
CA SER A 376 -14.08 26.50 3.16
C SER A 376 -15.10 25.88 2.23
N PHE A 377 -15.01 24.56 2.03
CA PHE A 377 -16.01 23.86 1.25
C PHE A 377 -17.37 23.85 1.94
N ASN A 378 -17.43 24.17 3.23
CA ASN A 378 -18.68 24.15 3.99
C ASN A 378 -19.29 25.54 4.06
N THR A 379 -19.42 26.20 2.90
CA THR A 379 -20.07 27.50 2.81
C THR A 379 -20.99 27.51 1.61
N SER A 380 -21.99 28.40 1.66
CA SER A 380 -22.81 28.64 0.48
C SER A 380 -21.99 29.17 -0.68
N LEU A 381 -20.84 29.77 -0.40
CA LEU A 381 -19.99 30.31 -1.47
C LEU A 381 -19.51 29.21 -2.40
N PHE A 382 -18.95 28.14 -1.83
CA PHE A 382 -18.44 27.06 -2.68
C PHE A 382 -19.58 26.18 -3.22
N LYS A 383 -20.52 25.81 -2.35
CA LYS A 383 -21.55 24.85 -2.74
C LYS A 383 -22.35 25.35 -3.93
N GLN A 384 -22.78 26.61 -3.90
CA GLN A 384 -23.56 27.14 -5.01
C GLN A 384 -22.70 27.32 -6.25
N THR A 385 -21.47 27.81 -6.08
CA THR A 385 -20.57 27.97 -7.23
C THR A 385 -20.30 26.63 -7.91
N PHE A 386 -20.15 25.56 -7.11
CA PHE A 386 -19.81 24.27 -7.69
C PHE A 386 -20.95 23.69 -8.51
N GLN A 387 -22.20 23.98 -8.16
CA GLN A 387 -23.32 23.47 -8.95
C GLN A 387 -23.66 24.35 -10.15
N ARG A 388 -23.13 25.58 -10.20
CA ARG A 388 -23.26 26.36 -11.43
C ARG A 388 -22.40 25.78 -12.55
N VAL A 389 -21.38 25.00 -12.21
CA VAL A 389 -20.57 24.32 -13.22
C VAL A 389 -21.45 23.46 -14.11
N PHE A 390 -22.41 22.76 -13.51
CA PHE A 390 -23.26 21.82 -14.22
C PHE A 390 -24.61 22.43 -14.57
N THR A 391 -24.64 23.72 -14.86
CA THR A 391 -25.87 24.37 -15.31
C THR A 391 -26.21 23.92 -16.72
N LYS A 392 -27.45 23.55 -16.94
CA LYS A 392 -27.92 23.08 -18.24
C LYS A 392 -28.70 24.19 -18.96
N ASP A 393 -28.97 23.94 -20.24
CA ASP A 393 -29.70 24.88 -21.08
C ASP A 393 -31.13 24.38 -21.30
N MET A 394 -31.75 24.81 -22.40
CA MET A 394 -33.13 24.48 -22.70
C MET A 394 -33.34 23.02 -23.08
N HIS A 395 -32.27 22.22 -23.17
CA HIS A 395 -32.39 20.81 -23.49
C HIS A 395 -31.77 19.91 -22.42
N GLY A 396 -31.43 20.47 -21.26
CA GLY A 396 -30.82 19.67 -20.20
C GLY A 396 -29.42 19.21 -20.51
N GLN A 397 -28.62 20.04 -21.17
CA GLN A 397 -27.25 19.69 -21.54
C GLN A 397 -26.30 20.73 -20.97
N PHE A 398 -25.14 20.25 -20.51
CA PHE A 398 -24.17 21.12 -19.85
C PHE A 398 -23.71 22.23 -20.79
N LYS A 399 -23.58 23.43 -20.22
CA LYS A 399 -23.08 24.59 -20.97
C LYS A 399 -21.55 24.57 -21.04
N MET A 400 -21.02 23.47 -21.58
CA MET A 400 -19.58 23.32 -21.69
C MET A 400 -19.24 22.53 -22.94
N GLY A 401 -18.15 22.93 -23.60
CA GLY A 401 -17.63 22.22 -24.74
C GLY A 401 -16.25 21.65 -24.45
N PHE A 402 -15.81 20.75 -25.32
CA PHE A 402 -14.56 20.03 -25.09
C PHE A 402 -13.76 19.94 -26.38
N GLY A 403 -12.44 20.04 -26.26
CA GLY A 403 -11.54 19.88 -27.38
C GLY A 403 -11.77 20.87 -28.50
N GLY A 404 -11.91 22.15 -28.16
CA GLY A 404 -12.15 23.16 -29.17
C GLY A 404 -10.92 23.38 -30.04
N THR A 405 -11.17 23.64 -31.32
CA THR A 405 -10.10 23.92 -32.28
C THR A 405 -10.47 25.21 -33.02
N LEU A 406 -9.77 26.29 -32.71
CA LEU A 406 -10.04 27.60 -33.28
C LEU A 406 -9.08 27.84 -34.43
N GLU A 407 -9.62 27.94 -35.64
CA GLU A 407 -8.86 28.27 -36.83
C GLU A 407 -9.42 29.56 -37.43
N ILE A 408 -8.54 30.47 -37.81
CA ILE A 408 -8.93 31.80 -38.25
C ILE A 408 -8.44 32.01 -39.68
N LYS A 409 -9.38 32.26 -40.60
CA LYS A 409 -9.08 32.60 -41.98
C LYS A 409 -9.18 34.11 -42.15
N THR A 410 -8.11 34.72 -42.65
CA THR A 410 -8.06 36.16 -42.85
C THR A 410 -7.85 36.47 -44.33
N SER A 411 -8.20 37.70 -44.70
CA SER A 411 -7.87 38.20 -46.02
C SER A 411 -6.36 38.24 -46.20
N ARG A 412 -5.92 38.26 -47.47
CA ARG A 412 -4.49 38.27 -47.75
C ARG A 412 -3.79 39.50 -47.18
N GLU A 413 -4.54 40.56 -46.87
CA GLU A 413 -3.97 41.76 -46.29
C GLU A 413 -3.85 41.70 -44.76
N ILE A 414 -4.40 40.66 -44.13
CA ILE A 414 -4.43 40.56 -42.67
C ILE A 414 -3.50 39.43 -42.24
N LYS A 415 -2.80 39.65 -41.13
CA LYS A 415 -2.00 38.63 -40.49
C LYS A 415 -2.31 38.61 -39.00
N ILE A 416 -2.13 37.44 -38.39
CA ILE A 416 -2.51 37.21 -36.99
C ILE A 416 -1.25 37.32 -36.14
N SER A 417 -1.23 38.28 -35.23
CA SER A 417 -0.12 38.38 -34.28
C SER A 417 -0.18 37.29 -33.23
N GLY A 418 -1.36 37.04 -32.69
CA GLY A 418 -1.52 35.99 -31.70
C GLY A 418 -2.75 36.21 -30.86
N ALA A 419 -2.99 35.24 -29.97
CA ALA A 419 -4.16 35.23 -29.12
C ALA A 419 -3.75 35.27 -27.65
N ILE A 420 -4.62 35.84 -26.82
CA ILE A 420 -4.44 35.86 -25.38
C ILE A 420 -5.72 35.34 -24.74
N GLY A 421 -5.59 34.34 -23.88
CA GLY A 421 -6.72 33.72 -23.25
C GLY A 421 -6.54 32.22 -23.10
N PRO A 422 -7.57 31.52 -22.65
CA PRO A 422 -7.46 30.07 -22.46
C PRO A 422 -7.37 29.32 -23.77
N CYS A 423 -6.15 29.07 -24.24
CA CYS A 423 -5.94 28.34 -25.49
C CYS A 423 -4.47 27.93 -25.57
N VAL A 424 -4.21 26.96 -26.43
CA VAL A 424 -2.85 26.46 -26.68
C VAL A 424 -2.62 26.43 -28.18
N SER A 425 -1.43 26.87 -28.60
CA SER A 425 -1.10 26.89 -30.01
C SER A 425 -0.89 25.48 -30.55
N LEU A 426 -1.47 25.20 -31.70
CA LEU A 426 -1.19 23.97 -32.44
C LEU A 426 0.04 24.07 -33.31
N ASN A 427 0.70 25.24 -33.33
CA ASN A 427 1.93 25.47 -34.09
C ASN A 427 1.71 25.17 -35.57
N SER A 428 0.68 25.78 -36.14
CA SER A 428 0.36 25.65 -37.56
C SER A 428 0.86 26.88 -38.30
N LYS A 429 1.53 26.66 -39.43
CA LYS A 429 2.14 27.74 -40.19
C LYS A 429 1.36 28.02 -41.46
N GLY A 430 1.37 29.30 -41.85
CA GLY A 430 0.67 29.74 -43.04
C GLY A 430 0.90 31.22 -43.30
N PRO A 431 0.44 31.70 -44.45
CA PRO A 431 0.62 33.12 -44.78
C PRO A 431 -0.18 34.07 -43.91
N CYS A 432 -1.10 33.56 -43.08
CA CYS A 432 -1.86 34.39 -42.15
C CYS A 432 -1.16 34.57 -40.82
N VAL A 433 -0.02 33.92 -40.62
CA VAL A 433 0.76 34.09 -39.39
C VAL A 433 1.67 35.30 -39.53
N SER A 434 1.66 36.17 -38.52
CA SER A 434 2.49 37.36 -38.53
C SER A 434 3.85 37.09 -37.89
N GLU A 435 4.83 37.90 -38.27
CA GLU A 435 6.15 37.81 -37.66
C GLU A 435 6.13 38.29 -36.22
N ASN A 436 5.49 39.43 -35.97
CA ASN A 436 5.30 39.94 -34.61
C ASN A 436 4.28 39.06 -33.91
N GLU A 437 4.75 38.18 -33.03
CA GLU A 437 3.86 37.32 -32.28
C GLU A 437 3.49 37.96 -30.95
N ILE A 438 2.26 37.72 -30.52
CA ILE A 438 1.71 38.31 -29.30
C ILE A 438 1.02 37.21 -28.51
N GLY A 439 1.42 37.03 -27.26
CA GLY A 439 0.82 35.99 -26.44
C GLY A 439 1.13 34.61 -27.00
N THR A 440 0.12 33.75 -26.99
CA THR A 440 0.21 32.43 -27.62
C THR A 440 0.00 32.64 -29.12
N GLY A 441 1.07 33.06 -29.79
CA GLY A 441 0.98 33.41 -31.20
C GLY A 441 1.82 32.55 -32.11
N GLY A 442 2.00 33.01 -33.35
CA GLY A 442 2.75 32.24 -34.33
C GLY A 442 2.00 31.07 -34.90
N THR A 443 0.68 31.17 -35.02
CA THR A 443 -0.13 30.05 -35.49
C THR A 443 -1.46 30.57 -36.02
N CYS A 444 -2.08 29.75 -36.87
CA CYS A 444 -3.44 29.99 -37.33
C CYS A 444 -4.47 29.10 -36.63
N GLN A 445 -4.02 28.16 -35.80
CA GLN A 445 -4.90 27.24 -35.11
C GLN A 445 -4.58 27.22 -33.63
N TRP A 446 -5.62 27.16 -32.80
CA TRP A 446 -5.48 27.08 -31.36
C TRP A 446 -6.40 25.99 -30.83
N LYS A 447 -5.94 25.28 -29.80
CA LYS A 447 -6.76 24.28 -29.13
C LYS A 447 -7.28 24.85 -27.81
N ILE A 448 -8.58 24.66 -27.56
CA ILE A 448 -9.22 25.07 -26.32
C ILE A 448 -9.89 23.82 -25.76
N CYS A 449 -9.25 23.18 -24.78
CA CYS A 449 -9.76 21.93 -24.25
C CYS A 449 -11.11 22.13 -23.57
N GLY A 450 -11.36 23.32 -23.02
CA GLY A 450 -12.64 23.60 -22.40
C GLY A 450 -13.13 25.00 -22.72
N LEU A 451 -14.36 25.10 -23.24
CA LEU A 451 -14.97 26.39 -23.53
C LEU A 451 -16.41 26.40 -23.04
N SER A 452 -16.91 27.59 -22.76
CA SER A 452 -18.25 27.81 -22.25
C SER A 452 -18.93 28.86 -23.12
N PRO A 453 -20.21 29.18 -22.88
CA PRO A 453 -20.81 30.34 -23.56
C PRO A 453 -20.17 31.68 -23.18
N THR A 454 -19.16 31.68 -22.31
CA THR A 454 -18.52 32.90 -21.83
C THR A 454 -17.09 33.07 -22.31
N THR A 455 -16.37 31.98 -22.54
CA THR A 455 -14.95 32.00 -22.92
C THR A 455 -14.71 33.01 -24.04
N THR A 456 -13.88 34.01 -23.74
CA THR A 456 -13.58 35.09 -24.68
C THR A 456 -12.08 35.14 -24.92
N LEU A 457 -11.67 34.86 -26.15
CA LEU A 457 -10.28 35.02 -26.57
C LEU A 457 -10.05 36.43 -27.09
N ALA A 458 -8.80 36.87 -27.00
CA ALA A 458 -8.38 38.17 -27.52
C ALA A 458 -7.42 37.93 -28.67
N ILE A 459 -7.89 38.16 -29.90
CA ILE A 459 -7.11 37.93 -31.10
C ILE A 459 -6.54 39.27 -31.57
N TYR A 460 -5.23 39.32 -31.74
CA TYR A 460 -4.54 40.54 -32.15
C TYR A 460 -4.08 40.39 -33.59
N PHE A 461 -4.53 41.30 -34.45
CA PHE A 461 -4.24 41.27 -35.87
C PHE A 461 -3.22 42.34 -36.23
N GLU A 462 -2.78 42.30 -37.49
CA GLU A 462 -1.80 43.24 -38.00
C GLU A 462 -1.94 43.30 -39.51
N VAL A 463 -2.10 44.51 -40.03
CA VAL A 463 -2.26 44.71 -41.44
C VAL A 463 -0.91 44.77 -42.09
N VAL A 464 -0.76 43.95 -43.11
CA VAL A 464 0.48 43.87 -43.82
C VAL A 464 0.17 43.80 -45.30
N GLY A 475 -13.47 48.18 -50.54
CA GLY A 475 -13.43 48.03 -49.11
C GLY A 475 -13.70 46.61 -48.64
N ARG A 476 -14.10 46.49 -47.40
CA ARG A 476 -14.39 45.21 -46.76
C ARG A 476 -13.26 44.21 -46.61
N GLY A 477 -12.76 44.09 -45.39
CA GLY A 477 -11.79 43.05 -45.05
C GLY A 477 -12.48 41.97 -44.24
N ALA A 478 -12.07 40.73 -44.47
CA ALA A 478 -12.79 39.57 -43.95
C ALA A 478 -11.94 38.80 -42.95
N ILE A 479 -12.59 38.30 -41.91
CA ILE A 479 -11.99 37.39 -40.93
C ILE A 479 -13.01 36.31 -40.61
N GLN A 480 -12.61 35.05 -40.73
CA GLN A 480 -13.48 33.90 -40.48
C GLN A 480 -12.96 33.11 -39.29
N PHE A 481 -13.85 32.83 -38.34
CA PHE A 481 -13.54 32.04 -37.15
C PHE A 481 -14.23 30.69 -37.26
N VAL A 482 -13.43 29.62 -37.29
CA VAL A 482 -13.95 28.25 -37.36
C VAL A 482 -13.57 27.54 -36.06
N THR A 483 -14.59 27.11 -35.32
CA THR A 483 -14.39 26.48 -34.01
C THR A 483 -15.03 25.09 -34.03
N GLN A 484 -14.19 24.06 -33.95
CA GLN A 484 -14.64 22.67 -33.88
C GLN A 484 -14.47 22.18 -32.46
N TYR A 485 -15.58 21.82 -31.81
CA TYR A 485 -15.56 21.36 -30.43
C TYR A 485 -16.50 20.18 -30.27
N GLN A 486 -16.40 19.52 -29.12
CA GLN A 486 -17.28 18.41 -28.77
C GLN A 486 -18.37 18.94 -27.85
N HIS A 487 -19.62 18.85 -28.31
CA HIS A 487 -20.74 19.30 -27.49
C HIS A 487 -20.93 18.36 -26.30
N SER A 488 -21.65 18.86 -25.29
CA SER A 488 -21.92 18.04 -24.11
C SER A 488 -22.76 16.81 -24.45
N SER A 489 -23.51 16.85 -25.55
CA SER A 489 -24.27 15.70 -26.02
C SER A 489 -23.41 14.66 -26.73
N GLY A 490 -22.13 14.95 -26.96
CA GLY A 490 -21.26 14.10 -27.73
C GLY A 490 -21.18 14.44 -29.20
N GLN A 491 -22.09 15.26 -29.71
CA GLN A 491 -22.04 15.67 -31.10
C GLN A 491 -20.82 16.54 -31.37
N ARG A 492 -20.29 16.43 -32.58
CA ARG A 492 -19.20 17.28 -33.04
C ARG A 492 -19.79 18.45 -33.79
N ARG A 493 -19.46 19.67 -33.36
CA ARG A 493 -20.05 20.87 -33.92
C ARG A 493 -18.96 21.79 -34.46
N ILE A 494 -19.32 22.56 -35.49
CA ILE A 494 -18.43 23.53 -36.12
C ILE A 494 -19.13 24.88 -36.12
N ARG A 495 -18.56 25.84 -35.43
CA ARG A 495 -19.13 27.19 -35.32
C ARG A 495 -18.33 28.13 -36.22
N VAL A 496 -18.95 28.57 -37.30
CA VAL A 496 -18.32 29.48 -38.25
C VAL A 496 -18.88 30.87 -38.04
N THR A 497 -17.99 31.86 -37.90
CA THR A 497 -18.37 33.26 -37.78
C THR A 497 -17.54 34.07 -38.76
N THR A 498 -18.21 34.76 -39.68
CA THR A 498 -17.53 35.56 -40.70
C THR A 498 -17.93 37.01 -40.53
N ILE A 499 -16.94 37.86 -40.22
CA ILE A 499 -17.16 39.28 -40.01
C ILE A 499 -16.53 40.04 -41.16
N ALA A 500 -16.98 41.29 -41.34
CA ALA A 500 -16.45 42.15 -42.39
C ALA A 500 -16.43 43.59 -41.89
N ARG A 501 -15.32 44.27 -42.09
CA ARG A 501 -15.14 45.67 -41.70
C ARG A 501 -14.63 46.47 -42.89
N ASN A 502 -15.10 47.71 -43.02
CA ASN A 502 -14.76 48.52 -44.18
C ASN A 502 -13.29 48.93 -44.16
N TRP A 503 -12.66 48.86 -45.34
CA TRP A 503 -11.34 49.44 -45.50
C TRP A 503 -11.46 50.97 -45.50
N ALA A 504 -10.45 51.63 -44.93
CA ALA A 504 -10.47 53.08 -44.84
C ALA A 504 -10.41 53.72 -46.22
N ASP A 505 -11.13 54.82 -46.38
CA ASP A 505 -11.06 55.60 -47.60
C ASP A 505 -9.78 56.43 -47.60
N ALA A 506 -9.05 56.41 -48.72
CA ALA A 506 -7.74 57.04 -48.77
C ALA A 506 -7.83 58.55 -48.57
N GLN A 507 -8.95 59.15 -48.94
CA GLN A 507 -9.15 60.58 -48.77
C GLN A 507 -9.76 60.93 -47.42
N THR A 508 -9.93 59.94 -46.54
CA THR A 508 -10.48 60.16 -45.20
C THR A 508 -9.99 59.06 -44.28
N GLN A 509 -8.68 58.81 -44.26
CA GLN A 509 -8.11 57.69 -43.52
C GLN A 509 -8.37 57.79 -42.02
N ILE A 510 -7.60 58.62 -41.33
CA ILE A 510 -7.66 58.68 -39.86
C ILE A 510 -9.02 59.18 -39.37
N GLN A 511 -9.75 59.91 -40.21
CA GLN A 511 -11.04 60.45 -39.79
C GLN A 511 -12.07 59.34 -39.58
N ASN A 512 -12.15 58.40 -40.54
CA ASN A 512 -13.06 57.27 -40.38
C ASN A 512 -12.56 56.31 -39.30
N ILE A 513 -11.24 56.16 -39.18
CA ILE A 513 -10.67 55.27 -38.18
C ILE A 513 -10.97 55.78 -36.77
N ALA A 514 -10.91 57.10 -36.58
CA ALA A 514 -11.18 57.68 -35.27
C ALA A 514 -12.64 57.53 -34.86
N ALA A 515 -13.57 57.43 -35.82
CA ALA A 515 -14.98 57.29 -35.50
C ALA A 515 -15.40 55.86 -35.20
N SER A 516 -14.65 54.87 -35.68
CA SER A 516 -14.98 53.47 -35.49
C SER A 516 -14.28 52.87 -34.26
N PHE A 517 -13.81 53.70 -33.35
CA PHE A 517 -13.04 53.24 -32.20
C PHE A 517 -13.96 52.74 -31.09
N ASP A 518 -13.69 51.54 -30.58
CA ASP A 518 -14.42 50.97 -29.46
C ASP A 518 -13.55 51.17 -28.22
N GLN A 519 -13.87 52.19 -27.43
CA GLN A 519 -13.04 52.54 -26.29
C GLN A 519 -13.10 51.47 -25.20
N GLU A 520 -14.24 50.80 -25.05
CA GLU A 520 -14.35 49.74 -24.05
C GLU A 520 -13.55 48.51 -24.46
N ALA A 521 -13.73 48.06 -25.71
CA ALA A 521 -13.02 46.87 -26.17
C ALA A 521 -11.52 47.11 -26.21
N ALA A 522 -11.09 48.27 -26.70
CA ALA A 522 -9.66 48.56 -26.78
C ALA A 522 -9.03 48.63 -25.40
N ALA A 523 -9.77 49.16 -24.42
CA ALA A 523 -9.24 49.21 -23.05
C ALA A 523 -8.98 47.83 -22.50
N ILE A 524 -9.88 46.88 -22.77
CA ILE A 524 -9.69 45.52 -22.28
C ILE A 524 -8.64 44.79 -23.10
N LEU A 525 -8.60 45.06 -24.41
CA LEU A 525 -7.56 44.46 -25.25
C LEU A 525 -6.17 44.98 -24.89
N MET A 526 -6.07 46.22 -24.43
CA MET A 526 -4.80 46.72 -23.91
C MET A 526 -4.53 46.20 -22.50
N ALA A 527 -5.57 46.03 -21.70
CA ALA A 527 -5.42 45.40 -20.40
C ALA A 527 -4.97 43.95 -20.53
N ARG A 528 -5.46 43.27 -21.57
CA ARG A 528 -5.03 41.90 -21.85
C ARG A 528 -3.53 41.85 -22.10
N LEU A 529 -2.99 42.85 -22.80
CA LEU A 529 -1.56 42.86 -23.11
C LEU A 529 -0.72 43.16 -21.87
N ALA A 530 -1.19 44.12 -21.04
CA ALA A 530 -0.41 44.51 -19.87
C ALA A 530 -0.33 43.38 -18.86
N ILE A 531 -1.42 42.66 -18.64
CA ILE A 531 -1.42 41.58 -17.67
C ILE A 531 -0.61 40.39 -18.18
N TYR A 532 -0.68 40.13 -19.48
CA TYR A 532 0.11 39.04 -20.05
C TYR A 532 1.60 39.30 -19.91
N ARG A 533 2.02 40.57 -19.93
CA ARG A 533 3.43 40.89 -19.73
C ARG A 533 3.80 40.93 -18.25
N ALA A 534 2.86 41.32 -17.39
CA ALA A 534 3.14 41.30 -15.96
C ALA A 534 3.25 39.88 -15.43
N GLU A 535 2.38 38.98 -15.93
CA GLU A 535 2.44 37.58 -15.55
C GLU A 535 3.57 36.82 -16.24
N THR A 536 4.27 37.47 -17.18
CA THR A 536 5.41 36.88 -17.87
C THR A 536 6.47 37.97 -18.07
N GLU A 537 6.96 38.51 -16.96
CA GLU A 537 7.86 39.66 -16.99
C GLU A 537 9.18 39.32 -17.67
N ASP A 541 9.24 48.02 -16.70
CA ASP A 541 7.97 48.19 -16.02
C ASP A 541 6.82 48.11 -17.01
N VAL A 542 5.68 47.55 -16.57
CA VAL A 542 4.51 47.42 -17.43
C VAL A 542 3.73 48.73 -17.48
N LEU A 543 3.67 49.45 -16.35
CA LEU A 543 2.93 50.71 -16.32
C LEU A 543 3.55 51.75 -17.24
N ARG A 544 4.87 51.69 -17.45
CA ARG A 544 5.51 52.62 -18.38
C ARG A 544 4.99 52.40 -19.80
N TRP A 545 4.84 51.14 -20.22
CA TRP A 545 4.26 50.87 -21.54
C TRP A 545 2.79 51.26 -21.58
N LEU A 546 2.07 51.12 -20.48
CA LEU A 546 0.66 51.48 -20.45
C LEU A 546 0.44 53.00 -20.51
N ASP A 547 1.43 53.78 -20.09
CA ASP A 547 1.34 55.23 -20.14
C ASP A 547 1.76 55.80 -21.49
N ARG A 548 2.82 55.25 -22.08
CA ARG A 548 3.29 55.74 -23.38
C ARG A 548 2.24 55.55 -24.47
N GLN A 549 1.40 54.53 -24.34
CA GLN A 549 0.34 54.33 -25.32
C GLN A 549 -0.88 55.19 -25.03
N LEU A 550 -1.14 55.49 -23.76
CA LEU A 550 -2.21 56.44 -23.44
C LEU A 550 -1.87 57.84 -23.91
N ILE A 551 -0.60 58.25 -23.72
CA ILE A 551 -0.18 59.57 -24.19
C ILE A 551 -0.18 59.62 -25.72
N ARG A 552 0.26 58.53 -26.36
CA ARG A 552 0.24 58.50 -27.82
C ARG A 552 -1.18 58.56 -28.36
N LEU A 553 -2.13 57.90 -27.69
CA LEU A 553 -3.51 57.95 -28.15
C LEU A 553 -4.12 59.34 -27.94
N CYS A 554 -3.66 60.07 -26.92
CA CYS A 554 -4.15 61.42 -26.70
C CYS A 554 -3.68 62.37 -27.78
N GLN A 555 -2.45 62.18 -28.27
CA GLN A 555 -1.87 63.11 -29.23
C GLN A 555 -2.41 62.92 -30.63
N LYS A 556 -2.74 61.69 -31.02
CA LYS A 556 -3.17 61.42 -32.40
C LYS A 556 -4.66 61.66 -32.61
N PHE A 557 -5.49 61.41 -31.60
CA PHE A 557 -6.94 61.52 -31.75
C PHE A 557 -7.56 62.59 -30.86
N GLY A 558 -6.75 63.39 -30.18
CA GLY A 558 -7.25 64.45 -29.32
C GLY A 558 -7.16 65.81 -29.98
N GLU A 559 -7.88 66.77 -29.41
CA GLU A 559 -7.90 68.15 -29.87
C GLU A 559 -7.21 69.02 -28.83
N TYR A 560 -6.20 69.77 -29.27
CA TYR A 560 -5.38 70.53 -28.33
C TYR A 560 -4.49 71.49 -29.10
N HIS A 561 -4.23 72.64 -28.49
CA HIS A 561 -3.14 73.52 -28.92
C HIS A 561 -1.86 73.09 -28.23
N LYS A 562 -0.73 73.27 -28.94
CA LYS A 562 0.54 72.84 -28.38
C LYS A 562 0.88 73.63 -27.13
N ASP A 563 1.36 72.92 -26.11
CA ASP A 563 1.80 73.52 -24.84
C ASP A 563 0.67 74.23 -24.12
N ASP A 564 -0.57 73.77 -24.32
CA ASP A 564 -1.74 74.32 -23.64
C ASP A 564 -2.56 73.17 -23.08
N PRO A 565 -2.32 72.79 -21.82
CA PRO A 565 -3.03 71.63 -21.26
C PRO A 565 -4.52 71.83 -21.12
N SER A 566 -4.99 73.07 -20.88
CA SER A 566 -6.41 73.31 -20.70
C SER A 566 -7.21 73.16 -21.98
N SER A 567 -6.56 73.11 -23.13
CA SER A 567 -7.25 72.99 -24.41
C SER A 567 -7.57 71.56 -24.80
N PHE A 568 -7.05 70.57 -24.07
CA PHE A 568 -7.21 69.18 -24.48
C PHE A 568 -8.65 68.72 -24.25
N ARG A 569 -9.27 68.22 -25.31
CA ARG A 569 -10.57 67.57 -25.23
C ARG A 569 -10.46 66.21 -25.89
N PHE A 570 -11.51 65.40 -25.73
CA PHE A 570 -11.58 64.10 -26.37
C PHE A 570 -12.99 63.90 -26.92
N SER A 571 -13.07 63.28 -28.09
CA SER A 571 -14.36 62.96 -28.66
C SER A 571 -15.13 62.01 -27.75
N GLU A 572 -16.44 61.95 -27.95
CA GLU A 572 -17.25 60.97 -27.23
C GLU A 572 -16.82 59.55 -27.53
N THR A 573 -16.06 59.35 -28.61
CA THR A 573 -15.51 58.05 -28.95
C THR A 573 -14.32 57.67 -28.08
N PHE A 574 -13.61 58.65 -27.50
CA PHE A 574 -12.41 58.40 -26.73
C PHE A 574 -12.47 58.86 -25.29
N SER A 575 -13.51 59.60 -24.89
CA SER A 575 -13.47 60.32 -23.61
C SER A 575 -13.35 59.39 -22.42
N LEU A 576 -13.92 58.18 -22.50
CA LEU A 576 -13.86 57.26 -21.37
C LEU A 576 -12.57 56.44 -21.33
N TYR A 577 -11.76 56.48 -22.38
CA TYR A 577 -10.54 55.68 -22.40
C TYR A 577 -9.55 56.08 -21.32
N PRO A 578 -9.27 57.37 -21.06
CA PRO A 578 -8.34 57.70 -19.95
C PRO A 578 -8.83 57.23 -18.60
N GLN A 579 -10.15 57.24 -18.36
CA GLN A 579 -10.66 56.79 -17.07
C GLN A 579 -10.53 55.28 -16.93
N PHE A 580 -10.79 54.54 -18.00
CA PHE A 580 -10.58 53.09 -17.97
C PHE A 580 -9.11 52.74 -17.74
N MET A 581 -8.21 53.65 -18.10
CA MET A 581 -6.79 53.42 -17.91
C MET A 581 -6.34 53.80 -16.51
N PHE A 582 -7.00 54.79 -15.90
CA PHE A 582 -6.69 55.16 -14.52
C PHE A 582 -7.00 54.01 -13.56
N HIS A 583 -8.17 53.39 -13.74
CA HIS A 583 -8.55 52.28 -12.86
C HIS A 583 -7.78 51.01 -13.17
N LEU A 584 -7.36 50.82 -14.41
CA LEU A 584 -6.64 49.61 -14.78
C LEU A 584 -5.25 49.57 -14.14
N ARG A 585 -4.55 50.71 -14.11
CA ARG A 585 -3.20 50.75 -13.57
C ARG A 585 -3.16 50.73 -12.06
N ARG A 586 -4.29 50.97 -11.39
CA ARG A 586 -4.38 50.92 -9.94
C ARG A 586 -5.07 49.66 -9.43
N SER A 587 -5.65 48.86 -10.32
CA SER A 587 -6.39 47.68 -9.90
C SER A 587 -5.43 46.61 -9.36
N SER A 588 -6.02 45.57 -8.77
CA SER A 588 -5.25 44.46 -8.25
C SER A 588 -4.68 43.57 -9.35
N PHE A 589 -4.99 43.85 -10.62
CA PHE A 589 -4.41 43.07 -11.71
C PHE A 589 -2.94 43.42 -11.94
N LEU A 590 -2.56 44.67 -11.64
CA LEU A 590 -1.20 45.13 -11.84
C LEU A 590 -0.49 45.56 -10.57
N GLN A 591 -1.22 45.91 -9.51
CA GLN A 591 -0.64 46.19 -8.21
C GLN A 591 -0.81 44.94 -7.35
N VAL A 592 0.12 44.00 -7.54
CA VAL A 592 -0.03 42.67 -6.94
C VAL A 592 0.08 42.72 -5.42
N PHE A 593 0.84 43.67 -4.89
CA PHE A 593 0.99 43.76 -3.44
C PHE A 593 -0.33 44.15 -2.79
N ASN A 594 -0.39 43.96 -1.47
CA ASN A 594 -1.61 44.02 -0.67
C ASN A 594 -2.59 42.90 -1.03
N ASN A 595 -2.17 41.93 -1.83
CA ASN A 595 -2.91 40.72 -2.11
C ASN A 595 -1.96 39.54 -2.02
N SER A 596 -2.52 38.36 -1.79
CA SER A 596 -1.70 37.15 -1.79
C SER A 596 -1.48 36.68 -3.21
N PRO A 597 -0.37 35.95 -3.45
CA PRO A 597 -0.12 35.45 -4.82
C PRO A 597 -1.24 34.58 -5.37
N ASP A 598 -1.90 33.81 -4.53
CA ASP A 598 -3.03 33.01 -5.00
C ASP A 598 -4.21 33.90 -5.38
N GLU A 599 -4.35 35.05 -4.72
CA GLU A 599 -5.43 35.97 -5.07
C GLU A 599 -5.15 36.71 -6.37
N SER A 600 -3.90 37.10 -6.60
CA SER A 600 -3.55 37.75 -7.86
C SER A 600 -3.69 36.78 -9.03
N SER A 601 -3.38 35.50 -8.82
CA SER A 601 -3.57 34.51 -9.88
C SER A 601 -5.05 34.26 -10.14
N TYR A 602 -5.87 34.30 -9.09
CA TYR A 602 -7.31 34.08 -9.27
C TYR A 602 -7.95 35.25 -10.01
N TYR A 603 -7.59 36.48 -9.65
CA TYR A 603 -8.16 37.65 -10.32
C TYR A 603 -7.77 37.68 -11.79
N ARG A 604 -6.49 37.45 -12.09
CA ARG A 604 -6.05 37.45 -13.48
C ARG A 604 -6.64 36.29 -14.27
N HIS A 605 -6.90 35.16 -13.61
CA HIS A 605 -7.47 34.01 -14.30
C HIS A 605 -8.81 34.35 -14.93
N HIS A 606 -9.72 34.94 -14.15
CA HIS A 606 -11.05 35.22 -14.65
C HIS A 606 -11.07 36.38 -15.63
N PHE A 607 -10.14 37.34 -15.48
CA PHE A 607 -10.12 38.48 -16.39
C PHE A 607 -9.68 38.08 -17.79
N MET A 608 -8.81 37.09 -17.91
CA MET A 608 -8.33 36.61 -19.21
C MET A 608 -9.33 35.71 -19.92
N ARG A 609 -10.57 35.61 -19.41
CA ARG A 609 -11.55 34.70 -19.99
C ARG A 609 -12.88 35.40 -20.25
N GLN A 610 -13.22 36.38 -19.42
CA GLN A 610 -14.55 36.99 -19.49
C GLN A 610 -14.70 37.85 -20.74
N ASP A 611 -15.96 38.12 -21.09
CA ASP A 611 -16.29 38.95 -22.24
C ASP A 611 -16.02 40.42 -21.91
N LEU A 612 -16.54 41.32 -22.76
CA LEU A 612 -16.26 42.74 -22.56
C LEU A 612 -16.98 43.27 -21.31
N THR A 613 -18.29 43.07 -21.24
CA THR A 613 -19.08 43.72 -20.19
C THR A 613 -18.59 43.35 -18.81
N GLN A 614 -18.34 42.06 -18.58
CA GLN A 614 -17.84 41.63 -17.28
C GLN A 614 -16.42 42.13 -17.01
N SER A 615 -15.59 42.21 -18.05
CA SER A 615 -14.23 42.69 -17.86
C SER A 615 -14.20 44.17 -17.48
N LEU A 616 -15.13 44.97 -18.02
CA LEU A 616 -15.22 46.37 -17.60
C LEU A 616 -15.60 46.48 -16.13
N ILE A 617 -16.44 45.57 -15.64
CA ILE A 617 -16.86 45.61 -14.25
C ILE A 617 -15.69 45.30 -13.32
N MET A 618 -14.81 44.39 -13.74
CA MET A 618 -13.63 44.07 -12.95
C MET A 618 -12.73 45.29 -12.78
N ILE A 619 -12.47 45.99 -13.89
CA ILE A 619 -11.53 47.12 -13.86
C ILE A 619 -12.18 48.33 -13.19
N GLN A 620 -13.43 48.61 -13.54
CA GLN A 620 -14.17 49.74 -12.99
C GLN A 620 -15.47 49.23 -12.39
N PRO A 621 -15.47 48.88 -11.10
CA PRO A 621 -16.69 48.35 -10.49
C PRO A 621 -17.85 49.32 -10.57
N ILE A 622 -19.04 48.79 -10.82
CA ILE A 622 -20.26 49.59 -10.90
C ILE A 622 -20.72 49.93 -9.49
N LEU A 623 -21.26 51.13 -9.32
CA LEU A 623 -21.68 51.63 -8.01
C LEU A 623 -23.06 52.27 -8.13
N TYR A 624 -24.04 51.71 -7.44
CA TYR A 624 -25.39 52.23 -7.38
C TYR A 624 -25.64 52.89 -6.02
N ALA A 625 -26.52 53.89 -6.01
CA ALA A 625 -26.88 54.60 -4.79
C ALA A 625 -28.35 54.43 -4.49
N TYR A 626 -28.68 54.35 -3.20
CA TYR A 626 -30.05 54.12 -2.74
C TYR A 626 -30.38 55.14 -1.65
N SER A 627 -31.46 55.88 -1.84
CA SER A 627 -31.89 56.86 -0.85
C SER A 627 -33.37 57.16 -1.06
N PHE A 628 -33.94 57.92 -0.12
CA PHE A 628 -35.33 58.35 -0.25
C PHE A 628 -35.50 59.31 -1.42
N SER A 629 -34.50 60.15 -1.69
CA SER A 629 -34.58 61.17 -2.73
C SER A 629 -34.31 60.58 -4.11
N GLY A 630 -35.21 59.69 -4.54
CA GLY A 630 -35.15 59.15 -5.87
C GLY A 630 -34.91 57.65 -5.89
N PRO A 631 -35.24 57.01 -7.01
CA PRO A 631 -34.98 55.58 -7.18
C PRO A 631 -33.50 55.31 -7.30
N PRO A 632 -33.08 54.04 -7.28
CA PRO A 632 -31.65 53.73 -7.43
C PRO A 632 -31.07 54.30 -8.71
N GLU A 633 -29.86 54.87 -8.60
CA GLU A 633 -29.16 55.51 -9.70
C GLU A 633 -27.68 55.18 -9.61
N PRO A 634 -27.03 54.92 -10.74
CA PRO A 634 -25.57 54.70 -10.72
C PRO A 634 -24.84 55.99 -10.41
N VAL A 635 -23.78 55.87 -9.60
CA VAL A 635 -22.97 57.01 -9.19
C VAL A 635 -21.51 56.73 -9.48
N LEU A 636 -20.71 57.79 -9.43
CA LEU A 636 -19.30 57.72 -9.74
C LEU A 636 -18.54 56.91 -8.68
N LEU A 637 -17.38 56.39 -9.10
CA LEU A 637 -16.45 55.74 -8.17
C LEU A 637 -15.50 56.77 -7.55
N ASP A 638 -16.09 57.75 -6.87
CA ASP A 638 -15.36 58.81 -6.23
C ASP A 638 -15.74 58.88 -4.76
N SER A 639 -14.86 59.46 -3.96
CA SER A 639 -15.12 59.60 -2.53
C SER A 639 -16.33 60.48 -2.26
N SER A 640 -16.73 61.31 -3.23
CA SER A 640 -17.89 62.18 -3.07
C SER A 640 -19.21 61.43 -3.15
N SER A 641 -19.21 60.21 -3.68
CA SER A 641 -20.42 59.41 -3.77
C SER A 641 -20.78 58.72 -2.45
N ILE A 642 -19.94 58.84 -1.43
CA ILE A 642 -20.16 58.19 -0.15
C ILE A 642 -20.84 59.20 0.76
N LEU A 643 -22.17 59.19 0.75
CA LEU A 643 -22.97 60.06 1.60
C LEU A 643 -23.40 59.31 2.86
N ALA A 644 -23.88 60.08 3.84
CA ALA A 644 -24.30 59.49 5.10
C ALA A 644 -25.72 58.95 5.03
N ASP A 645 -26.62 59.64 4.32
CA ASP A 645 -28.00 59.22 4.18
C ASP A 645 -28.24 58.47 2.87
N ARG A 646 -27.32 57.59 2.49
CA ARG A 646 -27.43 56.88 1.22
C ARG A 646 -26.82 55.49 1.39
N ILE A 647 -27.44 54.51 0.73
CA ILE A 647 -26.94 53.13 0.71
C ILE A 647 -26.30 52.88 -0.64
N LEU A 648 -25.08 52.34 -0.63
CA LEU A 648 -24.34 52.05 -1.84
C LEU A 648 -24.29 50.56 -2.10
N LEU A 649 -24.23 50.19 -3.38
CA LEU A 649 -24.07 48.80 -3.82
C LEU A 649 -22.97 48.77 -4.87
N MET A 650 -21.74 48.49 -4.42
CA MET A 650 -20.62 48.36 -5.33
C MET A 650 -20.57 46.95 -5.90
N ASP A 651 -20.53 46.85 -7.22
CA ASP A 651 -20.46 45.56 -7.90
C ASP A 651 -19.07 45.41 -8.51
N THR A 652 -18.13 44.95 -7.69
CA THR A 652 -16.96 44.30 -8.24
C THR A 652 -17.39 42.95 -8.78
N PHE A 653 -16.79 42.51 -9.89
CA PHE A 653 -17.16 41.21 -10.42
C PHE A 653 -16.89 40.10 -9.41
N PHE A 654 -15.87 40.29 -8.56
CA PHE A 654 -15.50 39.26 -7.59
C PHE A 654 -16.20 39.41 -6.25
N GLN A 655 -16.76 40.58 -5.94
CA GLN A 655 -17.43 40.77 -4.67
C GLN A 655 -18.56 41.79 -4.81
N ILE A 656 -19.66 41.51 -4.12
CA ILE A 656 -20.82 42.41 -4.06
C ILE A 656 -20.89 42.98 -2.65
N LEU A 657 -20.83 44.31 -2.55
CA LEU A 657 -20.76 44.99 -1.27
C LEU A 657 -21.89 45.98 -1.14
N ILE A 658 -22.59 45.95 -0.01
CA ILE A 658 -23.63 46.91 0.33
C ILE A 658 -23.12 47.75 1.49
N TYR A 659 -23.05 49.06 1.29
CA TYR A 659 -22.52 49.99 2.27
C TYR A 659 -23.64 50.89 2.81
N HIS A 660 -23.66 51.07 4.12
CA HIS A 660 -24.62 51.93 4.79
C HIS A 660 -23.90 53.12 5.39
N GLY A 661 -24.40 54.32 5.10
CA GLY A 661 -23.82 55.53 5.66
C GLY A 661 -23.99 55.60 7.17
N GLU A 662 -23.37 56.62 7.76
CA GLU A 662 -23.41 56.78 9.21
C GLU A 662 -24.84 57.01 9.70
N THR A 663 -25.64 57.74 8.91
CA THR A 663 -27.03 58.01 9.31
C THR A 663 -27.87 56.73 9.24
N ILE A 664 -27.76 55.99 8.13
CA ILE A 664 -28.57 54.78 7.94
C ILE A 664 -28.03 53.60 8.74
N ALA A 665 -26.89 53.74 9.41
CA ALA A 665 -26.30 52.64 10.15
C ALA A 665 -27.07 52.32 11.43
N GLN A 666 -28.32 52.76 11.52
CA GLN A 666 -29.17 52.49 12.67
C GLN A 666 -29.42 51.00 12.84
N GLU A 679 -42.56 51.05 6.87
CA GLU A 679 -42.41 50.36 5.59
C GLU A 679 -41.43 51.09 4.68
N ASN A 680 -41.36 52.42 4.82
CA ASN A 680 -40.49 53.20 3.95
C ASN A 680 -39.01 52.91 4.22
N PHE A 681 -38.65 52.73 5.49
CA PHE A 681 -37.27 52.40 5.82
C PHE A 681 -36.93 50.95 5.49
N ARG A 682 -37.94 50.11 5.26
CA ARG A 682 -37.69 48.74 4.83
C ARG A 682 -37.42 48.67 3.33
N HIS A 683 -38.15 49.45 2.53
CA HIS A 683 -37.89 49.49 1.10
C HIS A 683 -36.47 49.95 0.79
N LEU A 684 -35.92 50.84 1.62
CA LEU A 684 -34.56 51.31 1.39
C LEU A 684 -33.53 50.29 1.84
N LEU A 685 -33.76 49.62 2.98
CA LEU A 685 -32.78 48.67 3.51
C LEU A 685 -32.68 47.41 2.66
N GLN A 686 -33.72 47.05 1.92
CA GLN A 686 -33.72 45.82 1.15
C GLN A 686 -33.68 46.04 -0.36
N ALA A 687 -33.73 47.30 -0.82
CA ALA A 687 -33.58 47.56 -2.24
C ALA A 687 -32.23 47.10 -2.78
N PRO A 688 -31.09 47.41 -2.15
CA PRO A 688 -29.83 46.85 -2.65
C PRO A 688 -29.73 45.35 -2.42
N VAL A 689 -30.34 44.83 -1.35
CA VAL A 689 -30.30 43.39 -1.10
C VAL A 689 -31.03 42.64 -2.20
N ASP A 690 -32.20 43.14 -2.62
CA ASP A 690 -32.92 42.52 -3.72
C ASP A 690 -32.12 42.57 -5.00
N ASP A 691 -31.59 43.76 -5.34
CA ASP A 691 -30.75 43.88 -6.53
C ASP A 691 -29.48 43.04 -6.42
N ALA A 692 -29.04 42.76 -5.19
CA ALA A 692 -27.88 41.90 -5.02
C ALA A 692 -28.20 40.45 -5.36
N GLN A 693 -29.37 39.97 -4.95
CA GLN A 693 -29.73 38.57 -5.16
C GLN A 693 -29.76 38.22 -6.65
N GLU A 694 -30.32 39.10 -7.48
CA GLU A 694 -30.47 38.81 -8.90
C GLU A 694 -29.12 38.53 -9.54
N ILE A 695 -28.17 39.47 -9.39
CA ILE A 695 -26.84 39.29 -9.97
C ILE A 695 -26.01 38.29 -9.19
N LEU A 696 -26.49 37.86 -8.02
CA LEU A 696 -25.79 36.87 -7.22
C LEU A 696 -26.23 35.46 -7.61
N HIS A 697 -26.54 35.25 -8.89
CA HIS A 697 -26.94 33.94 -9.35
C HIS A 697 -26.31 33.79 -10.73
N SER A 698 -26.71 34.65 -11.67
CA SER A 698 -26.29 34.49 -13.06
C SER A 698 -24.78 34.40 -13.18
N ARG A 699 -24.04 35.07 -12.29
CA ARG A 699 -22.59 35.04 -12.33
C ARG A 699 -22.09 33.65 -11.93
N PHE A 700 -21.29 33.03 -12.80
CA PHE A 700 -20.82 31.67 -12.52
C PHE A 700 -19.97 31.59 -11.27
N PRO A 701 -18.86 32.34 -11.13
CA PRO A 701 -18.17 32.35 -9.83
C PRO A 701 -18.91 33.27 -8.87
N MET A 702 -19.69 32.71 -7.96
CA MET A 702 -20.54 33.52 -7.10
C MET A 702 -19.69 34.50 -6.31
N PRO A 703 -19.89 35.80 -6.46
CA PRO A 703 -19.06 36.76 -5.74
C PRO A 703 -19.35 36.76 -4.25
N ARG A 704 -18.32 37.08 -3.47
CA ARG A 704 -18.47 37.14 -2.02
C ARG A 704 -19.34 38.32 -1.63
N TYR A 705 -20.29 38.08 -0.74
CA TYR A 705 -21.21 39.12 -0.28
C TYR A 705 -20.69 39.76 1.00
N ILE A 706 -20.83 41.07 1.10
CA ILE A 706 -20.34 41.82 2.25
C ILE A 706 -21.38 42.86 2.63
N ASP A 707 -21.85 42.81 3.87
CA ASP A 707 -22.76 43.79 4.44
C ASP A 707 -21.99 44.58 5.50
N THR A 708 -21.72 45.85 5.21
CA THR A 708 -20.93 46.70 6.09
C THR A 708 -21.53 48.09 6.13
N GLU A 709 -20.97 48.94 6.98
CA GLU A 709 -21.43 50.31 7.14
C GLU A 709 -20.24 51.19 7.52
N HIS A 710 -20.53 52.46 7.79
CA HIS A 710 -19.48 53.40 8.16
C HIS A 710 -18.84 52.98 9.48
N GLY A 711 -17.51 53.06 9.52
CA GLY A 711 -16.75 52.60 10.66
C GLY A 711 -16.49 51.11 10.71
N GLY A 712 -17.25 50.31 9.95
CA GLY A 712 -16.99 48.89 9.92
C GLY A 712 -15.68 48.57 9.24
N SER A 713 -15.14 47.40 9.58
CA SER A 713 -13.84 47.00 9.04
C SER A 713 -13.94 46.68 7.55
N GLN A 714 -15.05 46.10 7.13
CA GLN A 714 -15.20 45.67 5.75
C GLN A 714 -15.49 46.82 4.79
N ALA A 715 -15.58 48.05 5.29
CA ALA A 715 -15.71 49.21 4.40
C ALA A 715 -14.42 49.52 3.65
N ARG A 716 -13.32 48.84 4.00
CA ARG A 716 -12.05 49.08 3.34
C ARG A 716 -12.11 48.76 1.85
N PHE A 717 -12.91 47.77 1.46
CA PHE A 717 -12.98 47.37 0.06
C PHE A 717 -13.57 48.49 -0.80
N LEU A 718 -14.57 49.19 -0.27
CA LEU A 718 -15.17 50.29 -1.02
C LEU A 718 -14.22 51.48 -1.11
N LEU A 719 -13.45 51.74 -0.05
CA LEU A 719 -12.60 52.92 0.02
C LEU A 719 -11.35 52.78 -0.85
N SER A 720 -10.96 51.57 -1.23
CA SER A 720 -9.76 51.38 -2.03
C SER A 720 -10.05 51.31 -3.52
N LYS A 721 -11.25 50.88 -3.91
CA LYS A 721 -11.66 50.91 -5.31
C LYS A 721 -12.17 52.27 -5.75
N VAL A 722 -12.46 53.16 -4.80
CA VAL A 722 -13.13 54.43 -5.07
C VAL A 722 -12.08 55.48 -5.44
N ASN A 723 -12.45 56.75 -5.38
CA ASN A 723 -11.53 57.88 -5.57
C ASN A 723 -11.03 57.98 -7.01
N VAL A 747 -2.10 59.66 -8.41
CA VAL A 747 -2.82 59.78 -7.16
C VAL A 747 -4.27 59.56 -7.44
N SER A 748 -5.01 60.65 -7.62
CA SER A 748 -6.42 60.57 -7.90
C SER A 748 -6.64 60.88 -9.35
N LEU A 749 -7.83 60.59 -9.82
CA LEU A 749 -8.10 60.76 -11.25
C LEU A 749 -7.93 62.21 -11.69
N GLN A 750 -8.29 63.16 -10.82
CA GLN A 750 -8.13 64.57 -11.16
C GLN A 750 -6.67 64.90 -11.42
N VAL A 751 -5.77 64.45 -10.54
CA VAL A 751 -4.34 64.67 -10.74
C VAL A 751 -3.84 63.85 -11.92
N PHE A 752 -4.37 62.64 -12.09
CA PHE A 752 -3.94 61.78 -13.20
C PHE A 752 -4.27 62.41 -14.55
N MET A 753 -5.42 63.07 -14.65
CA MET A 753 -5.79 63.70 -15.92
C MET A 753 -4.94 64.93 -16.21
N ASP A 754 -4.68 65.75 -15.18
CA ASP A 754 -3.88 66.95 -15.38
C ASP A 754 -2.46 66.60 -15.82
N HIS A 755 -1.85 65.59 -15.19
CA HIS A 755 -0.53 65.15 -15.62
C HIS A 755 -0.57 64.57 -17.03
N LEU A 756 -1.69 63.94 -17.41
CA LEU A 756 -1.81 63.41 -18.76
C LEU A 756 -1.91 64.52 -19.80
N LYS A 757 -2.64 65.60 -19.47
CA LYS A 757 -2.77 66.70 -20.42
C LYS A 757 -1.45 67.44 -20.61
N LYS A 758 -0.64 67.55 -19.56
CA LYS A 758 0.64 68.24 -19.68
C LYS A 758 1.59 67.52 -20.61
N LEU A 759 1.46 66.19 -20.72
CA LEU A 759 2.32 65.42 -21.61
C LEU A 759 1.73 65.25 -23.01
N ALA A 760 0.41 65.39 -23.15
CA ALA A 760 -0.22 65.27 -24.47
C ALA A 760 -0.06 66.53 -25.30
N VAL A 761 -0.03 67.70 -24.65
CA VAL A 761 0.08 68.97 -25.38
C VAL A 761 1.53 69.38 -25.62
N SER A 762 2.50 68.66 -25.07
CA SER A 762 3.90 69.03 -25.14
C SER A 762 4.41 67.81 -25.92
N SER A 763 5.71 67.55 -25.99
CA SER A 763 6.43 66.84 -27.04
C SER A 763 5.75 65.52 -27.38
N ALA A 764 5.90 65.11 -28.64
CA ALA A 764 5.33 63.85 -29.11
C ALA A 764 6.44 62.82 -29.34
N GLU B 1 17.80 -57.93 27.25
CA GLU B 1 19.12 -57.32 27.18
C GLU B 1 20.05 -58.13 26.29
N GLY B 2 21.30 -57.68 26.15
CA GLY B 2 22.23 -58.40 25.31
C GLY B 2 23.60 -57.75 25.14
N LEU B 3 24.61 -58.36 25.75
CA LEU B 3 26.01 -58.09 25.42
C LEU B 3 26.48 -58.91 24.22
N ARG B 4 25.64 -59.81 23.72
CA ARG B 4 26.04 -60.78 22.71
C ARG B 4 26.32 -60.11 21.37
N VAL B 5 27.07 -60.83 20.53
CA VAL B 5 27.39 -60.41 19.17
C VAL B 5 26.40 -61.06 18.22
N VAL B 6 25.99 -60.33 17.19
CA VAL B 6 24.97 -60.76 16.26
C VAL B 6 25.60 -60.92 14.87
N ASN B 7 25.25 -62.01 14.18
CA ASN B 7 25.67 -62.27 12.81
C ASN B 7 24.52 -61.88 11.89
N LEU B 8 24.62 -60.71 11.27
CA LEU B 8 23.53 -60.18 10.46
C LEU B 8 23.22 -61.04 9.24
N LEU B 9 24.15 -61.92 8.84
CA LEU B 9 23.91 -62.76 7.67
C LEU B 9 23.10 -64.00 7.99
N GLN B 10 23.03 -64.42 9.25
CA GLN B 10 22.31 -65.62 9.64
C GLN B 10 20.94 -65.33 10.24
N GLU B 11 20.79 -64.22 10.97
CA GLU B 11 19.51 -63.87 11.57
C GLU B 11 18.50 -63.54 10.48
N ARG B 12 18.69 -62.40 9.82
CA ARG B 12 17.84 -61.89 8.75
C ARG B 12 16.40 -61.65 9.22
N ASN B 13 16.15 -61.68 10.52
CA ASN B 13 14.84 -61.38 11.08
C ASN B 13 15.01 -60.68 12.42
N MET B 14 15.91 -59.70 12.48
CA MET B 14 16.30 -59.05 13.72
C MET B 14 15.34 -57.96 14.16
N LEU B 15 14.49 -57.47 13.27
CA LEU B 15 13.58 -56.38 13.63
C LEU B 15 12.57 -56.85 14.66
N PRO B 16 12.43 -56.16 15.79
CA PRO B 16 11.51 -56.60 16.83
C PRO B 16 10.06 -56.34 16.46
N SER B 17 9.17 -57.12 17.08
CA SER B 17 7.74 -56.99 16.84
C SER B 17 7.13 -55.80 17.58
N THR B 18 7.74 -55.35 18.67
CA THR B 18 7.28 -54.20 19.43
C THR B 18 8.08 -52.97 19.07
N PRO B 19 7.53 -51.77 19.30
CA PRO B 19 8.26 -50.55 18.94
C PRO B 19 9.60 -50.45 19.67
N LEU B 20 10.56 -49.82 18.99
CA LEU B 20 11.89 -49.65 19.56
C LEU B 20 11.86 -48.63 20.69
N LYS B 21 12.51 -48.97 21.80
CA LYS B 21 12.62 -48.05 22.92
C LYS B 21 14.04 -47.50 23.03
N PRO B 22 14.19 -46.24 23.41
CA PRO B 22 15.53 -45.67 23.51
C PRO B 22 16.33 -46.36 24.60
N PRO B 23 17.65 -46.48 24.42
CA PRO B 23 18.48 -47.15 25.42
C PRO B 23 18.48 -46.40 26.74
N VAL B 24 18.79 -47.13 27.81
CA VAL B 24 18.91 -46.57 29.15
C VAL B 24 20.39 -46.35 29.43
N PRO B 25 20.83 -45.13 29.72
CA PRO B 25 22.25 -44.90 29.99
C PRO B 25 22.73 -45.70 31.19
N ASN B 26 23.97 -46.20 31.10
CA ASN B 26 24.55 -47.01 32.16
C ASN B 26 24.87 -46.14 33.37
N LEU B 27 23.84 -45.73 34.10
CA LEU B 27 23.98 -44.83 35.24
C LEU B 27 23.46 -45.49 36.51
N HIS B 28 23.83 -44.89 37.65
CA HIS B 28 23.31 -45.34 38.93
C HIS B 28 21.79 -45.21 38.95
N GLU B 29 21.16 -46.02 39.81
CA GLU B 29 19.70 -46.10 39.81
C GLU B 29 19.07 -44.76 40.17
N ASP B 30 19.57 -44.10 41.22
CA ASP B 30 19.00 -42.84 41.66
C ASP B 30 19.27 -41.71 40.67
N ILE B 31 20.33 -41.80 39.87
CA ILE B 31 20.61 -40.75 38.89
C ILE B 31 19.76 -40.95 37.64
N GLN B 32 19.60 -42.19 37.19
CA GLN B 32 18.83 -42.43 35.97
C GLN B 32 17.35 -42.11 36.16
N LYS B 33 16.81 -42.36 37.35
CA LYS B 33 15.39 -42.09 37.58
C LYS B 33 15.05 -40.61 37.48
N LEU B 34 16.03 -39.72 37.66
CA LEU B 34 15.83 -38.29 37.51
C LEU B 34 16.25 -37.77 36.15
N ASN B 35 16.72 -38.64 35.26
CA ASN B 35 17.21 -38.19 33.96
C ASN B 35 16.06 -37.63 33.13
N CYS B 36 16.43 -36.85 32.11
CA CYS B 36 15.45 -36.24 31.23
C CYS B 36 14.69 -37.29 30.43
N ASN B 37 13.46 -36.96 30.07
CA ASN B 37 12.65 -37.87 29.25
C ASN B 37 13.33 -38.05 27.89
N PRO B 38 13.51 -39.30 27.44
CA PRO B 38 14.22 -39.52 26.16
C PRO B 38 13.47 -38.99 24.94
N GLU B 39 12.19 -38.65 25.06
CA GLU B 39 11.48 -38.05 23.94
C GLU B 39 11.88 -36.60 23.72
N LEU B 40 12.25 -35.90 24.79
CA LEU B 40 12.65 -34.50 24.71
C LEU B 40 14.13 -34.32 24.37
N PHE B 41 14.98 -35.24 24.85
CA PHE B 41 16.42 -35.05 24.80
C PHE B 41 17.08 -36.42 24.78
N ARG B 42 17.94 -36.66 23.78
CA ARG B 42 18.61 -37.94 23.70
C ARG B 42 19.93 -37.77 22.95
N CYS B 43 20.82 -38.76 23.13
CA CYS B 43 22.17 -38.71 22.60
C CYS B 43 22.43 -39.95 21.76
N THR B 44 23.29 -39.79 20.76
CA THR B 44 23.64 -40.92 19.90
C THR B 44 24.48 -41.95 20.63
N LEU B 45 25.26 -41.52 21.62
CA LEU B 45 26.09 -42.43 22.42
C LEU B 45 25.77 -42.19 23.89
N THR B 46 24.95 -43.07 24.48
CA THR B 46 24.60 -42.93 25.89
C THR B 46 25.80 -43.09 26.80
N SER B 47 26.90 -43.67 26.30
CA SER B 47 28.18 -43.71 27.00
C SER B 47 29.14 -42.81 26.23
N ILE B 48 29.45 -41.65 26.80
CA ILE B 48 30.28 -40.66 26.11
C ILE B 48 31.73 -41.13 26.09
N PRO B 49 32.42 -41.08 24.96
CA PRO B 49 33.84 -41.46 24.94
C PRO B 49 34.68 -40.49 25.76
N GLN B 50 35.68 -41.04 26.45
CA GLN B 50 36.51 -40.21 27.33
C GLN B 50 37.40 -39.27 26.53
N THR B 51 37.87 -39.70 25.36
CA THR B 51 38.75 -38.89 24.53
C THR B 51 38.22 -38.83 23.10
N GLN B 52 38.73 -37.87 22.35
CA GLN B 52 38.38 -37.79 20.93
C GLN B 52 38.98 -38.94 20.14
N ALA B 53 40.16 -39.43 20.56
CA ALA B 53 40.77 -40.57 19.89
C ALA B 53 39.89 -41.81 20.00
N LEU B 54 39.31 -42.03 21.18
CA LEU B 54 38.40 -43.16 21.34
C LEU B 54 37.16 -43.00 20.48
N LEU B 55 36.64 -41.77 20.38
CA LEU B 55 35.48 -41.52 19.53
C LEU B 55 35.80 -41.78 18.06
N ASN B 56 36.98 -41.35 17.61
CA ASN B 56 37.39 -41.61 16.24
C ASN B 56 37.55 -43.10 15.96
N LYS B 57 37.98 -43.87 16.96
CA LYS B 57 38.12 -45.30 16.78
C LYS B 57 36.77 -45.96 16.52
N ALA B 58 35.73 -45.54 17.24
CA ALA B 58 34.41 -46.13 17.08
C ALA B 58 33.78 -45.77 15.73
N LYS B 59 34.24 -44.70 15.08
CA LYS B 59 33.74 -44.27 13.78
C LYS B 59 32.24 -44.02 13.81
N LEU B 60 31.71 -43.58 14.96
CA LEU B 60 30.31 -43.24 15.11
C LEU B 60 30.18 -41.76 15.49
N PRO B 61 29.11 -41.11 15.03
CA PRO B 61 28.95 -39.68 15.34
C PRO B 61 28.44 -39.46 16.76
N LEU B 62 29.01 -38.45 17.42
CA LEU B 62 28.57 -38.03 18.74
C LEU B 62 27.73 -36.76 18.59
N GLY B 63 26.50 -36.81 19.08
CA GLY B 63 25.62 -35.65 18.98
C GLY B 63 24.37 -35.83 19.79
N LEU B 64 23.58 -34.75 19.83
CA LEU B 64 22.35 -34.70 20.60
C LEU B 64 21.17 -34.39 19.68
N LEU B 65 20.03 -35.02 19.95
CA LEU B 65 18.78 -34.74 19.27
C LEU B 65 17.76 -34.33 20.32
N LEU B 66 17.18 -33.14 20.17
CA LEU B 66 16.30 -32.57 21.17
C LEU B 66 14.99 -32.12 20.56
N HIS B 67 13.93 -32.18 21.36
CA HIS B 67 12.59 -31.73 21.00
C HIS B 67 12.11 -30.82 22.13
N PRO B 68 12.68 -29.61 22.25
CA PRO B 68 12.56 -28.86 23.51
C PRO B 68 11.16 -28.36 23.80
N PHE B 69 10.34 -28.06 22.80
CA PHE B 69 9.03 -27.45 23.02
C PHE B 69 7.89 -28.46 22.89
N LYS B 70 8.20 -29.75 22.91
CA LYS B 70 7.19 -30.79 22.77
C LYS B 70 6.07 -30.61 23.81
N ASP B 71 4.85 -30.95 23.41
CA ASP B 71 3.72 -30.93 24.33
C ASP B 71 3.94 -31.93 25.45
N LEU B 72 3.78 -31.48 26.69
CA LEU B 72 4.03 -32.29 27.86
C LEU B 72 2.72 -32.65 28.57
N VAL B 73 2.73 -33.81 29.23
CA VAL B 73 1.58 -34.19 30.04
C VAL B 73 1.58 -33.44 31.37
N GLN B 74 2.77 -33.10 31.87
CA GLN B 74 2.90 -32.42 33.16
C GLN B 74 4.21 -31.65 33.18
N LEU B 75 4.15 -30.39 33.58
CA LEU B 75 5.33 -29.52 33.57
C LEU B 75 5.42 -28.71 34.85
N PRO B 76 6.49 -28.89 35.63
CA PRO B 76 6.66 -28.06 36.83
C PRO B 76 7.04 -26.63 36.46
N VAL B 77 6.29 -25.66 36.97
CA VAL B 77 6.49 -24.26 36.67
C VAL B 77 6.95 -23.58 37.96
N VAL B 78 8.24 -23.28 38.04
CA VAL B 78 8.81 -22.57 39.18
C VAL B 78 8.72 -21.08 38.92
N THR B 79 8.13 -20.36 39.87
CA THR B 79 7.99 -18.91 39.81
C THR B 79 8.88 -18.21 40.83
N SER B 80 10.11 -18.72 40.99
CA SER B 80 11.01 -18.20 42.01
C SER B 80 11.40 -16.76 41.72
N SER B 81 11.47 -15.95 42.78
CA SER B 81 11.89 -14.57 42.64
C SER B 81 13.34 -14.46 42.19
N THR B 82 14.13 -15.52 42.37
CA THR B 82 15.50 -15.57 41.90
C THR B 82 15.72 -16.89 41.17
N ILE B 83 16.50 -16.84 40.09
CA ILE B 83 16.83 -18.03 39.32
C ILE B 83 18.25 -18.42 39.69
N VAL B 84 18.40 -19.55 40.37
CA VAL B 84 19.71 -20.00 40.83
C VAL B 84 20.49 -20.49 39.61
N ARG B 85 21.57 -19.78 39.28
CA ARG B 85 22.39 -20.11 38.13
C ARG B 85 23.86 -20.03 38.52
N CYS B 86 24.67 -20.85 37.88
CA CYS B 86 26.10 -20.86 38.18
C CYS B 86 26.72 -19.53 37.81
N ARG B 87 27.56 -19.00 38.71
CA ARG B 87 28.15 -17.68 38.52
C ARG B 87 29.18 -17.63 37.39
N SER B 88 29.64 -18.78 36.90
CA SER B 88 30.66 -18.82 35.85
C SER B 88 30.06 -19.00 34.47
N CYS B 89 29.41 -20.13 34.22
CA CYS B 89 28.88 -20.46 32.90
C CYS B 89 27.37 -20.32 32.81
N ARG B 90 26.72 -19.80 33.86
CA ARG B 90 25.29 -19.51 33.86
C ARG B 90 24.44 -20.76 33.67
N THR B 91 24.98 -21.92 34.04
CA THR B 91 24.20 -23.15 33.97
C THR B 91 23.14 -23.16 35.06
N TYR B 92 21.95 -23.62 34.71
CA TYR B 92 20.84 -23.67 35.65
C TYR B 92 21.02 -24.80 36.66
N ILE B 93 20.56 -24.55 37.89
CA ILE B 93 20.62 -25.55 38.95
C ILE B 93 19.77 -26.74 38.55
N ASN B 94 20.41 -27.88 38.33
CA ASN B 94 19.78 -29.05 37.74
C ASN B 94 19.93 -30.25 38.67
N PRO B 95 19.15 -31.31 38.45
CA PRO B 95 19.21 -32.48 39.36
C PRO B 95 20.56 -33.15 39.44
N PHE B 96 21.50 -32.84 38.54
CA PHE B 96 22.77 -33.55 38.47
C PHE B 96 23.94 -32.71 39.00
N VAL B 97 23.65 -31.67 39.78
CA VAL B 97 24.69 -30.93 40.48
C VAL B 97 25.20 -31.79 41.63
N SER B 98 26.24 -31.33 42.31
CA SER B 98 26.86 -32.07 43.42
C SER B 98 26.78 -31.22 44.68
N PHE B 99 25.74 -31.44 45.48
CA PHE B 99 25.64 -30.77 46.76
C PHE B 99 26.65 -31.36 47.73
N LEU B 100 27.45 -30.48 48.36
CA LEU B 100 28.45 -30.91 49.34
C LEU B 100 28.19 -30.27 50.69
N ASP B 101 28.44 -28.96 50.84
CA ASP B 101 28.27 -28.30 52.12
C ASP B 101 26.80 -28.06 52.49
N GLN B 102 25.86 -28.54 51.67
CA GLN B 102 24.42 -28.33 51.86
C GLN B 102 24.04 -26.86 51.73
N ARG B 103 25.04 -25.98 51.69
CA ARG B 103 24.85 -24.57 51.36
C ARG B 103 25.78 -24.15 50.21
N ARG B 104 26.47 -25.11 49.59
CA ARG B 104 27.32 -24.87 48.43
C ARG B 104 27.15 -26.06 47.49
N TRP B 105 26.83 -25.77 46.23
CA TRP B 105 26.63 -26.80 45.22
C TRP B 105 27.69 -26.70 44.13
N LYS B 106 28.19 -27.85 43.70
CA LYS B 106 29.20 -27.90 42.65
C LYS B 106 28.51 -28.00 41.29
N CYS B 107 28.82 -27.04 40.42
CA CYS B 107 28.24 -27.02 39.09
C CYS B 107 28.70 -28.23 38.27
N ASN B 108 27.75 -28.92 37.66
CA ASN B 108 28.07 -30.13 36.90
C ASN B 108 28.50 -29.84 35.47
N LEU B 109 28.73 -28.59 35.12
CA LEU B 109 29.20 -28.23 33.79
C LEU B 109 30.54 -27.50 33.79
N CYS B 110 30.80 -26.66 34.79
CA CYS B 110 32.08 -25.97 34.90
C CYS B 110 32.79 -26.23 36.23
N TYR B 111 32.25 -27.09 37.08
CA TYR B 111 32.88 -27.57 38.31
C TYR B 111 33.10 -26.49 39.35
N ARG B 112 32.58 -25.28 39.12
CA ARG B 112 32.68 -24.23 40.12
C ARG B 112 31.64 -24.44 41.22
N VAL B 113 32.07 -24.21 42.46
CA VAL B 113 31.17 -24.27 43.60
C VAL B 113 30.44 -22.94 43.73
N ASN B 114 29.12 -22.99 43.91
CA ASN B 114 28.30 -21.80 44.05
C ASN B 114 27.57 -21.82 45.38
N ASP B 115 27.24 -20.62 45.86
CA ASP B 115 26.58 -20.46 47.16
C ASP B 115 25.07 -20.56 46.99
N VAL B 116 24.44 -21.41 47.78
CA VAL B 116 23.02 -21.62 47.71
C VAL B 116 22.31 -20.59 48.51
N PRO B 117 21.58 -19.69 47.86
CA PRO B 117 20.89 -18.64 48.61
C PRO B 117 19.74 -19.13 49.48
N GLU B 118 19.40 -18.27 50.42
CA GLU B 118 18.42 -18.54 51.46
C GLU B 118 17.06 -18.87 50.90
N GLU B 119 16.71 -18.22 49.82
CA GLU B 119 15.38 -18.40 49.27
C GLU B 119 15.17 -19.85 48.92
N PHE B 120 16.27 -20.51 48.63
CA PHE B 120 16.22 -21.89 48.24
C PHE B 120 15.63 -22.79 49.31
N LEU B 121 15.90 -22.56 50.59
CA LEU B 121 15.28 -23.42 51.59
C LEU B 121 13.77 -23.17 51.77
N GLU B 131 17.30 -28.72 53.45
CA GLU B 131 16.83 -29.66 52.44
C GLU B 131 16.76 -29.03 51.06
N PRO B 132 17.87 -28.40 50.62
CA PRO B 132 18.04 -27.70 49.36
C PRO B 132 17.85 -28.62 48.18
N HIS B 133 18.27 -29.86 48.31
CA HIS B 133 18.14 -30.85 47.25
C HIS B 133 16.73 -31.34 46.99
N ARG B 134 15.79 -31.08 47.87
CA ARG B 134 14.44 -31.53 47.66
C ARG B 134 13.61 -30.51 46.90
N ARG B 135 14.19 -29.36 46.62
CA ARG B 135 13.56 -28.29 45.88
C ARG B 135 13.39 -28.78 44.45
N PRO B 136 12.30 -28.39 43.80
CA PRO B 136 11.92 -28.81 42.46
C PRO B 136 12.96 -28.55 41.43
N GLU B 137 13.71 -27.48 41.52
CA GLU B 137 14.72 -27.26 40.49
C GLU B 137 15.77 -28.37 40.47
N VAL B 138 15.85 -29.18 41.52
CA VAL B 138 16.81 -30.27 41.61
C VAL B 138 16.14 -31.64 41.54
N GLN B 139 14.81 -31.68 41.48
CA GLN B 139 14.07 -32.94 41.38
C GLN B 139 13.44 -33.15 40.01
N ASN B 140 13.67 -32.24 39.07
CA ASN B 140 13.06 -32.34 37.74
C ASN B 140 14.08 -31.94 36.70
N ALA B 141 14.35 -32.86 35.76
CA ALA B 141 15.23 -32.55 34.64
C ALA B 141 14.56 -31.66 33.61
N THR B 142 13.24 -31.59 33.61
CA THR B 142 12.47 -30.70 32.75
C THR B 142 11.66 -29.75 33.63
N ILE B 143 11.82 -28.46 33.40
CA ILE B 143 11.23 -27.45 34.27
C ILE B 143 11.09 -26.16 33.47
N GLU B 144 10.10 -25.35 33.83
CA GLU B 144 9.84 -24.08 33.17
C GLU B 144 9.88 -22.96 34.20
N PHE B 145 10.76 -21.99 33.99
CA PHE B 145 10.93 -20.84 34.88
C PHE B 145 10.15 -19.64 34.37
N MET B 146 9.87 -18.72 35.28
CA MET B 146 9.30 -17.41 34.95
C MET B 146 10.45 -16.41 34.91
N ALA B 147 10.80 -15.96 33.70
CA ALA B 147 11.98 -15.13 33.53
C ALA B 147 11.77 -13.77 34.21
N PRO B 148 12.78 -13.26 34.94
CA PRO B 148 12.64 -11.94 35.56
C PRO B 148 12.75 -10.81 34.56
N SER B 149 12.96 -9.58 35.05
CA SER B 149 12.85 -8.40 34.19
C SER B 149 14.01 -8.30 33.21
N GLU B 150 15.21 -8.71 33.62
CA GLU B 150 16.40 -8.55 32.78
C GLU B 150 16.49 -9.58 31.67
N TYR B 151 15.58 -10.56 31.65
CA TYR B 151 15.64 -11.65 30.66
C TYR B 151 14.83 -11.33 29.41
N MET B 152 14.68 -10.05 29.07
CA MET B 152 13.93 -9.66 27.89
C MET B 152 14.45 -8.31 27.39
N LEU B 153 14.54 -8.16 26.07
CA LEU B 153 15.03 -6.94 25.46
C LEU B 153 13.94 -5.90 25.29
N ARG B 154 12.68 -6.27 25.44
CA ARG B 154 11.56 -5.37 25.23
C ARG B 154 10.35 -5.97 25.94
N PRO B 155 9.28 -5.19 26.12
CA PRO B 155 8.05 -5.75 26.69
C PRO B 155 7.59 -6.96 25.88
N PRO B 156 6.96 -7.94 26.55
CA PRO B 156 6.49 -9.14 25.83
C PRO B 156 5.63 -8.80 24.63
N GLN B 157 6.03 -9.28 23.46
CA GLN B 157 5.33 -8.89 22.25
C GLN B 157 3.98 -9.62 22.15
N PRO B 158 2.98 -8.97 21.57
CA PRO B 158 1.70 -9.63 21.37
C PRO B 158 1.79 -10.65 20.25
N PRO B 159 0.88 -11.64 20.23
CA PRO B 159 0.87 -12.60 19.11
C PRO B 159 0.36 -11.93 17.85
N VAL B 160 1.18 -11.98 16.79
CA VAL B 160 0.84 -11.35 15.51
C VAL B 160 0.88 -12.43 14.43
N TYR B 161 -0.24 -12.61 13.75
CA TYR B 161 -0.37 -13.60 12.69
C TYR B 161 -0.65 -12.90 11.38
N LEU B 162 0.24 -13.06 10.41
CA LEU B 162 0.08 -12.47 9.08
C LEU B 162 0.01 -13.59 8.06
N PHE B 163 -1.12 -13.68 7.35
CA PHE B 163 -1.34 -14.71 6.34
C PHE B 163 -1.19 -14.09 4.96
N VAL B 164 -0.29 -14.67 4.16
CA VAL B 164 0.03 -14.16 2.83
C VAL B 164 -0.35 -15.23 1.82
N PHE B 165 -1.25 -14.87 0.89
CA PHE B 165 -1.84 -15.82 -0.05
C PHE B 165 -1.45 -15.46 -1.47
N ASP B 166 -1.00 -16.45 -2.23
CA ASP B 166 -0.83 -16.30 -3.67
C ASP B 166 -2.18 -16.42 -4.35
N VAL B 167 -2.50 -15.49 -5.23
CA VAL B 167 -3.82 -15.43 -5.85
C VAL B 167 -3.71 -15.37 -7.37
N SER B 168 -2.61 -15.89 -7.91
CA SER B 168 -2.42 -15.91 -9.35
C SER B 168 -3.43 -16.85 -10.01
N HIS B 169 -3.39 -16.92 -11.35
CA HIS B 169 -4.32 -17.79 -12.08
C HIS B 169 -4.14 -19.24 -11.69
N ASN B 170 -2.88 -19.70 -11.55
CA ASN B 170 -2.63 -21.07 -11.16
C ASN B 170 -3.12 -21.34 -9.74
N ALA B 171 -2.92 -20.38 -8.84
CA ALA B 171 -3.36 -20.56 -7.45
C ALA B 171 -4.88 -20.69 -7.37
N VAL B 172 -5.60 -19.87 -8.14
CA VAL B 172 -7.06 -19.94 -8.12
C VAL B 172 -7.53 -21.29 -8.65
N GLU B 173 -6.81 -21.84 -9.64
CA GLU B 173 -7.21 -23.13 -10.19
C GLU B 173 -7.05 -24.27 -9.19
N THR B 174 -6.05 -24.19 -8.30
CA THR B 174 -5.89 -25.22 -7.29
C THR B 174 -7.00 -25.19 -6.26
N GLY B 175 -7.60 -24.02 -6.04
CA GLY B 175 -8.70 -23.89 -5.09
C GLY B 175 -8.31 -24.07 -3.65
N TYR B 176 -7.04 -23.80 -3.30
CA TYR B 176 -6.61 -23.97 -1.92
C TYR B 176 -7.18 -22.88 -1.02
N LEU B 177 -7.42 -21.68 -1.56
CA LEU B 177 -7.84 -20.55 -0.74
C LEU B 177 -9.15 -20.84 -0.01
N ASN B 178 -10.02 -21.65 -0.61
CA ASN B 178 -11.33 -21.93 -0.01
C ASN B 178 -11.16 -22.68 1.31
N SER B 179 -10.40 -23.77 1.30
CA SER B 179 -10.27 -24.59 2.50
C SER B 179 -9.43 -23.89 3.58
N VAL B 180 -8.43 -23.10 3.17
CA VAL B 180 -7.60 -22.40 4.15
C VAL B 180 -8.40 -21.33 4.87
N CYS B 181 -9.22 -20.58 4.12
CA CYS B 181 -10.09 -19.60 4.75
C CYS B 181 -11.14 -20.26 5.64
N GLN B 182 -11.57 -21.48 5.28
CA GLN B 182 -12.51 -22.20 6.12
C GLN B 182 -11.85 -22.67 7.41
N SER B 183 -10.56 -23.03 7.36
CA SER B 183 -9.85 -23.43 8.56
C SER B 183 -9.69 -22.26 9.52
N LEU B 184 -9.39 -21.07 8.98
CA LEU B 184 -9.22 -19.90 9.83
C LEU B 184 -10.53 -19.51 10.51
N LEU B 185 -11.65 -19.59 9.79
CA LEU B 185 -12.94 -19.28 10.40
C LEU B 185 -13.26 -20.26 11.52
N ASP B 186 -13.01 -21.55 11.30
CA ASP B 186 -13.31 -22.55 12.33
C ASP B 186 -12.35 -22.48 13.50
N ASN B 187 -11.13 -21.95 13.29
CA ASN B 187 -10.10 -21.92 14.32
C ASN B 187 -9.75 -20.50 14.74
N LEU B 188 -10.65 -19.54 14.50
CA LEU B 188 -10.35 -18.16 14.86
C LEU B 188 -10.25 -17.99 16.38
N ASP B 189 -11.17 -18.60 17.13
CA ASP B 189 -11.13 -18.51 18.58
C ASP B 189 -10.06 -19.40 19.19
N LEU B 190 -9.54 -20.37 18.46
CA LEU B 190 -8.54 -21.30 18.98
C LEU B 190 -7.11 -20.86 18.73
N LEU B 191 -6.91 -19.71 18.09
CA LEU B 191 -5.55 -19.22 17.89
C LEU B 191 -4.95 -18.84 19.25
N PRO B 192 -3.69 -19.19 19.49
CA PRO B 192 -3.06 -18.80 20.76
C PRO B 192 -2.93 -17.29 20.88
N GLY B 193 -3.26 -16.78 22.05
CA GLY B 193 -3.14 -15.36 22.33
C GLY B 193 -4.28 -14.86 23.20
N ASN B 194 -4.05 -13.70 23.81
CA ASN B 194 -5.06 -13.05 24.65
C ASN B 194 -5.51 -11.83 23.85
N THR B 195 -6.11 -10.86 24.53
CA THR B 195 -6.76 -9.73 23.86
C THR B 195 -5.78 -8.85 23.09
N ARG B 196 -4.48 -9.15 23.15
CA ARG B 196 -3.49 -8.40 22.40
C ARG B 196 -3.20 -9.00 21.03
N THR B 197 -3.90 -10.09 20.68
CA THR B 197 -3.63 -10.77 19.42
C THR B 197 -3.95 -9.87 18.23
N LYS B 198 -3.05 -9.85 17.25
CA LYS B 198 -3.23 -9.10 16.03
C LYS B 198 -3.15 -10.04 14.83
N ILE B 199 -3.97 -9.78 13.82
CA ILE B 199 -4.05 -10.61 12.63
C ILE B 199 -4.09 -9.70 11.40
N GLY B 200 -3.42 -10.14 10.33
CA GLY B 200 -3.39 -9.39 9.10
C GLY B 200 -3.50 -10.31 7.90
N PHE B 201 -3.65 -9.70 6.72
CA PHE B 201 -3.87 -10.46 5.49
C PHE B 201 -3.24 -9.74 4.32
N ILE B 202 -2.58 -10.51 3.45
CA ILE B 202 -1.99 -10.01 2.22
C ILE B 202 -2.22 -11.03 1.12
N THR B 203 -2.70 -10.58 -0.03
CA THR B 203 -2.72 -11.39 -1.23
C THR B 203 -1.82 -10.75 -2.27
N PHE B 204 -1.31 -11.55 -3.19
CA PHE B 204 -0.43 -11.07 -4.23
C PHE B 204 -0.49 -11.90 -5.51
N ASP B 205 -0.02 -11.32 -6.60
CA ASP B 205 0.07 -11.98 -7.89
C ASP B 205 1.13 -11.17 -8.58
N SER B 206 0.75 -10.32 -9.52
CA SER B 206 1.76 -9.40 -10.04
C SER B 206 1.92 -8.17 -9.16
N THR B 207 0.98 -7.93 -8.24
CA THR B 207 1.03 -6.79 -7.33
C THR B 207 0.64 -7.25 -5.94
N ILE B 208 1.09 -6.52 -4.94
CA ILE B 208 0.82 -6.84 -3.54
C ILE B 208 -0.48 -6.17 -3.11
N HIS B 209 -1.35 -6.93 -2.44
CA HIS B 209 -2.67 -6.46 -2.06
C HIS B 209 -2.80 -6.50 -0.54
N PHE B 210 -2.90 -5.32 0.08
CA PHE B 210 -3.19 -5.21 1.49
C PHE B 210 -4.69 -5.08 1.71
N TYR B 211 -5.12 -5.33 2.95
CA TYR B 211 -6.53 -5.33 3.30
C TYR B 211 -6.73 -4.56 4.60
N GLY B 212 -7.37 -3.39 4.51
CA GLY B 212 -7.71 -2.62 5.69
C GLY B 212 -9.05 -3.04 6.26
N LEU B 213 -9.14 -3.06 7.59
CA LEU B 213 -10.33 -3.52 8.30
C LEU B 213 -10.70 -2.49 9.34
N GLN B 214 -11.78 -1.74 9.07
CA GLN B 214 -12.27 -0.70 9.96
C GLN B 214 -13.76 -0.92 10.22
N GLU B 215 -14.18 -0.72 11.47
CA GLU B 215 -15.58 -0.91 11.83
C GLU B 215 -16.46 0.21 11.32
N SER B 216 -15.88 1.37 10.97
CA SER B 216 -16.65 2.49 10.45
C SER B 216 -16.91 2.39 8.95
N LEU B 217 -16.33 1.42 8.27
CA LEU B 217 -16.49 1.26 6.83
C LEU B 217 -17.42 0.07 6.53
N SER B 218 -18.12 0.16 5.44
CA SER B 218 -19.05 -0.84 5.02
C SER B 218 -18.40 -2.16 4.79
N GLN B 219 -17.22 -2.14 4.21
CA GLN B 219 -16.51 -3.35 3.89
C GLN B 219 -15.04 -3.13 3.87
N PRO B 220 -14.25 -4.20 4.02
CA PRO B 220 -12.80 -4.04 3.97
C PRO B 220 -12.37 -3.33 2.70
N GLN B 221 -11.11 -2.89 2.67
CA GLN B 221 -10.57 -2.16 1.53
C GLN B 221 -9.29 -2.82 1.07
N MET B 222 -9.23 -3.15 -0.21
CA MET B 222 -8.09 -3.85 -0.81
C MET B 222 -7.13 -2.81 -1.38
N LEU B 223 -6.08 -2.51 -0.61
CA LEU B 223 -5.09 -1.51 -1.01
C LEU B 223 -3.98 -2.21 -1.78
N ILE B 224 -3.80 -1.84 -3.04
CA ILE B 224 -2.89 -2.52 -3.96
C ILE B 224 -1.68 -1.62 -4.20
N VAL B 225 -0.50 -2.10 -3.82
CA VAL B 225 0.75 -1.43 -4.13
C VAL B 225 1.34 -2.10 -5.37
N SER B 226 1.44 -1.34 -6.46
CA SER B 226 1.91 -1.86 -7.73
C SER B 226 3.41 -1.64 -7.96
N ASP B 227 4.04 -0.74 -7.19
CA ASP B 227 5.47 -0.50 -7.31
C ASP B 227 6.21 -1.73 -6.79
N ILE B 228 6.62 -2.59 -7.72
CA ILE B 228 7.21 -3.88 -7.35
C ILE B 228 8.65 -3.71 -6.85
N GLU B 229 9.40 -2.75 -7.38
CA GLU B 229 10.78 -2.53 -6.98
C GLU B 229 10.91 -1.60 -5.79
N ASP B 230 9.81 -1.02 -5.28
CA ASP B 230 9.88 -0.06 -4.18
C ASP B 230 8.60 -0.20 -3.36
N VAL B 231 8.53 -1.26 -2.57
CA VAL B 231 7.32 -1.58 -1.82
C VAL B 231 7.26 -0.74 -0.55
N PHE B 232 6.04 -0.50 -0.06
CA PHE B 232 5.83 0.28 1.14
C PHE B 232 4.53 -0.20 1.81
N ILE B 233 4.24 0.39 2.97
CA ILE B 233 3.01 0.10 3.71
C ILE B 233 2.00 1.20 3.41
N PRO B 234 0.80 0.88 2.93
CA PRO B 234 -0.13 1.93 2.49
C PRO B 234 -0.91 2.60 3.61
N MET B 235 -1.10 1.94 4.76
CA MET B 235 -1.90 2.49 5.84
C MET B 235 -1.23 2.18 7.18
N PRO B 236 -1.32 3.10 8.14
CA PRO B 236 -0.55 2.93 9.38
C PRO B 236 -1.29 2.16 10.48
N GLU B 237 -2.62 2.08 10.40
CA GLU B 237 -3.42 1.61 11.53
C GLU B 237 -4.04 0.24 11.28
N ASN B 238 -4.99 0.13 10.35
CA ASN B 238 -5.89 -1.01 10.28
C ASN B 238 -5.44 -2.09 9.29
N LEU B 239 -4.14 -2.39 9.23
CA LEU B 239 -3.67 -3.52 8.45
C LEU B 239 -3.45 -4.76 9.32
N LEU B 240 -2.76 -4.60 10.44
CA LEU B 240 -2.69 -5.62 11.48
C LEU B 240 -3.69 -5.21 12.57
N VAL B 241 -4.86 -5.84 12.55
CA VAL B 241 -5.96 -5.42 13.38
C VAL B 241 -6.07 -6.31 14.61
N ASN B 242 -6.71 -5.79 15.65
CA ASN B 242 -6.94 -6.56 16.87
C ASN B 242 -8.04 -7.59 16.62
N LEU B 243 -7.70 -8.87 16.81
CA LEU B 243 -8.66 -9.93 16.54
C LEU B 243 -9.84 -9.87 17.49
N ASN B 244 -9.60 -9.52 18.75
CA ASN B 244 -10.68 -9.50 19.75
C ASN B 244 -11.71 -8.44 19.41
N GLU B 245 -11.27 -7.25 18.99
CA GLU B 245 -12.20 -6.17 18.68
C GLU B 245 -12.81 -6.33 17.29
N SER B 246 -11.99 -6.71 16.31
CA SER B 246 -12.42 -6.76 14.91
C SER B 246 -12.70 -8.19 14.45
N LYS B 247 -13.28 -9.03 15.32
CA LYS B 247 -13.59 -10.41 14.94
C LYS B 247 -14.59 -10.44 13.79
N GLU B 248 -15.65 -9.64 13.89
CA GLU B 248 -16.67 -9.62 12.84
C GLU B 248 -16.09 -9.18 11.50
N LEU B 249 -15.13 -8.25 11.53
CA LEU B 249 -14.57 -7.73 10.28
C LEU B 249 -13.71 -8.76 9.57
N VAL B 250 -12.89 -9.52 10.32
CA VAL B 250 -12.02 -10.50 9.68
C VAL B 250 -12.81 -11.72 9.23
N GLN B 251 -13.99 -11.96 9.80
CA GLN B 251 -14.80 -13.11 9.38
C GLN B 251 -15.43 -12.86 8.01
N ASP B 252 -15.83 -11.62 7.72
CA ASP B 252 -16.37 -11.31 6.41
C ASP B 252 -15.30 -11.42 5.33
N LEU B 253 -14.08 -10.95 5.62
CA LEU B 253 -13.02 -11.01 4.64
C LEU B 253 -12.63 -12.46 4.33
N LEU B 254 -12.60 -13.32 5.35
CA LEU B 254 -12.32 -14.74 5.11
C LEU B 254 -13.44 -15.41 4.33
N LYS B 255 -14.66 -14.88 4.39
CA LYS B 255 -15.74 -15.37 3.54
C LYS B 255 -15.72 -14.73 2.16
N THR B 256 -15.13 -13.54 2.02
CA THR B 256 -15.10 -12.83 0.75
C THR B 256 -13.86 -13.12 -0.07
N LEU B 257 -12.77 -13.57 0.56
CA LEU B 257 -11.52 -13.80 -0.18
C LEU B 257 -11.64 -14.84 -1.27
N PRO B 258 -12.20 -16.03 -1.05
CA PRO B 258 -12.24 -17.04 -2.12
C PRO B 258 -13.10 -16.65 -3.31
N GLN B 259 -13.83 -15.53 -3.24
CA GLN B 259 -14.74 -15.14 -4.31
C GLN B 259 -14.18 -14.01 -5.18
N MET B 260 -13.07 -13.39 -4.81
CA MET B 260 -12.60 -12.20 -5.50
C MET B 260 -11.83 -12.52 -6.78
N PHE B 261 -11.14 -13.67 -6.83
CA PHE B 261 -10.17 -13.94 -7.88
C PHE B 261 -10.59 -15.10 -8.79
N THR B 262 -11.90 -15.34 -8.92
CA THR B 262 -12.36 -16.48 -9.70
C THR B 262 -12.12 -16.30 -11.20
N LYS B 263 -12.01 -15.06 -11.68
CA LYS B 263 -11.86 -14.76 -13.10
C LYS B 263 -10.55 -14.05 -13.37
N THR B 264 -9.48 -14.49 -12.71
CA THR B 264 -8.20 -13.80 -12.76
C THR B 264 -7.40 -14.23 -13.98
N LEU B 265 -6.74 -13.26 -14.62
CA LEU B 265 -5.82 -13.53 -15.71
C LEU B 265 -4.37 -13.28 -15.32
N GLU B 266 -4.11 -13.00 -14.05
CA GLU B 266 -2.74 -12.82 -13.56
C GLU B 266 -2.01 -14.16 -13.60
N THR B 267 -1.06 -14.30 -14.52
CA THR B 267 -0.34 -15.55 -14.68
C THR B 267 0.98 -15.58 -13.91
N GLN B 268 1.49 -14.42 -13.51
CA GLN B 268 2.77 -14.34 -12.82
C GLN B 268 2.56 -14.09 -11.33
N SER B 269 3.61 -14.35 -10.56
CA SER B 269 3.58 -14.22 -9.11
C SER B 269 4.83 -13.48 -8.64
N ALA B 270 4.63 -12.47 -7.81
CA ALA B 270 5.73 -11.66 -7.28
C ALA B 270 5.94 -11.98 -5.81
N LEU B 271 6.43 -13.19 -5.55
CA LEU B 271 6.60 -13.65 -4.18
C LEU B 271 7.64 -12.80 -3.44
N GLY B 272 8.75 -12.50 -4.09
CA GLY B 272 9.83 -11.74 -3.48
C GLY B 272 9.38 -10.42 -2.89
N PRO B 273 8.91 -9.50 -3.73
CA PRO B 273 8.42 -8.22 -3.20
C PRO B 273 7.26 -8.37 -2.23
N ALA B 274 6.43 -9.41 -2.39
CA ALA B 274 5.34 -9.62 -1.45
C ALA B 274 5.86 -9.94 -0.06
N LEU B 275 6.89 -10.78 0.03
CA LEU B 275 7.49 -11.08 1.32
C LEU B 275 8.18 -9.86 1.91
N GLN B 276 8.71 -8.96 1.07
CA GLN B 276 9.25 -7.71 1.58
C GLN B 276 8.15 -6.82 2.14
N ALA B 277 7.00 -6.78 1.47
CA ALA B 277 5.85 -6.06 2.02
C ALA B 277 5.39 -6.68 3.34
N ALA B 278 5.34 -8.00 3.39
CA ALA B 278 4.94 -8.69 4.62
C ALA B 278 5.96 -8.48 5.73
N PHE B 279 7.24 -8.36 5.38
CA PHE B 279 8.27 -8.10 6.39
C PHE B 279 8.13 -6.70 6.96
N LYS B 280 7.96 -5.69 6.08
CA LYS B 280 7.81 -4.32 6.55
C LYS B 280 6.59 -4.17 7.46
N LEU B 281 5.53 -4.93 7.19
CA LEU B 281 4.31 -4.82 7.99
C LEU B 281 4.50 -5.43 9.37
N MET B 282 5.27 -6.51 9.47
CA MET B 282 5.49 -7.19 10.75
C MET B 282 6.73 -6.71 11.49
N SER B 283 7.60 -5.93 10.82
CA SER B 283 8.84 -5.49 11.44
C SER B 283 8.67 -4.83 12.80
N PRO B 284 7.67 -3.94 13.04
CA PRO B 284 7.59 -3.32 14.37
C PRO B 284 7.38 -4.29 15.51
N THR B 285 6.58 -5.34 15.31
CA THR B 285 6.20 -6.23 16.40
C THR B 285 6.72 -7.65 16.26
N GLY B 286 6.87 -8.15 15.04
CA GLY B 286 7.24 -9.54 14.82
C GLY B 286 6.07 -10.48 15.05
N GLY B 287 6.29 -11.74 14.69
CA GLY B 287 5.26 -12.74 14.87
C GLY B 287 5.46 -13.89 13.89
N ARG B 288 4.34 -14.50 13.50
CA ARG B 288 4.34 -15.65 12.60
C ARG B 288 3.75 -15.25 11.26
N MET B 289 4.51 -15.50 10.19
CA MET B 289 4.12 -15.13 8.83
C MET B 289 3.85 -16.41 8.05
N SER B 290 2.60 -16.62 7.65
CA SER B 290 2.19 -17.80 6.92
C SER B 290 2.11 -17.47 5.43
N VAL B 291 2.94 -18.12 4.63
CA VAL B 291 3.03 -17.88 3.19
C VAL B 291 2.48 -19.09 2.45
N PHE B 292 1.59 -18.84 1.48
CA PHE B 292 0.97 -19.88 0.68
C PHE B 292 1.31 -19.60 -0.78
N GLN B 293 2.28 -20.33 -1.32
CA GLN B 293 2.71 -20.20 -2.70
C GLN B 293 2.36 -21.46 -3.47
N THR B 294 2.03 -21.29 -4.75
CA THR B 294 1.55 -22.40 -5.58
C THR B 294 2.35 -22.62 -6.85
N GLN B 295 3.32 -21.76 -7.18
CA GLN B 295 4.03 -21.88 -8.44
C GLN B 295 5.41 -21.25 -8.31
N LEU B 296 6.12 -21.23 -9.43
CA LEU B 296 7.45 -20.62 -9.49
C LEU B 296 7.34 -19.11 -9.34
N PRO B 297 8.16 -18.48 -8.47
CA PRO B 297 8.23 -17.02 -8.46
C PRO B 297 8.94 -16.52 -9.71
N THR B 298 8.26 -15.67 -10.47
CA THR B 298 8.78 -15.23 -11.77
C THR B 298 8.87 -13.73 -11.95
N LEU B 299 8.16 -12.93 -11.15
CA LEU B 299 8.10 -11.49 -11.34
C LEU B 299 8.75 -10.77 -10.17
N GLY B 300 9.63 -9.82 -10.47
CA GLY B 300 10.23 -8.99 -9.45
C GLY B 300 11.49 -9.59 -8.85
N VAL B 301 11.92 -8.97 -7.75
CA VAL B 301 13.10 -9.45 -7.04
C VAL B 301 12.82 -10.82 -6.46
N GLY B 302 13.87 -11.64 -6.39
CA GLY B 302 13.72 -13.02 -5.95
C GLY B 302 13.15 -13.96 -6.99
N ALA B 303 13.11 -13.55 -8.25
CA ALA B 303 12.60 -14.42 -9.31
C ALA B 303 13.56 -15.58 -9.54
N LEU B 304 12.99 -16.73 -9.91
CA LEU B 304 13.73 -17.96 -10.06
C LEU B 304 13.49 -18.53 -11.45
N LYS B 305 14.55 -19.08 -12.05
CA LYS B 305 14.47 -19.61 -13.41
C LYS B 305 13.89 -21.03 -13.39
N PRO B 306 13.23 -21.45 -14.47
CA PRO B 306 12.70 -22.82 -14.53
C PRO B 306 13.81 -23.84 -14.68
N ARG B 307 13.64 -24.99 -14.06
CA ARG B 307 14.54 -26.13 -14.16
C ARG B 307 13.80 -27.31 -14.76
N GLU B 308 14.53 -28.17 -15.45
CA GLU B 308 13.97 -29.40 -16.00
C GLU B 308 14.12 -30.52 -14.98
N GLU B 309 13.02 -31.21 -14.71
CA GLU B 309 13.03 -32.24 -13.67
C GLU B 309 13.86 -33.44 -14.12
N PRO B 310 14.58 -34.08 -13.21
CA PRO B 310 15.35 -35.27 -13.58
C PRO B 310 14.44 -36.47 -13.82
N ASN B 311 15.06 -37.55 -14.28
CA ASN B 311 14.38 -38.81 -14.51
C ASN B 311 15.18 -39.93 -13.86
N HIS B 312 14.73 -41.17 -14.08
CA HIS B 312 15.42 -42.33 -13.52
C HIS B 312 16.77 -42.59 -14.17
N ARG B 313 17.12 -41.84 -15.21
CA ARG B 313 18.35 -42.06 -15.96
C ARG B 313 19.48 -41.13 -15.56
N SER B 314 19.17 -39.92 -15.12
CA SER B 314 20.20 -38.97 -14.71
C SER B 314 20.88 -39.45 -13.43
N SER B 315 22.19 -39.19 -13.44
CA SER B 315 23.19 -39.47 -12.41
C SER B 315 23.14 -38.46 -11.27
N ALA B 316 23.90 -38.74 -10.22
CA ALA B 316 23.88 -37.90 -9.01
C ALA B 316 24.75 -36.67 -9.19
N LYS B 317 24.46 -35.91 -10.25
CA LYS B 317 25.17 -34.68 -10.53
C LYS B 317 24.27 -33.46 -10.26
N MET B 321 19.92 -29.02 -5.91
CA MET B 321 20.22 -29.23 -4.50
C MET B 321 20.37 -27.90 -3.77
N THR B 322 21.41 -27.16 -4.11
CA THR B 322 21.68 -25.88 -3.49
C THR B 322 20.77 -24.80 -4.09
N PRO B 323 20.49 -23.73 -3.33
CA PRO B 323 19.65 -22.65 -3.86
C PRO B 323 20.30 -21.96 -5.05
N SER B 324 19.46 -21.41 -5.92
CA SER B 324 19.94 -20.66 -7.08
C SER B 324 20.19 -19.20 -6.76
N THR B 325 19.56 -18.65 -5.74
CA THR B 325 19.79 -17.28 -5.30
C THR B 325 19.91 -17.26 -3.78
N ASP B 326 20.31 -16.09 -3.27
CA ASP B 326 20.41 -15.88 -1.83
C ASP B 326 19.42 -14.83 -1.33
N PHE B 327 18.44 -14.47 -2.16
CA PHE B 327 17.45 -13.47 -1.75
C PHE B 327 16.62 -13.98 -0.56
N TYR B 328 16.07 -15.18 -0.68
CA TYR B 328 15.23 -15.72 0.39
C TYR B 328 16.03 -16.09 1.63
N LYS B 329 17.36 -16.18 1.52
CA LYS B 329 18.20 -16.35 2.69
C LYS B 329 18.47 -15.01 3.37
N LYS B 330 18.84 -14.00 2.58
CA LYS B 330 19.03 -12.65 3.14
C LYS B 330 17.76 -12.13 3.77
N LEU B 331 16.61 -12.37 3.14
CA LEU B 331 15.35 -11.91 3.69
C LEU B 331 14.99 -12.63 4.98
N ALA B 332 15.31 -13.92 5.06
CA ALA B 332 15.02 -14.68 6.28
C ALA B 332 15.87 -14.18 7.44
N LEU B 333 17.13 -13.81 7.17
CA LEU B 333 17.97 -13.25 8.22
C LEU B 333 17.44 -11.91 8.72
N ASP B 334 16.86 -11.12 7.81
CA ASP B 334 16.23 -9.87 8.23
C ASP B 334 14.97 -10.15 9.05
N CYS B 335 14.22 -11.19 8.69
CA CYS B 335 13.05 -11.58 9.48
C CYS B 335 13.45 -12.05 10.86
N SER B 336 14.60 -12.75 10.95
CA SER B 336 15.05 -13.25 12.25
C SER B 336 15.42 -12.08 13.18
N GLY B 337 16.06 -11.05 12.64
CA GLY B 337 16.43 -9.90 13.45
C GLY B 337 15.25 -9.12 13.98
N GLN B 338 14.08 -9.25 13.34
CA GLN B 338 12.87 -8.56 13.78
C GLN B 338 11.86 -9.51 14.42
N GLN B 339 12.31 -10.70 14.83
CA GLN B 339 11.47 -11.69 15.51
C GLN B 339 10.29 -12.12 14.64
N VAL B 340 10.54 -12.28 13.35
CA VAL B 340 9.53 -12.72 12.38
C VAL B 340 9.93 -14.09 11.86
N ALA B 341 9.02 -15.05 11.97
CA ALA B 341 9.24 -16.39 11.44
C ALA B 341 8.27 -16.63 10.28
N VAL B 342 8.78 -17.29 9.23
CA VAL B 342 8.03 -17.47 7.99
C VAL B 342 7.82 -18.96 7.77
N ASP B 343 6.56 -19.37 7.72
CA ASP B 343 6.18 -20.74 7.43
C ASP B 343 5.68 -20.82 5.98
N LEU B 344 6.31 -21.68 5.19
CA LEU B 344 6.04 -21.75 3.76
C LEU B 344 5.12 -22.92 3.46
N PHE B 345 3.99 -22.64 2.82
CA PHE B 345 3.04 -23.64 2.36
C PHE B 345 3.11 -23.70 0.84
N LEU B 346 3.74 -24.74 0.30
CA LEU B 346 3.93 -24.90 -1.13
C LEU B 346 2.92 -25.91 -1.65
N LEU B 347 1.95 -25.43 -2.42
CA LEU B 347 0.95 -26.28 -3.07
C LEU B 347 1.13 -26.18 -4.58
N SER B 348 2.26 -26.69 -5.05
CA SER B 348 2.69 -26.50 -6.43
C SER B 348 2.46 -27.76 -7.26
N GLY B 349 2.05 -27.58 -8.51
CA GLY B 349 1.86 -28.68 -9.43
C GLY B 349 3.02 -28.84 -10.39
N GLN B 350 3.96 -27.89 -10.35
CA GLN B 350 5.16 -27.94 -11.17
C GLN B 350 6.35 -27.51 -10.34
N TYR B 351 7.54 -27.60 -10.94
CA TYR B 351 8.77 -27.21 -10.26
C TYR B 351 8.69 -25.76 -9.82
N SER B 352 9.02 -25.52 -8.55
CA SER B 352 8.94 -24.19 -7.97
C SER B 352 10.22 -23.75 -7.29
N ASP B 353 11.30 -24.53 -7.40
CA ASP B 353 12.60 -24.20 -6.82
C ASP B 353 12.49 -24.05 -5.30
N LEU B 354 12.02 -25.12 -4.66
CA LEU B 354 11.95 -25.14 -3.21
C LEU B 354 13.33 -25.11 -2.56
N ALA B 355 14.38 -25.50 -3.30
CA ALA B 355 15.73 -25.39 -2.78
C ALA B 355 16.06 -23.95 -2.43
N SER B 356 15.55 -22.99 -3.21
CA SER B 356 15.73 -21.58 -2.91
C SER B 356 14.61 -21.03 -2.02
N LEU B 357 13.38 -21.48 -2.23
CA LEU B 357 12.27 -20.97 -1.42
C LEU B 357 12.36 -21.42 0.02
N GLY B 358 12.92 -22.61 0.27
CA GLY B 358 13.00 -23.12 1.63
C GLY B 358 13.83 -22.28 2.57
N CYS B 359 14.75 -21.48 2.03
CA CYS B 359 15.61 -20.65 2.87
C CYS B 359 14.81 -19.61 3.65
N ILE B 360 13.61 -19.26 3.21
CA ILE B 360 12.79 -18.31 3.95
C ILE B 360 12.34 -18.90 5.29
N SER B 361 12.28 -20.23 5.40
CA SER B 361 11.86 -20.88 6.63
C SER B 361 13.00 -21.49 7.42
N ARG B 362 14.06 -21.94 6.75
CA ARG B 362 15.18 -22.55 7.46
C ARG B 362 15.89 -21.54 8.36
N TYR B 363 16.27 -20.39 7.80
CA TYR B 363 17.00 -19.37 8.54
C TYR B 363 16.09 -18.42 9.31
N SER B 364 14.86 -18.82 9.61
CA SER B 364 13.97 -17.98 10.40
C SER B 364 13.15 -18.79 11.40
N ALA B 365 13.59 -20.01 11.73
CA ALA B 365 12.88 -20.89 12.66
C ALA B 365 11.45 -21.16 12.19
N GLY B 366 11.22 -21.15 10.89
CA GLY B 366 9.95 -21.51 10.31
C GLY B 366 9.87 -22.99 10.02
N SER B 367 8.90 -23.36 9.20
CA SER B 367 8.72 -24.75 8.80
C SER B 367 7.96 -24.78 7.49
N VAL B 368 8.45 -25.55 6.53
CA VAL B 368 7.84 -25.63 5.21
C VAL B 368 6.85 -26.78 5.19
N TYR B 369 5.77 -26.58 4.43
CA TYR B 369 4.74 -27.60 4.23
C TYR B 369 4.53 -27.75 2.73
N TYR B 370 4.55 -29.00 2.25
CA TYR B 370 4.53 -29.30 0.82
C TYR B 370 3.33 -30.16 0.49
N TYR B 371 2.56 -29.73 -0.50
CA TYR B 371 1.36 -30.45 -0.96
C TYR B 371 1.46 -30.55 -2.48
N PRO B 372 2.12 -31.58 -2.99
CA PRO B 372 2.37 -31.66 -4.44
C PRO B 372 1.08 -31.90 -5.22
N SER B 373 0.91 -31.12 -6.29
CA SER B 373 -0.23 -31.25 -7.20
C SER B 373 -1.56 -31.10 -6.46
N TYR B 374 -1.62 -30.14 -5.54
CA TYR B 374 -2.85 -29.86 -4.83
C TYR B 374 -3.93 -29.40 -5.79
N HIS B 375 -5.15 -29.92 -5.59
CA HIS B 375 -6.30 -29.51 -6.39
C HIS B 375 -7.57 -29.84 -5.61
N HIS B 376 -8.48 -28.87 -5.52
CA HIS B 376 -9.67 -29.04 -4.71
C HIS B 376 -10.59 -30.15 -5.22
N GLN B 377 -10.50 -30.49 -6.50
CA GLN B 377 -11.30 -31.56 -7.08
C GLN B 377 -10.50 -32.80 -7.43
N HIS B 378 -9.32 -32.63 -8.02
CA HIS B 378 -8.57 -33.76 -8.58
C HIS B 378 -7.74 -34.51 -7.54
N ASN B 379 -7.42 -33.88 -6.40
CA ASN B 379 -6.52 -34.48 -5.41
C ASN B 379 -7.15 -34.39 -4.03
N PRO B 380 -8.10 -35.28 -3.72
CA PRO B 380 -8.70 -35.25 -2.38
C PRO B 380 -7.75 -35.67 -1.27
N VAL B 381 -6.66 -36.36 -1.60
CA VAL B 381 -5.70 -36.77 -0.58
C VAL B 381 -4.98 -35.54 -0.03
N GLN B 382 -4.49 -34.68 -0.91
CA GLN B 382 -3.78 -33.48 -0.47
C GLN B 382 -4.73 -32.49 0.20
N VAL B 383 -6.00 -32.50 -0.18
CA VAL B 383 -6.98 -31.60 0.44
C VAL B 383 -7.14 -31.91 1.91
N GLN B 384 -7.44 -33.17 2.23
CA GLN B 384 -7.64 -33.55 3.63
C GLN B 384 -6.33 -33.48 4.41
N LYS B 385 -5.19 -33.70 3.74
CA LYS B 385 -3.90 -33.56 4.42
C LYS B 385 -3.66 -32.12 4.84
N LEU B 386 -3.96 -31.16 3.96
CA LEU B 386 -3.79 -29.76 4.30
C LEU B 386 -4.76 -29.35 5.41
N GLN B 387 -5.99 -29.87 5.37
CA GLN B 387 -6.97 -29.53 6.40
C GLN B 387 -6.51 -29.97 7.78
N LYS B 388 -6.00 -31.20 7.88
CA LYS B 388 -5.56 -31.72 9.19
C LYS B 388 -4.26 -31.06 9.62
N GLU B 389 -3.35 -30.79 8.69
CA GLU B 389 -2.10 -30.14 9.06
C GLU B 389 -2.32 -28.67 9.43
N LEU B 390 -3.38 -28.05 8.88
CA LEU B 390 -3.74 -26.70 9.31
C LEU B 390 -4.46 -26.70 10.64
N GLN B 391 -5.26 -27.75 10.91
CA GLN B 391 -5.89 -27.88 12.22
C GLN B 391 -4.84 -27.92 13.33
N ARG B 392 -3.70 -28.56 13.07
CA ARG B 392 -2.61 -28.58 14.03
C ARG B 392 -1.83 -27.26 14.00
N TYR B 393 -1.57 -26.73 12.82
CA TYR B 393 -0.76 -25.52 12.69
C TYR B 393 -1.41 -24.31 13.34
N LEU B 394 -2.74 -24.25 13.36
CA LEU B 394 -3.44 -23.10 13.89
C LEU B 394 -3.81 -23.22 15.37
N THR B 395 -3.81 -24.43 15.93
CA THR B 395 -4.24 -24.63 17.31
C THR B 395 -3.12 -25.04 18.26
N ARG B 396 -1.94 -25.39 17.75
CA ARG B 396 -0.84 -25.76 18.61
C ARG B 396 -0.29 -24.53 19.33
N LYS B 397 0.31 -24.76 20.50
CA LYS B 397 0.91 -23.67 21.24
C LYS B 397 2.11 -23.10 20.50
N ILE B 398 2.52 -21.89 20.90
CA ILE B 398 3.57 -21.18 20.19
C ILE B 398 4.27 -20.23 21.15
N GLY B 399 5.57 -20.03 20.93
CA GLY B 399 6.33 -19.04 21.65
C GLY B 399 6.97 -18.07 20.67
N PHE B 400 7.06 -16.81 21.08
CA PHE B 400 7.55 -15.75 20.22
C PHE B 400 8.90 -15.23 20.73
N GLU B 401 9.60 -14.54 19.84
CA GLU B 401 10.89 -13.89 20.09
C GLU B 401 11.77 -14.71 21.04
N ALA B 402 12.13 -15.91 20.57
CA ALA B 402 12.77 -16.91 21.40
C ALA B 402 14.25 -17.05 21.06
N VAL B 403 15.03 -17.47 22.07
CA VAL B 403 16.42 -17.86 21.89
C VAL B 403 16.64 -19.15 22.65
N MET B 404 17.59 -19.96 22.18
CA MET B 404 17.92 -21.21 22.84
C MET B 404 19.42 -21.41 22.87
N ARG B 405 19.92 -21.87 24.01
CA ARG B 405 21.34 -22.18 24.21
C ARG B 405 21.47 -23.64 24.61
N ILE B 406 22.41 -24.34 23.99
CA ILE B 406 22.70 -25.74 24.29
C ILE B 406 24.05 -25.79 25.00
N ARG B 407 24.07 -26.37 26.19
CA ARG B 407 25.27 -26.43 27.02
C ARG B 407 25.71 -27.87 27.23
N CYS B 408 27.01 -28.04 27.49
CA CYS B 408 27.57 -29.34 27.84
C CYS B 408 28.78 -29.13 28.73
N THR B 409 29.12 -30.18 29.47
CA THR B 409 30.20 -30.09 30.45
C THR B 409 31.53 -29.75 29.77
N LYS B 410 32.42 -29.11 30.51
CA LYS B 410 33.74 -28.74 30.00
C LYS B 410 34.45 -29.96 29.43
N GLY B 411 35.05 -29.78 28.25
CA GLY B 411 35.67 -30.84 27.50
C GLY B 411 34.89 -31.24 26.26
N LEU B 412 33.57 -31.09 26.30
CA LEU B 412 32.71 -31.34 25.15
C LEU B 412 32.37 -30.01 24.49
N SER B 413 32.47 -29.98 23.16
CA SER B 413 32.28 -28.75 22.40
C SER B 413 31.30 -29.02 21.26
N ILE B 414 30.23 -28.24 21.20
CA ILE B 414 29.30 -28.29 20.08
C ILE B 414 29.89 -27.52 18.91
N HIS B 415 29.95 -28.16 17.75
CA HIS B 415 30.58 -27.54 16.58
C HIS B 415 29.67 -27.43 15.36
N THR B 416 28.50 -28.05 15.36
CA THR B 416 27.61 -27.96 14.21
C THR B 416 26.17 -28.12 14.67
N PHE B 417 25.29 -27.22 14.21
CA PHE B 417 23.89 -27.22 14.55
C PHE B 417 23.05 -27.69 13.37
N HIS B 418 21.87 -28.23 13.67
CA HIS B 418 20.95 -28.73 12.66
C HIS B 418 19.52 -28.37 13.05
N GLY B 419 18.81 -27.73 12.13
CA GLY B 419 17.43 -27.35 12.38
C GLY B 419 17.10 -25.98 11.85
N ASN B 420 15.86 -25.54 12.04
CA ASN B 420 15.41 -24.23 11.58
C ASN B 420 15.66 -23.19 12.66
N PHE B 421 16.66 -22.35 12.46
CA PHE B 421 17.04 -21.28 13.39
C PHE B 421 18.12 -20.45 12.70
N PHE B 422 18.64 -19.49 13.45
CA PHE B 422 19.78 -18.72 13.02
C PHE B 422 20.78 -18.82 14.17
N VAL B 423 22.02 -19.20 13.88
CA VAL B 423 22.97 -19.32 14.94
C VAL B 423 23.71 -18.04 15.09
N ARG B 424 23.37 -17.25 16.10
CA ARG B 424 24.03 -15.98 16.36
C ARG B 424 25.46 -15.97 16.93
N SER B 425 25.67 -16.70 18.01
CA SER B 425 26.97 -16.80 18.67
C SER B 425 27.14 -18.26 18.99
N THR B 426 28.25 -18.85 18.59
CA THR B 426 28.26 -20.28 18.84
C THR B 426 27.51 -20.59 20.13
N ASP B 427 26.54 -21.50 20.03
CA ASP B 427 25.56 -21.73 21.09
C ASP B 427 24.64 -20.58 21.49
N LEU B 428 23.79 -20.15 20.55
CA LEU B 428 22.81 -19.09 20.76
C LEU B 428 21.83 -19.08 19.60
N LEU B 429 20.95 -20.08 19.56
CA LEU B 429 20.03 -20.23 18.45
C LEU B 429 18.91 -19.19 18.57
N SER B 430 18.75 -18.37 17.53
CA SER B 430 17.67 -17.40 17.49
C SER B 430 16.43 -18.05 16.92
N LEU B 431 15.33 -18.01 17.68
CA LEU B 431 14.06 -18.61 17.28
C LEU B 431 13.00 -17.52 17.19
N PRO B 432 12.80 -16.90 16.02
CA PRO B 432 11.68 -15.96 15.87
C PRO B 432 10.35 -16.54 16.32
N ASN B 433 10.11 -17.81 16.04
CA ASN B 433 9.05 -18.58 16.67
C ASN B 433 9.61 -19.93 17.08
N VAL B 434 9.02 -20.52 18.11
CA VAL B 434 9.35 -21.88 18.53
C VAL B 434 8.05 -22.67 18.56
N ASN B 435 8.01 -23.78 17.82
CA ASN B 435 6.79 -24.56 17.70
C ASN B 435 7.00 -25.96 18.29
N PRO B 436 5.94 -26.57 18.83
CA PRO B 436 6.10 -27.85 19.53
C PRO B 436 6.32 -29.05 18.62
N ASP B 437 6.33 -28.87 17.31
CA ASP B 437 6.54 -29.95 16.37
C ASP B 437 7.91 -29.91 15.71
N ALA B 438 8.81 -29.06 16.19
CA ALA B 438 10.13 -28.88 15.60
C ALA B 438 11.17 -29.71 16.35
N GLY B 439 12.11 -30.25 15.60
CA GLY B 439 13.20 -31.01 16.17
C GLY B 439 14.54 -30.38 15.82
N TYR B 440 15.52 -30.57 16.69
CA TYR B 440 16.84 -29.99 16.51
C TYR B 440 17.90 -31.05 16.78
N ALA B 441 19.04 -30.89 16.11
CA ALA B 441 20.16 -31.79 16.28
C ALA B 441 21.44 -30.97 16.45
N VAL B 442 22.43 -31.60 17.07
CA VAL B 442 23.71 -30.97 17.36
C VAL B 442 24.79 -32.03 17.24
N GLN B 443 25.95 -31.64 16.70
CA GLN B 443 27.12 -32.51 16.65
C GLN B 443 28.20 -31.93 17.55
N MET B 444 28.86 -32.80 18.31
CA MET B 444 29.84 -32.39 19.29
C MET B 444 31.10 -33.25 19.18
N SER B 445 32.15 -32.83 19.88
CA SER B 445 33.41 -33.53 19.90
C SER B 445 34.08 -33.29 21.24
N VAL B 446 35.05 -34.15 21.57
CA VAL B 446 35.75 -34.08 22.85
C VAL B 446 36.98 -33.20 22.65
N GLU B 447 36.85 -31.91 22.97
CA GLU B 447 37.97 -30.99 22.80
C GLU B 447 39.03 -31.20 23.86
N GLU B 448 38.64 -31.56 25.07
CA GLU B 448 39.56 -31.86 26.16
C GLU B 448 39.19 -33.20 26.78
N SER B 449 40.21 -34.01 27.05
CA SER B 449 39.97 -35.37 27.52
C SER B 449 39.22 -35.37 28.85
N LEU B 450 38.24 -36.25 28.96
CA LEU B 450 37.39 -36.34 30.15
C LEU B 450 37.97 -37.29 31.19
N THR B 451 39.26 -37.13 31.48
CA THR B 451 39.90 -37.96 32.49
C THR B 451 39.42 -37.62 33.89
N ASP B 452 38.99 -36.37 34.12
CA ASP B 452 38.57 -35.96 35.45
C ASP B 452 37.24 -36.59 35.83
N THR B 453 36.20 -36.36 35.04
CA THR B 453 34.85 -36.70 35.43
C THR B 453 34.46 -38.10 34.98
N GLN B 454 33.47 -38.65 35.69
CA GLN B 454 32.81 -39.88 35.29
C GLN B 454 31.39 -39.63 34.79
N LEU B 455 30.86 -38.41 34.94
CA LEU B 455 29.58 -38.01 34.40
C LEU B 455 29.76 -36.72 33.62
N VAL B 456 29.04 -36.60 32.50
CA VAL B 456 28.94 -35.35 31.76
C VAL B 456 27.47 -35.02 31.59
N SER B 457 27.16 -33.73 31.55
CA SER B 457 25.80 -33.26 31.48
C SER B 457 25.59 -32.38 30.25
N PHE B 458 24.32 -32.22 29.88
CA PHE B 458 23.91 -31.37 28.76
C PHE B 458 22.66 -30.62 29.18
N GLN B 459 22.62 -29.33 28.88
CA GLN B 459 21.48 -28.51 29.26
C GLN B 459 21.07 -27.62 28.09
N SER B 460 19.79 -27.66 27.73
CA SER B 460 19.20 -26.75 26.78
C SER B 460 18.21 -25.84 27.51
N ALA B 461 18.25 -24.55 27.19
CA ALA B 461 17.38 -23.57 27.81
C ALA B 461 16.68 -22.77 26.71
N LEU B 462 15.39 -22.56 26.87
CA LEU B 462 14.56 -21.95 25.83
C LEU B 462 13.84 -20.74 26.42
N LEU B 463 14.35 -19.55 26.11
CA LEU B 463 13.68 -18.31 26.48
C LEU B 463 12.67 -17.96 25.40
N TYR B 464 11.45 -17.62 25.81
CA TYR B 464 10.41 -17.31 24.84
C TYR B 464 9.31 -16.51 25.51
N THR B 465 8.56 -15.78 24.69
CA THR B 465 7.38 -15.06 25.13
C THR B 465 6.16 -15.88 24.76
N SER B 466 5.38 -16.29 25.76
CA SER B 466 4.21 -17.12 25.51
C SER B 466 3.11 -16.30 24.84
N SER B 467 2.07 -16.99 24.38
CA SER B 467 0.94 -16.32 23.78
C SER B 467 0.15 -15.47 24.77
N LYS B 468 0.39 -15.63 26.07
CA LYS B 468 -0.26 -14.83 27.09
C LYS B 468 0.59 -13.65 27.55
N GLY B 469 1.71 -13.41 26.89
CA GLY B 469 2.55 -12.27 27.23
C GLY B 469 3.44 -12.47 28.44
N GLU B 470 3.94 -13.69 28.65
CA GLU B 470 4.76 -14.01 29.80
C GLU B 470 6.08 -14.60 29.32
N ARG B 471 7.18 -13.92 29.64
CA ARG B 471 8.51 -14.42 29.30
C ARG B 471 8.83 -15.64 30.16
N ARG B 472 8.99 -16.80 29.52
CA ARG B 472 9.25 -18.04 30.22
C ARG B 472 10.54 -18.69 29.73
N ILE B 473 11.08 -19.57 30.57
CA ILE B 473 12.28 -20.33 30.27
C ILE B 473 11.96 -21.79 30.48
N ARG B 474 12.14 -22.61 29.45
CA ARG B 474 12.04 -24.06 29.57
C ARG B 474 13.44 -24.65 29.51
N VAL B 475 13.77 -25.47 30.51
CA VAL B 475 15.11 -26.03 30.66
C VAL B 475 15.01 -27.54 30.70
N HIS B 476 15.85 -28.20 29.93
CA HIS B 476 16.02 -29.65 29.98
C HIS B 476 17.48 -29.95 30.34
N THR B 477 17.69 -30.96 31.17
CA THR B 477 19.03 -31.35 31.57
C THR B 477 19.21 -32.85 31.41
N LEU B 478 20.24 -33.24 30.68
CA LEU B 478 20.60 -34.64 30.46
C LEU B 478 21.94 -34.93 31.14
N CYS B 479 22.08 -36.16 31.62
CA CYS B 479 23.31 -36.59 32.28
C CYS B 479 23.67 -37.98 31.77
N LEU B 480 24.92 -38.15 31.34
CA LEU B 480 25.42 -39.39 30.79
C LEU B 480 26.75 -39.78 31.41
N PRO B 481 27.09 -41.06 31.43
CA PRO B 481 28.38 -41.50 31.97
C PRO B 481 29.47 -41.49 30.91
N VAL B 482 30.71 -41.46 31.40
CA VAL B 482 31.90 -41.45 30.56
C VAL B 482 32.57 -42.81 30.64
N VAL B 483 32.90 -43.38 29.48
CA VAL B 483 33.59 -44.66 29.40
C VAL B 483 34.89 -44.45 28.62
N SER B 484 35.77 -45.46 28.71
CA SER B 484 37.08 -45.40 28.08
C SER B 484 37.39 -46.67 27.29
N THR B 485 36.38 -47.49 26.99
CA THR B 485 36.56 -48.75 26.30
C THR B 485 35.78 -48.74 25.00
N LEU B 486 36.40 -49.24 23.93
CA LEU B 486 35.73 -49.33 22.64
C LEU B 486 34.42 -50.09 22.75
N ASN B 487 34.41 -51.20 23.49
CA ASN B 487 33.20 -52.00 23.63
C ASN B 487 32.14 -51.23 24.42
N ASP B 488 32.54 -50.50 25.46
CA ASP B 488 31.58 -49.73 26.24
C ASP B 488 30.91 -48.65 25.40
N VAL B 489 31.62 -48.10 24.41
CA VAL B 489 31.01 -47.13 23.52
C VAL B 489 29.99 -47.79 22.62
N PHE B 490 30.28 -49.00 22.15
CA PHE B 490 29.33 -49.72 21.31
C PHE B 490 28.12 -50.20 22.10
N LEU B 491 28.31 -50.55 23.38
CA LEU B 491 27.20 -51.05 24.19
C LEU B 491 26.15 -49.97 24.42
N GLY B 492 26.54 -48.70 24.41
CA GLY B 492 25.62 -47.61 24.62
C GLY B 492 25.14 -46.89 23.37
N ALA B 493 25.39 -47.46 22.19
CA ALA B 493 25.01 -46.80 20.95
C ALA B 493 23.49 -46.81 20.77
N ASP B 494 22.96 -45.67 20.33
CA ASP B 494 21.54 -45.52 20.00
C ASP B 494 21.43 -45.56 18.48
N VAL B 495 20.95 -46.69 17.95
CA VAL B 495 20.93 -46.89 16.50
C VAL B 495 20.00 -45.89 15.83
N GLN B 496 18.88 -45.58 16.46
CA GLN B 496 17.95 -44.61 15.90
C GLN B 496 18.56 -43.21 15.90
N ALA B 497 19.14 -42.80 17.03
CA ALA B 497 19.72 -41.46 17.13
C ALA B 497 20.90 -41.30 16.18
N ILE B 498 21.72 -42.34 16.03
CA ILE B 498 22.81 -42.30 15.07
C ILE B 498 22.26 -42.13 13.66
N SER B 499 21.17 -42.83 13.34
CA SER B 499 20.58 -42.71 12.01
C SER B 499 20.05 -41.30 11.77
N GLY B 500 19.45 -40.69 12.78
CA GLY B 500 18.96 -39.33 12.62
C GLY B 500 20.08 -38.32 12.43
N LEU B 501 21.14 -38.43 13.23
CA LEU B 501 22.25 -37.49 13.11
C LEU B 501 22.99 -37.69 11.79
N LEU B 502 23.08 -38.94 11.32
CA LEU B 502 23.70 -39.16 10.01
C LEU B 502 22.86 -38.59 8.89
N ALA B 503 21.54 -38.66 9.02
CA ALA B 503 20.66 -38.08 8.00
C ALA B 503 20.84 -36.56 7.93
N ASN B 504 21.01 -35.90 9.07
CA ASN B 504 21.28 -34.47 9.07
C ASN B 504 22.64 -34.17 8.45
N MET B 505 23.66 -34.96 8.79
CA MET B 505 24.98 -34.76 8.21
C MET B 505 24.98 -35.02 6.70
N ALA B 506 24.14 -35.96 6.25
CA ALA B 506 24.08 -36.26 4.81
C ALA B 506 23.41 -35.15 4.03
N VAL B 507 22.40 -34.49 4.62
CA VAL B 507 21.76 -33.36 3.94
C VAL B 507 22.74 -32.23 3.73
N ASP B 508 23.55 -31.91 4.75
CA ASP B 508 24.59 -30.91 4.60
C ASP B 508 25.63 -31.35 3.58
N ARG B 509 25.95 -32.65 3.56
CA ARG B 509 26.92 -33.16 2.59
C ARG B 509 26.40 -33.00 1.16
N SER B 510 25.08 -33.08 0.98
CA SER B 510 24.50 -32.87 -0.35
C SER B 510 24.68 -31.41 -0.79
N MET B 511 24.31 -30.46 0.02
CA MET B 511 24.50 -29.10 -0.39
C MET B 511 25.96 -28.76 -0.52
N THR B 512 26.75 -29.21 0.43
CA THR B 512 28.16 -28.93 0.44
C THR B 512 28.96 -29.54 -0.68
N ALA B 513 28.71 -30.80 -0.97
CA ALA B 513 29.35 -31.55 -2.06
C ALA B 513 28.49 -32.05 -3.20
N SER B 514 27.87 -33.19 -3.02
CA SER B 514 26.89 -33.69 -3.97
C SER B 514 26.07 -34.79 -3.31
N LEU B 515 25.14 -35.36 -4.08
CA LEU B 515 24.33 -36.46 -3.57
C LEU B 515 25.14 -37.75 -3.50
N SER B 516 26.09 -37.94 -4.40
CA SER B 516 26.94 -39.13 -4.37
C SER B 516 27.76 -39.16 -3.09
N ASP B 517 28.44 -38.05 -2.78
CA ASP B 517 29.23 -37.98 -1.56
C ASP B 517 28.37 -38.17 -0.32
N ALA B 518 27.15 -37.64 -0.34
CA ALA B 518 26.24 -37.84 0.78
C ALA B 518 25.89 -39.32 0.95
N ARG B 519 25.60 -40.00 -0.17
CA ARG B 519 25.28 -41.43 -0.09
C ARG B 519 26.49 -42.24 0.34
N ASP B 520 27.68 -41.91 -0.17
CA ASP B 520 28.87 -42.67 0.16
C ASP B 520 29.24 -42.52 1.63
N ALA B 521 29.21 -41.29 2.15
CA ALA B 521 29.51 -41.09 3.56
C ALA B 521 28.51 -41.82 4.46
N LEU B 522 27.27 -42.00 3.99
CA LEU B 522 26.29 -42.78 4.74
C LEU B 522 26.67 -44.25 4.75
N VAL B 523 27.07 -44.80 3.60
CA VAL B 523 27.48 -46.19 3.54
C VAL B 523 28.79 -46.39 4.31
N ASN B 524 29.71 -45.44 4.20
CA ASN B 524 30.98 -45.54 4.91
C ASN B 524 30.82 -45.49 6.42
N ALA B 525 29.74 -44.88 6.92
CA ALA B 525 29.49 -44.86 8.35
C ALA B 525 29.22 -46.26 8.88
N VAL B 526 28.50 -47.08 8.11
CA VAL B 526 28.25 -48.46 8.51
C VAL B 526 29.50 -49.31 8.32
N ILE B 527 30.24 -49.07 7.24
CA ILE B 527 31.44 -49.85 6.98
C ILE B 527 32.51 -49.58 8.04
N ASP B 528 32.78 -48.30 8.31
CA ASP B 528 33.87 -47.96 9.22
C ASP B 528 33.58 -48.40 10.64
N SER B 529 32.33 -48.24 11.10
CA SER B 529 32.00 -48.60 12.48
C SER B 529 32.06 -50.11 12.69
N LEU B 530 31.51 -50.88 11.73
CA LEU B 530 31.53 -52.33 11.85
C LEU B 530 32.91 -52.91 11.57
N SER B 531 33.70 -52.26 10.70
CA SER B 531 35.08 -52.68 10.52
C SER B 531 35.91 -52.39 11.76
N ALA B 532 35.60 -51.29 12.46
CA ALA B 532 36.29 -50.99 13.70
C ALA B 532 35.90 -51.98 14.79
N TYR B 533 34.64 -52.40 14.82
CA TYR B 533 34.20 -53.38 15.79
C TYR B 533 34.84 -54.74 15.52
N ARG B 534 34.96 -55.11 14.24
CA ARG B 534 35.58 -56.40 13.90
C ARG B 534 37.06 -56.41 14.25
N SER B 535 37.76 -55.30 14.01
CA SER B 535 39.18 -55.21 14.33
C SER B 535 39.46 -55.19 15.82
N SER B 536 38.43 -55.35 16.67
CA SER B 536 38.59 -55.36 18.12
C SER B 536 37.81 -56.51 18.75
N VAL B 537 37.62 -57.60 18.02
CA VAL B 537 36.99 -58.81 18.57
C VAL B 537 37.82 -60.03 18.20
N PRO B 543 34.16 -64.70 10.39
CA PRO B 543 33.63 -65.11 9.09
C PRO B 543 32.48 -64.23 8.60
N GLY B 544 31.37 -64.24 9.34
CA GLY B 544 30.19 -63.49 8.95
C GLY B 544 30.31 -62.01 9.22
N LEU B 545 29.16 -61.34 9.27
CA LEU B 545 29.07 -59.90 9.52
C LEU B 545 28.70 -59.72 10.99
N MET B 546 29.72 -59.62 11.84
CA MET B 546 29.53 -59.57 13.29
C MET B 546 29.32 -58.13 13.72
N VAL B 547 28.18 -57.87 14.37
CA VAL B 547 27.87 -56.55 14.90
C VAL B 547 27.42 -56.71 16.35
N PRO B 548 27.58 -55.69 17.19
CA PRO B 548 27.02 -55.75 18.54
C PRO B 548 25.50 -55.67 18.50
N PHE B 549 24.89 -55.93 19.66
CA PHE B 549 23.44 -55.97 19.73
C PHE B 549 22.82 -54.60 19.49
N SER B 550 23.52 -53.53 19.85
CA SER B 550 22.97 -52.18 19.68
C SER B 550 22.99 -51.70 18.24
N LEU B 551 23.74 -52.37 17.35
CA LEU B 551 23.86 -51.95 15.96
C LEU B 551 23.32 -53.00 15.00
N ARG B 552 22.49 -53.94 15.49
CA ARG B 552 21.91 -54.95 14.62
C ARG B 552 20.96 -54.35 13.59
N LEU B 553 20.41 -53.17 13.86
CA LEU B 553 19.54 -52.48 12.91
C LEU B 553 20.26 -51.31 12.24
N PHE B 554 21.58 -51.19 12.41
CA PHE B 554 22.30 -50.06 11.84
C PHE B 554 22.33 -50.11 10.31
N PRO B 555 22.72 -51.23 9.67
CA PRO B 555 22.64 -51.25 8.20
C PRO B 555 21.22 -51.19 7.68
N LEU B 556 20.24 -51.64 8.47
CA LEU B 556 18.85 -51.57 8.04
C LEU B 556 18.38 -50.13 7.93
N PHE B 557 18.55 -49.35 9.00
CA PHE B 557 18.10 -47.96 9.00
C PHE B 557 18.90 -47.09 8.05
N VAL B 558 20.14 -47.47 7.73
CA VAL B 558 20.92 -46.70 6.78
C VAL B 558 20.51 -47.02 5.35
N LEU B 559 20.23 -48.29 5.06
CA LEU B 559 19.67 -48.65 3.76
C LEU B 559 18.32 -47.98 3.55
N ALA B 560 17.47 -47.97 4.58
CA ALA B 560 16.21 -47.24 4.50
C ALA B 560 16.46 -45.75 4.29
N LEU B 561 17.55 -45.23 4.86
CA LEU B 561 17.93 -43.84 4.62
C LEU B 561 18.30 -43.62 3.16
N LEU B 562 18.97 -44.59 2.55
CA LEU B 562 19.41 -44.47 1.16
C LEU B 562 18.29 -44.68 0.16
N LYS B 563 17.18 -45.29 0.57
CA LYS B 563 16.02 -45.46 -0.30
C LYS B 563 14.93 -44.43 -0.03
N GLN B 564 15.06 -43.64 1.02
CA GLN B 564 14.15 -42.54 1.25
C GLN B 564 14.20 -41.56 0.08
N LYS B 565 13.12 -40.78 -0.06
CA LYS B 565 13.06 -39.78 -1.12
C LYS B 565 14.11 -38.70 -0.97
N SER B 566 14.81 -38.65 0.18
CA SER B 566 15.86 -37.65 0.36
C SER B 566 17.12 -38.01 -0.41
N PHE B 567 17.50 -39.29 -0.42
CA PHE B 567 18.79 -39.70 -0.95
C PHE B 567 18.72 -40.76 -2.04
N GLN B 568 17.51 -41.20 -2.44
CA GLN B 568 17.40 -42.17 -3.51
C GLN B 568 17.93 -41.58 -4.82
N THR B 569 18.32 -42.48 -5.74
CA THR B 569 18.90 -42.06 -7.01
C THR B 569 18.08 -42.57 -8.19
N GLY B 570 18.03 -43.88 -8.42
CA GLY B 570 17.40 -44.42 -9.61
C GLY B 570 15.89 -44.24 -9.69
N THR B 571 15.31 -43.61 -8.69
CA THR B 571 13.87 -43.37 -8.68
C THR B 571 13.53 -42.21 -9.62
N ASN B 572 12.24 -42.11 -9.97
CA ASN B 572 11.73 -41.04 -10.82
C ASN B 572 11.37 -39.78 -10.03
N ALA B 573 12.01 -39.57 -8.88
CA ALA B 573 11.66 -38.47 -8.00
C ALA B 573 12.00 -37.12 -8.65
N ARG B 574 11.34 -36.08 -8.17
CA ARG B 574 11.50 -34.72 -8.67
C ARG B 574 12.19 -33.86 -7.62
N LEU B 575 12.57 -32.65 -8.04
CA LEU B 575 13.45 -31.81 -7.22
C LEU B 575 12.76 -31.36 -5.94
N ASP B 576 11.54 -30.83 -6.04
CA ASP B 576 10.87 -30.30 -4.86
C ASP B 576 10.55 -31.41 -3.85
N GLU B 577 10.32 -32.63 -4.34
CA GLU B 577 10.10 -33.75 -3.42
C GLU B 577 11.36 -34.08 -2.63
N ARG B 578 12.53 -34.02 -3.27
CA ARG B 578 13.77 -34.35 -2.58
C ARG B 578 14.14 -33.26 -1.57
N ILE B 579 13.94 -32.00 -1.92
CA ILE B 579 14.26 -30.90 -1.02
C ILE B 579 13.35 -30.93 0.20
N PHE B 580 12.05 -31.10 -0.03
CA PHE B 580 11.12 -31.16 1.10
C PHE B 580 11.39 -32.37 1.99
N ALA B 581 11.82 -33.48 1.41
CA ALA B 581 12.19 -34.64 2.22
C ALA B 581 13.42 -34.32 3.07
N MET B 582 14.37 -33.55 2.52
CA MET B 582 15.52 -33.11 3.30
C MET B 582 15.11 -32.05 4.34
N CYS B 583 14.12 -31.22 4.02
CA CYS B 583 13.64 -30.25 5.00
C CYS B 583 12.97 -30.92 6.17
N GLN B 584 12.36 -32.10 5.96
CA GLN B 584 11.77 -32.84 7.06
C GLN B 584 12.84 -33.54 7.90
N VAL B 585 13.95 -33.93 7.28
CA VAL B 585 15.06 -34.50 8.04
C VAL B 585 15.62 -33.46 9.00
N LYS B 586 15.80 -32.23 8.53
CA LYS B 586 16.41 -31.18 9.32
C LYS B 586 15.49 -30.61 10.40
N ASN B 587 14.18 -30.92 10.36
CA ASN B 587 13.23 -30.28 11.24
C ASN B 587 12.33 -31.22 12.01
N GLN B 588 12.28 -32.54 11.66
CA GLN B 588 11.36 -33.37 12.40
C GLN B 588 12.04 -33.99 13.63
N PRO B 589 11.26 -34.22 14.69
CA PRO B 589 11.78 -34.99 15.82
C PRO B 589 12.21 -36.39 15.40
N LEU B 590 12.97 -37.04 16.28
CA LEU B 590 13.62 -38.30 15.93
C LEU B 590 12.60 -39.39 15.60
N VAL B 591 11.49 -39.43 16.34
CA VAL B 591 10.50 -40.49 16.15
C VAL B 591 9.88 -40.40 14.77
N TYR B 592 9.40 -39.22 14.39
CA TYR B 592 8.75 -39.07 13.09
C TYR B 592 9.73 -39.19 11.94
N LEU B 593 11.00 -38.86 12.18
CA LEU B 593 12.03 -39.13 11.18
C LEU B 593 12.21 -40.62 10.96
N MET B 594 12.19 -41.40 12.05
CA MET B 594 12.32 -42.85 11.91
C MET B 594 11.06 -43.46 11.32
N LEU B 595 9.88 -42.95 11.71
CA LEU B 595 8.64 -43.48 11.14
C LEU B 595 8.54 -43.18 9.66
N THR B 596 9.05 -42.02 9.23
CA THR B 596 9.04 -41.69 7.80
C THR B 596 10.02 -42.57 7.03
N THR B 597 11.24 -42.73 7.57
CA THR B 597 12.26 -43.51 6.87
C THR B 597 11.92 -44.98 6.84
N HIS B 598 11.57 -45.56 8.00
CA HIS B 598 11.29 -46.99 8.15
C HIS B 598 9.91 -47.14 8.76
N PRO B 599 8.85 -47.07 7.94
CA PRO B 599 7.49 -47.15 8.48
C PRO B 599 7.22 -48.49 9.15
N SER B 600 6.29 -48.46 10.10
CA SER B 600 5.88 -49.67 10.82
C SER B 600 4.75 -50.34 10.06
N LEU B 601 4.99 -51.58 9.61
CA LEU B 601 4.04 -52.31 8.79
C LEU B 601 3.35 -53.37 9.65
N TYR B 602 2.01 -53.31 9.70
CA TYR B 602 1.20 -54.27 10.41
C TYR B 602 0.26 -54.98 9.45
N ARG B 603 -0.20 -56.17 9.85
CA ARG B 603 -1.28 -56.86 9.17
C ARG B 603 -2.56 -56.63 9.98
N VAL B 604 -3.64 -56.27 9.28
CA VAL B 604 -4.82 -55.73 9.97
C VAL B 604 -6.10 -56.44 9.56
N ASP B 605 -6.01 -57.54 8.83
CA ASP B 605 -7.20 -58.30 8.44
C ASP B 605 -7.47 -59.48 9.36
N ASN B 606 -6.78 -59.55 10.50
CA ASN B 606 -6.96 -60.66 11.43
C ASN B 606 -6.56 -60.28 12.85
N LEU B 607 -6.95 -59.07 13.28
CA LEU B 607 -6.60 -58.60 14.60
C LEU B 607 -7.35 -59.40 15.68
N SER B 608 -6.69 -59.55 16.84
CA SER B 608 -7.21 -60.41 17.89
C SER B 608 -6.78 -59.78 19.21
N ASP B 609 -6.88 -60.55 20.31
CA ASP B 609 -7.01 -60.10 21.70
C ASP B 609 -5.71 -60.16 22.48
N GLU B 610 -4.55 -60.14 21.80
CA GLU B 610 -3.28 -60.02 22.48
C GLU B 610 -2.88 -58.56 22.70
N GLY B 611 -3.84 -57.65 22.68
CA GLY B 611 -3.57 -56.23 22.64
C GLY B 611 -3.59 -55.58 24.00
N ALA B 612 -3.74 -54.25 23.99
CA ALA B 612 -3.73 -53.44 25.21
C ALA B 612 -5.16 -53.18 25.68
N LEU B 613 -5.85 -54.27 26.02
CA LEU B 613 -7.24 -54.18 26.47
C LEU B 613 -7.35 -53.71 27.90
N ASN B 614 -6.44 -52.82 28.32
CA ASN B 614 -6.52 -52.20 29.63
C ASN B 614 -7.31 -50.90 29.61
N ILE B 615 -7.48 -50.38 28.42
CA ILE B 615 -8.04 -49.07 28.37
C ILE B 615 -9.49 -49.08 28.54
N SER B 616 -9.91 -49.31 29.75
CA SER B 616 -11.31 -49.26 30.10
C SER B 616 -11.89 -50.05 28.97
N ASP B 617 -12.88 -49.47 28.34
CA ASP B 617 -13.80 -50.10 27.44
C ASP B 617 -13.28 -50.49 26.07
N ARG B 618 -12.03 -50.20 25.77
CA ARG B 618 -11.46 -50.49 24.46
C ARG B 618 -10.41 -51.59 24.58
N THR B 619 -10.28 -52.39 23.52
CA THR B 619 -9.36 -53.52 23.50
C THR B 619 -8.03 -53.18 22.84
N ILE B 620 -8.07 -52.59 21.66
CA ILE B 620 -6.87 -52.13 20.95
C ILE B 620 -5.77 -53.12 20.55
N PRO B 621 -6.01 -53.95 19.53
CA PRO B 621 -5.07 -55.04 19.23
C PRO B 621 -3.65 -54.54 19.07
N GLN B 622 -2.69 -55.42 19.35
CA GLN B 622 -1.27 -55.13 19.21
C GLN B 622 -0.67 -56.12 18.21
N PRO B 623 -0.90 -55.92 16.91
CA PRO B 623 -0.32 -56.83 15.92
C PRO B 623 1.17 -56.63 15.81
N PRO B 624 1.92 -57.67 15.48
CA PRO B 624 3.39 -57.55 15.45
C PRO B 624 3.85 -56.69 14.28
N ILE B 625 4.92 -55.93 14.51
CA ILE B 625 5.54 -55.14 13.46
C ILE B 625 6.23 -56.07 12.47
N LEU B 626 5.95 -55.89 11.19
CA LEU B 626 6.55 -56.69 10.14
C LEU B 626 7.67 -55.94 9.46
N GLN B 627 8.64 -56.69 8.93
CA GLN B 627 9.74 -56.08 8.20
C GLN B 627 9.28 -55.62 6.83
N LEU B 628 9.90 -54.55 6.34
CA LEU B 628 9.48 -53.87 5.11
C LEU B 628 9.96 -54.67 3.89
N SER B 629 9.23 -55.75 3.61
CA SER B 629 9.50 -56.56 2.43
C SER B 629 8.18 -57.06 1.85
N VAL B 630 8.12 -57.14 0.52
CA VAL B 630 6.94 -57.68 -0.14
C VAL B 630 6.74 -59.14 0.23
N GLU B 631 7.83 -59.84 0.57
CA GLU B 631 7.71 -61.22 1.02
C GLU B 631 6.81 -61.34 2.25
N LYS B 632 6.70 -60.28 3.05
CA LYS B 632 5.85 -60.30 4.23
C LYS B 632 4.39 -60.02 3.92
N LEU B 633 4.09 -59.48 2.74
CA LEU B 633 2.71 -59.22 2.36
C LEU B 633 1.98 -60.52 2.05
N SER B 634 0.71 -60.40 1.70
CA SER B 634 -0.12 -61.55 1.36
C SER B 634 -1.29 -61.07 0.52
N ARG B 635 -1.52 -61.71 -0.61
CA ARG B 635 -2.66 -61.37 -1.46
C ARG B 635 -3.99 -61.71 -0.81
N ASP B 636 -3.99 -62.49 0.28
CA ASP B 636 -5.20 -62.89 0.95
C ASP B 636 -5.60 -61.95 2.08
N GLY B 637 -4.76 -60.98 2.44
CA GLY B 637 -5.05 -60.12 3.57
C GLY B 637 -4.94 -58.64 3.30
N ALA B 638 -4.86 -57.85 4.37
CA ALA B 638 -4.72 -56.40 4.29
C ALA B 638 -3.64 -55.94 5.26
N PHE B 639 -2.85 -54.97 4.82
CA PHE B 639 -1.69 -54.51 5.59
C PHE B 639 -1.72 -52.99 5.72
N LEU B 640 -1.59 -52.52 6.96
CA LEU B 640 -1.54 -51.09 7.24
C LEU B 640 -0.10 -50.68 7.50
N MET B 641 0.31 -49.56 6.90
CA MET B 641 1.67 -49.05 7.02
C MET B 641 1.62 -47.70 7.73
N ASP B 642 2.19 -47.64 8.93
CA ASP B 642 2.26 -46.39 9.70
C ASP B 642 3.52 -45.64 9.27
N ALA B 643 3.34 -44.68 8.37
CA ALA B 643 4.44 -43.87 7.87
C ALA B 643 4.63 -42.57 8.65
N GLY B 644 4.02 -42.47 9.84
CA GLY B 644 4.17 -41.28 10.66
C GLY B 644 3.11 -40.23 10.39
N SER B 645 3.15 -39.65 9.20
CA SER B 645 2.21 -38.59 8.84
C SER B 645 1.01 -39.10 8.07
N VAL B 646 1.07 -40.32 7.52
CA VAL B 646 -0.03 -40.93 6.81
C VAL B 646 -0.17 -42.39 7.27
N LEU B 647 -1.30 -42.99 6.93
CA LEU B 647 -1.59 -44.40 7.25
C LEU B 647 -2.12 -45.07 5.99
N MET B 648 -1.22 -45.66 5.21
CA MET B 648 -1.59 -46.31 3.96
C MET B 648 -2.03 -47.75 4.24
N LEU B 649 -3.30 -48.03 3.99
CA LEU B 649 -3.86 -49.38 4.14
C LEU B 649 -3.90 -50.05 2.78
N TRP B 650 -3.14 -51.13 2.63
CA TRP B 650 -3.08 -51.88 1.39
C TRP B 650 -3.96 -53.11 1.48
N VAL B 651 -4.74 -53.36 0.43
CA VAL B 651 -5.67 -54.48 0.39
C VAL B 651 -5.25 -55.42 -0.73
N GLY B 652 -5.19 -56.72 -0.43
CA GLY B 652 -4.82 -57.69 -1.42
C GLY B 652 -5.93 -57.99 -2.41
N LYS B 653 -5.54 -58.51 -3.57
CA LYS B 653 -6.51 -58.85 -4.60
C LYS B 653 -7.40 -60.00 -4.16
N ASN B 654 -6.80 -61.07 -3.63
CA ASN B 654 -7.53 -62.22 -3.12
C ASN B 654 -7.95 -62.02 -1.67
N CYS B 655 -8.32 -60.80 -1.29
CA CYS B 655 -8.72 -60.51 0.07
C CYS B 655 -9.99 -61.27 0.42
N THR B 656 -10.13 -61.61 1.70
CA THR B 656 -11.28 -62.39 2.15
C THR B 656 -12.56 -61.58 2.02
N GLN B 657 -13.68 -62.29 1.93
CA GLN B 657 -14.98 -61.64 1.85
C GLN B 657 -15.39 -61.02 3.18
N ASN B 658 -14.86 -61.51 4.30
CA ASN B 658 -15.21 -60.94 5.60
C ASN B 658 -14.60 -59.57 5.78
N PHE B 659 -13.38 -59.36 5.28
CA PHE B 659 -12.75 -58.05 5.40
C PHE B 659 -13.40 -57.04 4.45
N LEU B 660 -13.97 -57.50 3.33
CA LEU B 660 -14.57 -56.58 2.37
C LEU B 660 -15.87 -55.99 2.90
N SER B 661 -16.80 -56.84 3.36
CA SER B 661 -18.12 -56.38 3.74
C SER B 661 -18.22 -55.93 5.18
N GLN B 662 -17.37 -56.44 6.07
CA GLN B 662 -17.45 -56.13 7.49
C GLN B 662 -16.49 -55.03 7.91
N VAL B 663 -15.53 -54.66 7.07
CA VAL B 663 -14.56 -53.61 7.37
C VAL B 663 -14.62 -52.48 6.35
N LEU B 664 -14.57 -52.83 5.06
CA LEU B 664 -14.59 -51.83 3.99
C LEU B 664 -16.00 -51.45 3.55
N GLY B 665 -17.00 -52.27 3.86
CA GLY B 665 -18.35 -51.98 3.44
C GLY B 665 -18.60 -52.23 1.96
N VAL B 666 -17.91 -53.21 1.38
CA VAL B 666 -18.01 -53.50 -0.05
C VAL B 666 -18.25 -54.99 -0.22
N GLN B 667 -18.92 -55.37 -1.31
CA GLN B 667 -19.26 -56.76 -1.54
C GLN B 667 -18.22 -57.52 -2.35
N ASN B 668 -17.30 -56.82 -3.02
CA ASN B 668 -16.25 -57.48 -3.78
C ASN B 668 -15.08 -56.52 -3.95
N TYR B 669 -13.93 -57.08 -4.32
CA TYR B 669 -12.71 -56.28 -4.42
C TYR B 669 -12.81 -55.22 -5.51
N ALA B 670 -13.64 -55.47 -6.53
CA ALA B 670 -13.72 -54.55 -7.66
C ALA B 670 -14.38 -53.23 -7.29
N SER B 671 -15.37 -53.27 -6.39
CA SER B 671 -16.14 -52.07 -6.05
C SER B 671 -15.57 -51.33 -4.85
N ILE B 672 -14.29 -51.53 -4.52
CA ILE B 672 -13.62 -50.69 -3.53
C ILE B 672 -13.36 -49.35 -4.19
N PRO B 673 -13.90 -48.25 -3.67
CA PRO B 673 -13.77 -46.96 -4.36
C PRO B 673 -12.31 -46.59 -4.57
N GLN B 674 -12.01 -46.04 -5.75
CA GLN B 674 -10.62 -45.80 -6.14
C GLN B 674 -9.92 -44.84 -5.18
N PRO B 675 -10.41 -43.60 -4.93
CA PRO B 675 -9.81 -42.80 -3.87
C PRO B 675 -10.64 -42.85 -2.60
N MET B 676 -10.21 -43.65 -1.63
CA MET B 676 -10.93 -43.81 -0.37
C MET B 676 -10.23 -42.97 0.70
N THR B 677 -10.97 -42.03 1.28
CA THR B 677 -10.36 -41.07 2.20
C THR B 677 -10.26 -41.61 3.63
N ASP B 678 -11.03 -42.63 3.98
CA ASP B 678 -10.97 -43.23 5.31
C ASP B 678 -11.84 -44.49 5.30
N LEU B 679 -11.75 -45.25 6.39
CA LEU B 679 -12.60 -46.42 6.56
C LEU B 679 -13.97 -46.00 7.07
N PRO B 680 -15.01 -46.78 6.75
CA PRO B 680 -16.31 -46.58 7.40
C PRO B 680 -16.33 -47.20 8.78
N GLU B 681 -17.19 -46.67 9.63
CA GLU B 681 -17.38 -47.17 10.98
C GLU B 681 -18.65 -48.02 10.98
N LEU B 682 -18.49 -49.28 10.62
CA LEU B 682 -19.60 -50.21 10.49
C LEU B 682 -19.93 -50.87 11.83
N ASP B 683 -21.10 -51.50 11.89
CA ASP B 683 -21.53 -52.24 13.07
C ASP B 683 -21.06 -53.70 12.98
N THR B 684 -19.74 -53.87 12.94
CA THR B 684 -19.12 -55.18 12.90
C THR B 684 -17.96 -55.19 13.90
N PRO B 685 -17.76 -56.31 14.60
CA PRO B 685 -16.62 -56.37 15.53
C PRO B 685 -15.27 -56.32 14.83
N GLU B 686 -15.21 -56.69 13.55
CA GLU B 686 -13.97 -56.55 12.80
C GLU B 686 -13.65 -55.08 12.55
N SER B 687 -14.67 -54.27 12.27
CA SER B 687 -14.45 -52.83 12.12
C SER B 687 -14.06 -52.21 13.46
N ALA B 688 -14.71 -52.61 14.55
CA ALA B 688 -14.35 -52.07 15.86
C ALA B 688 -12.91 -52.38 16.22
N ARG B 689 -12.39 -53.53 15.79
CA ARG B 689 -10.99 -53.86 16.06
C ARG B 689 -10.06 -52.99 15.24
N ILE B 690 -10.33 -52.83 13.94
CA ILE B 690 -9.42 -52.09 13.09
C ILE B 690 -9.50 -50.60 13.35
N ILE B 691 -10.70 -50.09 13.69
CA ILE B 691 -10.82 -48.67 14.03
C ILE B 691 -10.13 -48.39 15.36
N ALA B 692 -10.16 -49.34 16.30
CA ALA B 692 -9.47 -49.16 17.56
C ALA B 692 -7.95 -49.10 17.36
N PHE B 693 -7.43 -49.98 16.50
CA PHE B 693 -5.98 -49.97 16.25
C PHE B 693 -5.55 -48.71 15.53
N ILE B 694 -6.37 -48.23 14.58
CA ILE B 694 -6.03 -47.00 13.87
C ILE B 694 -6.12 -45.79 14.80
N SER B 695 -7.20 -45.71 15.57
CA SER B 695 -7.36 -44.56 16.47
C SER B 695 -6.29 -44.54 17.55
N TRP B 696 -5.85 -45.71 18.00
CA TRP B 696 -4.76 -45.76 18.97
C TRP B 696 -3.45 -45.29 18.37
N LEU B 697 -3.25 -45.52 17.06
CA LEU B 697 -2.04 -45.05 16.40
C LEU B 697 -1.99 -43.54 16.32
N ARG B 698 -3.09 -42.91 15.92
CA ARG B 698 -3.13 -41.45 15.80
C ARG B 698 -3.25 -40.75 17.14
N GLU B 699 -3.49 -41.49 18.23
CA GLU B 699 -3.44 -40.91 19.56
C GLU B 699 -2.03 -40.84 20.13
N GLN B 700 -1.07 -41.53 19.50
CA GLN B 700 0.33 -41.45 19.88
C GLN B 700 1.04 -40.25 19.27
N ARG B 701 0.30 -39.29 18.73
CA ARG B 701 0.87 -38.14 18.05
C ARG B 701 -0.19 -37.04 17.98
N PRO B 702 0.21 -35.77 18.00
CA PRO B 702 -0.76 -34.68 17.83
C PRO B 702 -1.05 -34.32 16.38
N PHE B 703 -0.25 -34.80 15.44
CA PHE B 703 -0.44 -34.52 14.02
C PHE B 703 -1.31 -35.62 13.43
N PHE B 704 -2.63 -35.36 13.37
CA PHE B 704 -3.64 -36.30 12.87
C PHE B 704 -3.25 -36.81 11.49
N PRO B 705 -2.89 -38.08 11.36
CA PRO B 705 -2.53 -38.61 10.04
C PRO B 705 -3.73 -39.13 9.27
N ILE B 706 -3.88 -38.72 8.02
CA ILE B 706 -4.96 -39.25 7.20
C ILE B 706 -4.63 -40.69 6.81
N LEU B 707 -5.67 -41.47 6.55
CA LEU B 707 -5.53 -42.86 6.16
C LEU B 707 -6.33 -43.09 4.88
N TYR B 708 -5.64 -43.43 3.80
CA TYR B 708 -6.31 -43.71 2.54
C TYR B 708 -6.09 -45.18 2.17
N VAL B 709 -7.20 -45.90 2.00
CA VAL B 709 -7.17 -47.29 1.57
C VAL B 709 -6.80 -47.44 0.11
N ILE B 710 -6.70 -46.32 -0.62
CA ILE B 710 -6.46 -46.25 -2.05
C ILE B 710 -5.46 -47.31 -2.52
N ALA B 711 -4.50 -47.64 -1.67
CA ALA B 711 -3.49 -48.64 -1.99
C ALA B 711 -4.35 -49.86 -2.29
N ASP B 712 -4.73 -50.02 -3.56
CA ASP B 712 -5.20 -51.27 -4.14
C ASP B 712 -4.05 -51.96 -4.85
N GLU B 713 -4.35 -53.08 -5.50
CA GLU B 713 -3.36 -53.75 -6.33
C GLU B 713 -3.29 -53.15 -7.73
N SER B 714 -4.14 -52.18 -8.05
CA SER B 714 -4.05 -51.45 -9.30
C SER B 714 -4.71 -50.06 -9.20
N PRO B 715 -4.20 -49.16 -8.34
CA PRO B 715 -4.76 -47.81 -8.29
C PRO B 715 -3.86 -46.78 -8.94
N MET B 716 -2.73 -47.23 -9.50
CA MET B 716 -1.68 -46.37 -10.02
C MET B 716 -1.10 -45.46 -8.94
N LYS B 717 -1.35 -45.76 -7.67
CA LYS B 717 -0.84 -45.01 -6.54
C LYS B 717 -0.20 -45.93 -5.52
N ALA B 718 0.47 -46.98 -5.99
CA ALA B 718 1.07 -47.97 -5.10
C ALA B 718 2.46 -47.53 -4.64
N ASN B 719 2.58 -46.28 -4.19
CA ASN B 719 3.79 -45.87 -3.49
C ASN B 719 3.92 -46.54 -2.12
N PHE B 720 2.89 -47.30 -1.74
CA PHE B 720 3.02 -48.24 -0.62
C PHE B 720 4.21 -49.16 -0.80
N LEU B 721 4.52 -49.55 -2.04
CA LEU B 721 5.64 -50.42 -2.32
C LEU B 721 6.98 -49.70 -2.28
N GLN B 722 7.00 -48.37 -2.46
CA GLN B 722 8.24 -47.62 -2.39
C GLN B 722 8.89 -47.65 -1.02
N ASN B 723 8.16 -48.08 0.01
CA ASN B 723 8.70 -48.17 1.37
C ASN B 723 9.18 -49.57 1.70
N MET B 724 9.03 -50.53 0.80
CA MET B 724 9.57 -51.89 0.99
C MET B 724 11.08 -51.83 0.76
N ILE B 725 11.78 -51.28 1.74
CA ILE B 725 13.20 -50.96 1.58
C ILE B 725 14.10 -52.18 1.61
N GLU B 726 13.58 -53.35 1.98
CA GLU B 726 14.40 -54.55 2.01
C GLU B 726 14.45 -55.28 0.67
N ASP B 727 13.48 -55.03 -0.22
CA ASP B 727 13.46 -55.67 -1.51
C ASP B 727 14.37 -54.93 -2.50
N ARG B 728 14.80 -55.65 -3.52
CA ARG B 728 15.60 -55.05 -4.59
C ARG B 728 14.70 -54.42 -5.63
N THR B 729 15.22 -53.38 -6.28
CA THR B 729 14.54 -52.76 -7.41
C THR B 729 15.53 -52.67 -8.56
N GLU B 730 15.08 -52.13 -9.69
CA GLU B 730 15.93 -52.04 -10.87
C GLU B 730 17.10 -51.08 -10.69
N SER B 731 17.13 -50.30 -9.60
CA SER B 731 18.22 -49.35 -9.39
C SER B 731 18.57 -49.20 -7.91
N ALA B 732 18.46 -50.27 -7.13
CA ALA B 732 18.87 -50.25 -5.73
C ALA B 732 19.04 -51.69 -5.26
N LEU B 733 19.92 -51.86 -4.27
CA LEU B 733 20.20 -53.18 -3.72
C LEU B 733 19.14 -53.57 -2.70
N SER B 734 18.90 -54.87 -2.58
CA SER B 734 18.04 -55.38 -1.52
C SER B 734 18.79 -55.33 -0.19
N TYR B 735 18.06 -55.66 0.88
CA TYR B 735 18.68 -55.64 2.21
C TYR B 735 19.76 -56.70 2.33
N TYR B 736 19.53 -57.89 1.76
CA TYR B 736 20.55 -58.92 1.79
C TYR B 736 21.73 -58.58 0.88
N GLU B 737 21.45 -57.96 -0.27
CA GLU B 737 22.52 -57.45 -1.11
C GLU B 737 23.33 -56.38 -0.40
N PHE B 738 22.67 -55.60 0.46
CA PHE B 738 23.37 -54.54 1.19
C PHE B 738 24.32 -55.14 2.24
N LEU B 739 23.87 -56.17 2.96
CA LEU B 739 24.73 -56.82 3.93
C LEU B 739 25.92 -57.49 3.24
N LEU B 740 25.70 -58.04 2.04
CA LEU B 740 26.80 -58.67 1.31
C LEU B 740 27.84 -57.64 0.87
N HIS B 741 27.39 -56.43 0.53
CA HIS B 741 28.33 -55.38 0.13
C HIS B 741 29.12 -54.85 1.33
N ILE B 742 28.51 -54.84 2.51
CA ILE B 742 29.19 -54.34 3.70
C ILE B 742 30.28 -55.32 4.14
N GLN B 743 29.95 -56.63 4.15
CA GLN B 743 30.94 -57.62 4.55
C GLN B 743 32.14 -57.63 3.62
N GLN B 744 31.91 -57.39 2.32
CA GLN B 744 33.01 -57.29 1.38
C GLN B 744 33.94 -56.14 1.72
N GLN B 745 33.39 -55.05 2.27
CA GLN B 745 34.19 -53.88 2.60
C GLN B 745 34.74 -53.93 4.02
N VAL B 746 34.06 -54.62 4.94
CA VAL B 746 34.53 -54.68 6.33
C VAL B 746 35.87 -55.42 6.40
N ASN B 747 35.95 -56.58 5.76
CA ASN B 747 37.19 -57.35 5.77
C ASN B 747 37.85 -57.35 4.39
N LYS B 748 38.05 -56.17 3.83
CA LYS B 748 38.71 -56.05 2.53
C LYS B 748 40.21 -56.29 2.68
N MET C 1 7.70 13.93 19.49
CA MET C 1 6.30 13.79 19.08
C MET C 1 5.99 12.34 18.77
N VAL C 2 6.78 11.42 19.33
CA VAL C 2 6.58 9.99 19.11
C VAL C 2 6.22 9.33 20.44
N LEU C 3 6.47 8.02 20.55
CA LEU C 3 5.86 7.21 21.59
C LEU C 3 6.90 6.40 22.36
N LEU C 4 6.67 6.29 23.67
CA LEU C 4 7.35 5.37 24.58
C LEU C 4 6.56 5.58 25.85
N THR C 5 5.89 4.55 26.34
CA THR C 5 5.15 4.61 27.60
C THR C 5 5.47 3.39 28.45
N MET C 6 5.74 3.61 29.74
CA MET C 6 6.01 2.54 30.68
C MET C 6 5.33 2.83 32.01
N ILE C 7 4.78 1.79 32.62
CA ILE C 7 4.15 1.86 33.93
C ILE C 7 4.83 0.85 34.83
N ALA C 8 5.42 1.32 35.93
CA ALA C 8 6.22 0.46 36.80
C ALA C 8 5.94 0.78 38.25
N ARG C 9 6.16 -0.23 39.10
CA ARG C 9 6.01 -0.06 40.54
C ARG C 9 7.24 0.63 41.10
N VAL C 10 7.02 1.68 41.90
CA VAL C 10 8.13 2.55 42.31
C VAL C 10 9.08 1.81 43.24
N ALA C 11 8.56 0.92 44.09
CA ALA C 11 9.35 0.26 45.11
C ALA C 11 10.55 -0.48 44.53
N ASP C 12 10.31 -1.54 43.77
CA ASP C 12 11.37 -2.35 43.21
C ASP C 12 11.60 -2.09 41.72
N GLY C 13 10.92 -1.13 41.13
CA GLY C 13 11.05 -0.89 39.71
C GLY C 13 10.42 -1.96 38.84
N LEU C 14 9.50 -2.73 39.38
CA LEU C 14 8.89 -3.83 38.64
C LEU C 14 8.01 -3.30 37.52
N PRO C 15 8.29 -3.64 36.26
CA PRO C 15 7.42 -3.18 35.17
C PRO C 15 6.02 -3.77 35.28
N LEU C 16 5.03 -2.97 34.91
CA LEU C 16 3.64 -3.39 34.95
C LEU C 16 2.96 -3.38 33.59
N ALA C 17 3.19 -2.34 32.79
CA ALA C 17 2.62 -2.24 31.45
C ALA C 17 3.43 -1.24 30.64
N ALA C 18 3.54 -1.51 29.34
CA ALA C 18 4.31 -0.66 28.44
C ALA C 18 3.78 -0.84 27.02
N SER C 19 4.33 -0.05 26.10
CA SER C 19 3.93 -0.10 24.69
C SER C 19 4.98 0.61 23.85
N MET C 20 5.49 -0.07 22.83
CA MET C 20 6.56 0.47 21.99
C MET C 20 6.34 0.06 20.54
N GLN C 21 6.59 1.00 19.63
CA GLN C 21 6.51 0.77 18.19
C GLN C 21 7.63 1.54 17.50
N GLU C 22 8.40 0.85 16.66
CA GLU C 22 9.50 1.50 15.95
C GLU C 22 9.12 1.82 14.50
N ASP C 23 8.98 0.80 13.67
CA ASP C 23 8.69 0.99 12.25
C ASP C 23 7.22 1.29 12.03
N ASP C 29 17.87 4.73 19.13
CA ASP C 29 16.95 3.61 19.01
C ASP C 29 16.21 3.32 20.31
N LEU C 30 15.42 2.25 20.31
CA LEU C 30 14.65 1.88 21.49
C LEU C 30 15.52 1.25 22.57
N GLN C 31 16.74 0.82 22.22
CA GLN C 31 17.56 0.07 23.16
C GLN C 31 18.21 0.97 24.22
N GLN C 32 18.49 2.23 23.88
CA GLN C 32 19.15 3.10 24.84
C GLN C 32 18.16 3.76 25.77
N TYR C 33 17.09 4.33 25.22
CA TYR C 33 16.11 5.04 26.04
C TYR C 33 15.27 4.10 26.89
N GLN C 34 15.23 2.81 26.55
CA GLN C 34 14.57 1.85 27.43
C GLN C 34 15.44 1.51 28.63
N SER C 35 16.76 1.54 28.47
CA SER C 35 17.65 1.36 29.61
C SER C 35 17.52 2.52 30.59
N GLN C 36 17.65 3.76 30.08
CA GLN C 36 17.49 4.94 30.93
C GLN C 36 16.13 4.95 31.63
N ALA C 37 15.09 4.43 30.97
CA ALA C 37 13.79 4.31 31.63
C ALA C 37 13.86 3.35 32.80
N LYS C 38 14.55 2.22 32.63
CA LYS C 38 14.69 1.27 33.73
C LYS C 38 15.70 1.75 34.77
N GLN C 39 16.64 2.62 34.38
CA GLN C 39 17.50 3.25 35.36
C GLN C 39 16.69 4.13 36.30
N LEU C 40 15.79 4.94 35.74
CA LEU C 40 14.98 5.84 36.55
C LEU C 40 14.06 5.07 37.48
N PHE C 41 13.42 4.01 36.98
CA PHE C 41 12.55 3.20 37.83
C PHE C 41 13.30 2.61 39.02
N ARG C 42 14.60 2.34 38.86
CA ARG C 42 15.41 1.86 39.96
C ARG C 42 15.73 2.95 40.96
N LYS C 43 15.91 4.19 40.49
CA LYS C 43 16.31 5.29 41.36
C LYS C 43 15.12 5.88 42.13
N LEU C 44 13.93 5.85 41.55
CA LEU C 44 12.77 6.47 42.19
C LEU C 44 12.45 5.78 43.50
N ASN C 45 12.17 6.57 44.53
CA ASN C 45 11.83 6.05 45.85
C ASN C 45 10.68 6.89 46.40
N GLU C 46 10.44 6.77 47.70
CA GLU C 46 9.36 7.50 48.38
C GLU C 46 9.71 8.94 48.67
N GLN C 47 10.93 9.39 48.34
CA GLN C 47 11.31 10.79 48.48
C GLN C 47 11.42 11.52 47.15
N SER C 48 11.30 10.80 46.03
CA SER C 48 11.41 11.42 44.73
C SER C 48 10.24 12.38 44.47
N PRO C 49 10.45 13.40 43.64
CA PRO C 49 9.33 14.27 43.27
C PRO C 49 8.23 13.49 42.55
N THR C 50 6.98 13.79 42.91
CA THR C 50 5.85 13.06 42.34
C THR C 50 5.64 13.38 40.87
N ARG C 51 6.08 14.55 40.41
CA ARG C 51 5.95 14.95 39.02
C ARG C 51 7.25 15.61 38.57
N CYS C 52 7.78 15.18 37.43
CA CYS C 52 9.06 15.70 36.96
C CYS C 52 9.18 15.52 35.46
N THR C 53 10.14 16.25 34.89
CA THR C 53 10.44 16.21 33.46
C THR C 53 11.96 16.21 33.30
N LEU C 54 12.47 15.29 32.47
CA LEU C 54 13.89 15.11 32.27
C LEU C 54 14.27 15.42 30.83
N GLU C 55 15.42 16.06 30.64
CA GLU C 55 15.93 16.40 29.32
C GLU C 55 17.05 15.44 28.95
N ALA C 56 16.99 14.91 27.73
CA ALA C 56 17.98 13.97 27.20
C ALA C 56 18.39 14.36 25.79
N GLY C 57 18.73 15.64 25.61
CA GLY C 57 19.11 16.14 24.31
C GLY C 57 17.91 16.38 23.40
N ALA C 58 17.78 15.58 22.35
CA ALA C 58 16.64 15.67 21.46
C ALA C 58 15.40 14.97 22.01
N MET C 59 15.52 14.28 23.14
CA MET C 59 14.41 13.59 23.76
C MET C 59 14.15 14.15 25.15
N THR C 60 12.95 13.85 25.68
CA THR C 60 12.52 14.43 26.95
C THR C 60 11.56 13.46 27.63
N PHE C 61 11.92 13.03 28.84
CA PHE C 61 11.09 12.14 29.62
C PHE C 61 10.10 12.94 30.47
N HIS C 62 8.91 12.37 30.65
CA HIS C 62 7.88 12.92 31.52
C HIS C 62 7.27 11.80 32.34
N TYR C 63 7.14 12.01 33.65
CA TYR C 63 6.54 10.98 34.49
C TYR C 63 5.75 11.63 35.62
N ILE C 64 4.79 10.86 36.15
CA ILE C 64 4.09 11.17 37.39
C ILE C 64 4.14 9.92 38.26
N ILE C 65 3.86 10.11 39.55
CA ILE C 65 3.89 9.02 40.52
C ILE C 65 2.63 9.10 41.37
N GLU C 66 1.85 8.02 41.39
CA GLU C 66 0.63 7.93 42.18
C GLU C 66 0.50 6.52 42.74
N GLN C 67 0.21 6.44 44.04
CA GLN C 67 0.00 5.15 44.72
C GLN C 67 1.19 4.21 44.53
N GLY C 68 2.39 4.76 44.64
CA GLY C 68 3.58 3.95 44.47
C GLY C 68 3.75 3.37 43.08
N VAL C 69 3.12 3.97 42.08
CA VAL C 69 3.20 3.53 40.69
C VAL C 69 3.66 4.71 39.85
N CYS C 70 4.62 4.46 38.96
CA CYS C 70 5.18 5.49 38.10
C CYS C 70 4.66 5.33 36.67
N TYR C 71 4.32 6.45 36.05
CA TYR C 71 3.82 6.49 34.68
C TYR C 71 4.79 7.36 33.87
N LEU C 72 5.69 6.71 33.12
CA LEU C 72 6.71 7.41 32.36
C LEU C 72 6.35 7.44 30.88
N VAL C 73 6.67 8.54 30.21
CA VAL C 73 6.49 8.68 28.78
C VAL C 73 7.71 9.39 28.20
N LEU C 74 8.11 8.99 27.01
CA LEU C 74 9.22 9.61 26.29
C LEU C 74 8.72 10.14 24.95
N CYS C 75 9.27 11.28 24.54
CA CYS C 75 8.94 11.88 23.26
C CYS C 75 10.06 12.84 22.89
N GLU C 76 10.01 13.34 21.66
CA GLU C 76 10.95 14.37 21.26
C GLU C 76 10.73 15.64 22.07
N ALA C 77 11.80 16.42 22.24
CA ALA C 77 11.72 17.62 23.06
C ALA C 77 10.70 18.63 22.51
N ALA C 78 10.40 18.56 21.21
CA ALA C 78 9.43 19.47 20.63
C ALA C 78 7.99 19.13 21.01
N PHE C 79 7.75 17.94 21.57
CA PHE C 79 6.39 17.58 21.96
C PHE C 79 5.96 18.42 23.16
N PRO C 80 4.73 18.92 23.16
CA PRO C 80 4.27 19.80 24.26
C PRO C 80 4.30 19.08 25.60
N LYS C 81 5.05 19.65 26.55
CA LYS C 81 5.06 19.12 27.90
C LYS C 81 3.70 19.27 28.59
N LYS C 82 2.87 20.20 28.12
CA LYS C 82 1.51 20.31 28.63
C LYS C 82 0.68 19.08 28.28
N LEU C 83 0.85 18.55 27.07
CA LEU C 83 0.08 17.39 26.64
C LEU C 83 0.65 16.09 27.19
N ALA C 84 1.94 16.06 27.51
CA ALA C 84 2.55 14.82 27.99
C ALA C 84 2.02 14.43 29.35
N PHE C 85 1.77 15.41 30.23
CA PHE C 85 1.25 15.11 31.56
C PHE C 85 -0.23 14.76 31.52
N ALA C 86 -0.99 15.38 30.63
CA ALA C 86 -2.39 15.00 30.48
C ALA C 86 -2.53 13.59 29.93
N TYR C 87 -1.54 13.13 29.15
CA TYR C 87 -1.55 11.76 28.65
C TYR C 87 -1.29 10.77 29.79
N LEU C 88 -0.38 11.12 30.71
CA LEU C 88 -0.11 10.26 31.84
C LEU C 88 -1.25 10.28 32.85
N GLU C 89 -2.00 11.38 32.93
CA GLU C 89 -3.14 11.45 33.83
C GLU C 89 -4.26 10.54 33.36
N ASP C 90 -4.52 10.51 32.04
CA ASP C 90 -5.53 9.60 31.51
C ASP C 90 -5.17 8.14 31.78
N LEU C 91 -3.88 7.81 31.68
CA LEU C 91 -3.44 6.44 31.94
C LEU C 91 -3.56 6.09 33.41
N HIS C 92 -3.21 7.04 34.29
CA HIS C 92 -3.24 6.77 35.73
C HIS C 92 -4.65 6.49 36.22
N SER C 93 -5.60 7.36 35.86
CA SER C 93 -6.97 7.18 36.32
C SER C 93 -7.56 5.86 35.83
N GLU C 94 -7.21 5.44 34.61
CA GLU C 94 -7.70 4.18 34.09
C GLU C 94 -7.00 2.99 34.73
N PHE C 95 -5.68 3.09 34.91
CA PHE C 95 -4.93 1.98 35.49
C PHE C 95 -5.27 1.80 36.97
N ASP C 96 -5.38 2.89 37.72
CA ASP C 96 -5.73 2.79 39.14
C ASP C 96 -7.16 2.30 39.32
N GLU C 97 -8.08 2.67 38.42
CA GLU C 97 -9.45 2.21 38.52
C GLU C 97 -9.60 0.73 38.18
N GLN C 98 -8.68 0.18 37.39
CA GLN C 98 -8.75 -1.22 36.97
C GLN C 98 -7.78 -2.14 37.68
N HIS C 99 -6.60 -1.65 38.07
CA HIS C 99 -5.59 -2.50 38.69
C HIS C 99 -4.91 -1.85 39.88
N GLY C 100 -5.44 -0.75 40.42
CA GLY C 100 -4.76 -0.02 41.48
C GLY C 100 -4.63 -0.79 42.78
N LYS C 101 -5.46 -1.80 43.00
CA LYS C 101 -5.45 -2.56 44.23
C LYS C 101 -4.67 -3.87 44.14
N LYS C 102 -4.32 -4.32 42.94
CA LYS C 102 -3.53 -5.52 42.75
C LYS C 102 -2.05 -5.22 42.54
N VAL C 103 -1.68 -3.95 42.38
CA VAL C 103 -0.27 -3.60 42.12
C VAL C 103 0.66 -4.07 43.24
N PRO C 104 0.41 -3.78 44.53
CA PRO C 104 1.38 -4.16 45.56
C PRO C 104 1.43 -5.65 45.84
N THR C 105 0.69 -6.48 45.12
CA THR C 105 0.67 -7.92 45.35
C THR C 105 1.35 -8.73 44.27
N VAL C 106 1.40 -8.23 43.03
CA VAL C 106 1.98 -9.01 41.94
C VAL C 106 3.49 -9.09 42.09
N SER C 107 4.07 -10.08 41.41
CA SER C 107 5.52 -10.26 41.40
C SER C 107 6.08 -10.58 40.03
N ARG C 108 5.27 -10.95 39.05
CA ARG C 108 5.76 -11.17 37.70
C ARG C 108 6.06 -9.84 37.02
N PRO C 109 7.06 -9.80 36.14
CA PRO C 109 7.24 -8.61 35.30
C PRO C 109 6.12 -8.54 34.27
N TYR C 110 5.57 -7.33 34.11
CA TYR C 110 4.48 -7.09 33.16
C TYR C 110 3.27 -7.98 33.44
N SER C 111 2.81 -7.95 34.69
CA SER C 111 1.60 -8.68 35.06
C SER C 111 0.35 -8.07 34.43
N PHE C 112 0.45 -6.87 33.85
CA PHE C 112 -0.67 -6.25 33.17
C PHE C 112 -0.32 -5.93 31.72
N ILE C 113 0.07 -6.94 30.95
CA ILE C 113 0.37 -6.71 29.54
C ILE C 113 -0.88 -6.27 28.79
N GLU C 114 -2.04 -6.81 29.17
CA GLU C 114 -3.28 -6.51 28.48
C GLU C 114 -3.71 -5.06 28.62
N PHE C 115 -3.04 -4.27 29.47
CA PHE C 115 -3.18 -2.82 29.45
C PHE C 115 -2.56 -2.21 28.21
N ASP C 116 -1.92 -3.03 27.36
CA ASP C 116 -1.40 -2.56 26.08
C ASP C 116 -2.49 -1.94 25.23
N THR C 117 -3.72 -2.46 25.33
CA THR C 117 -4.80 -1.98 24.47
C THR C 117 -5.17 -0.53 24.78
N PHE C 118 -5.42 -0.22 26.05
CA PHE C 118 -5.83 1.13 26.41
C PHE C 118 -4.70 2.13 26.20
N ILE C 119 -3.45 1.71 26.37
CA ILE C 119 -2.32 2.62 26.17
C ILE C 119 -2.28 3.12 24.74
N GLN C 120 -2.48 2.22 23.77
CA GLN C 120 -2.33 2.59 22.37
C GLN C 120 -3.55 3.34 21.82
N LYS C 121 -4.75 3.05 22.34
CA LYS C 121 -5.92 3.82 21.90
C LYS C 121 -5.94 5.20 22.53
N THR C 122 -5.35 5.36 23.72
CA THR C 122 -5.17 6.68 24.30
C THR C 122 -3.99 7.41 23.68
N LYS C 123 -2.97 6.66 23.25
CA LYS C 123 -1.78 7.26 22.65
C LYS C 123 -2.12 8.01 21.36
N LYS C 124 -3.07 7.48 20.58
CA LYS C 124 -3.42 8.12 19.32
C LYS C 124 -4.29 9.36 19.50
N LEU C 125 -4.88 9.55 20.67
CA LEU C 125 -5.66 10.75 20.94
C LEU C 125 -4.79 11.94 21.32
N TYR C 126 -3.46 11.78 21.36
CA TYR C 126 -2.55 12.87 21.66
C TYR C 126 -1.47 13.09 20.60
N ILE C 127 -1.17 12.10 19.77
CA ILE C 127 -0.17 12.26 18.71
C ILE C 127 -0.89 12.57 17.40
N ASP C 128 -1.72 13.61 17.42
CA ASP C 128 -2.43 14.08 16.23
C ASP C 128 -3.03 15.44 16.50
N SER C 129 -2.47 16.48 15.89
CA SER C 129 -2.93 17.85 16.16
C SER C 129 -4.36 18.09 15.69
N ARG C 130 -4.86 17.26 14.77
CA ARG C 130 -6.23 17.36 14.29
C ARG C 130 -7.19 16.50 15.11
N ALA C 131 -6.94 16.38 16.41
CA ALA C 131 -7.82 15.63 17.31
C ALA C 131 -7.87 16.30 18.67
N ARG C 132 -6.84 17.10 18.96
CA ARG C 132 -6.68 17.88 20.20
C ARG C 132 -7.27 17.21 21.44
N ILE C 148 5.80 20.06 39.15
CA ILE C 148 6.58 19.81 37.97
C ILE C 148 8.02 20.26 38.19
N MET C 149 8.98 19.48 37.68
CA MET C 149 10.39 19.80 37.79
C MET C 149 11.05 19.57 36.44
N VAL C 150 12.21 20.21 36.26
CA VAL C 150 12.99 20.08 35.02
C VAL C 150 14.46 19.90 35.39
N ALA C 151 15.05 18.81 34.95
CA ALA C 151 16.46 18.53 35.20
C ALA C 151 16.98 17.59 34.14
N ASN C 152 18.26 17.75 33.79
CA ASN C 152 18.89 16.87 32.82
C ASN C 152 18.92 15.44 33.36
N ILE C 153 18.49 14.50 32.53
CA ILE C 153 18.38 13.10 32.97
C ILE C 153 19.76 12.55 33.35
N GLU C 154 20.82 13.07 32.74
CA GLU C 154 22.16 12.59 33.05
C GLU C 154 22.56 12.85 34.49
N GLU C 155 21.89 13.81 35.15
CA GLU C 155 22.15 14.07 36.57
C GLU C 155 21.56 12.97 37.45
N VAL C 156 20.28 12.64 37.23
CA VAL C 156 19.61 11.66 38.08
C VAL C 156 20.20 10.28 37.90
N LEU C 157 20.64 9.94 36.69
CA LEU C 157 21.20 8.62 36.41
C LEU C 157 22.61 8.47 36.99
N PHE D 4 18.29 -15.37 28.45
CA PHE D 4 19.40 -14.63 29.05
C PHE D 4 20.47 -15.61 29.53
N PHE D 5 20.49 -16.79 28.92
CA PHE D 5 21.47 -17.81 29.25
C PHE D 5 22.63 -17.80 28.27
#